data_4X3Q
#
_entry.id   4X3Q
#
_cell.length_a   91.787
_cell.length_b   112.113
_cell.length_c   143.708
_cell.angle_alpha   90.00
_cell.angle_beta   90.00
_cell.angle_gamma   90.00
#
_symmetry.space_group_name_H-M   'P 21 21 21'
#
loop_
_entity.id
_entity.type
_entity.pdbx_description
1 polymer SibL
2 non-polymer S-ADENOSYL-L-HOMOCYSTEINE
3 water water
#
_entity_poly.entity_id   1
_entity_poly.type   'polypeptide(L)'
_entity_poly.pdbx_seq_one_letter_code
;(MSE)SSELSALVPVLFGHAAFQQLNAGCQLGLFELLHERGPLSAEEVADALRLPRRSADILLLGTTALGLSTVTDGGYR
NGAPIGAAFRDGLWPVLRDIVQYQDKIAYQPAADYVESLRTGQNAGIRHFPGTTRDLYSRLAAVPGLEELFYRG(MSE)H
AWSQLSNPVLLAQPDFTRVHRVLDVGGGDAVNAVALARAHPSLRVTVLDRPGALEVARKTIAEAGLEERVRTHAADIFTD
SYPAGHDCVLFAHQLVIWSPEQNLTLLRKAYDAVEPGGRVLVFNAFTDDDRTGPLYAALDNVYFTTLPFRHSTIHRWADC
ESWLREAGFTDVGRTAPPGWTPHGVVSGSRPRAAALEHHHHHH
;
_entity_poly.pdbx_strand_id   A,B,C,D
#
# COMPACT_ATOMS: atom_id res chain seq x y z
N GLU A 4 -16.47 20.17 -24.95
CA GLU A 4 -15.91 18.97 -25.59
C GLU A 4 -15.05 18.10 -24.64
N LEU A 5 -15.10 16.77 -24.82
CA LEU A 5 -14.54 15.88 -23.81
C LEU A 5 -13.09 15.50 -24.12
N SER A 6 -12.62 15.83 -25.32
CA SER A 6 -11.19 15.76 -25.64
C SER A 6 -10.39 16.52 -24.57
N ALA A 7 -11.01 17.54 -23.98
CA ALA A 7 -10.35 18.41 -23.01
C ALA A 7 -9.90 17.63 -21.78
N LEU A 8 -10.62 16.57 -21.46
CA LEU A 8 -10.34 15.76 -20.27
C LEU A 8 -9.06 14.94 -20.39
N VAL A 9 -8.52 14.75 -21.60
CA VAL A 9 -7.37 13.86 -21.79
C VAL A 9 -6.16 14.27 -20.94
N PRO A 10 -5.74 15.54 -20.97
CA PRO A 10 -4.57 15.80 -20.11
C PRO A 10 -4.83 15.65 -18.59
N VAL A 11 -6.08 15.81 -18.11
CA VAL A 11 -6.34 15.57 -16.68
C VAL A 11 -6.42 14.09 -16.43
N LEU A 12 -7.19 13.42 -17.27
CA LEU A 12 -7.37 11.97 -17.20
C LEU A 12 -6.03 11.21 -17.26
N PHE A 13 -5.04 11.81 -17.91
CA PHE A 13 -3.70 11.25 -17.97
C PHE A 13 -2.63 12.12 -17.31
N GLY A 14 -3.05 12.95 -16.35
CA GLY A 14 -2.14 13.89 -15.72
C GLY A 14 -0.95 13.26 -15.03
N HIS A 15 -1.18 12.15 -14.35
CA HIS A 15 -0.13 11.45 -13.63
C HIS A 15 0.90 10.95 -14.62
N ALA A 16 0.41 10.56 -15.80
CA ALA A 16 1.28 10.07 -16.86
C ALA A 16 2.11 11.23 -17.42
N ALA A 17 1.49 12.40 -17.48
CA ALA A 17 2.15 13.61 -17.92
C ALA A 17 3.31 13.91 -16.97
N PHE A 18 3.03 13.83 -15.67
CA PHE A 18 4.07 14.04 -14.67
C PHE A 18 5.22 13.05 -14.85
N GLN A 19 4.87 11.78 -15.11
CA GLN A 19 5.88 10.73 -15.20
C GLN A 19 6.87 10.96 -16.34
N GLN A 20 6.42 11.62 -17.40
CA GLN A 20 7.30 11.97 -18.51
C GLN A 20 8.38 12.98 -18.08
N LEU A 21 7.94 14.03 -17.37
CA LEU A 21 8.89 15.01 -16.85
C LEU A 21 9.83 14.31 -15.87
N ASN A 22 9.24 13.47 -15.04
CA ASN A 22 9.97 12.70 -14.05
C ASN A 22 11.08 11.90 -14.71
N ALA A 23 10.74 11.19 -15.77
CA ALA A 23 11.70 10.35 -16.49
C ALA A 23 12.76 11.19 -17.20
N GLY A 24 12.33 12.30 -17.81
CA GLY A 24 13.26 13.17 -18.52
C GLY A 24 14.35 13.68 -17.57
N CYS A 25 13.95 14.03 -16.36
CA CYS A 25 14.88 14.48 -15.33
C CYS A 25 15.71 13.30 -14.82
N GLN A 26 15.07 12.29 -14.27
CA GLN A 26 15.79 11.17 -13.66
C GLN A 26 16.74 10.45 -14.58
N LEU A 27 16.34 10.30 -15.84
CA LEU A 27 17.13 9.56 -16.81
C LEU A 27 18.21 10.42 -17.51
N GLY A 28 18.27 11.70 -17.17
CA GLY A 28 19.30 12.60 -17.69
C GLY A 28 19.04 13.13 -19.10
N LEU A 29 17.79 13.11 -19.55
CA LEU A 29 17.51 13.52 -20.92
C LEU A 29 17.75 15.01 -21.17
N PHE A 30 17.14 15.83 -20.34
CA PHE A 30 17.19 17.28 -20.56
C PHE A 30 18.62 17.83 -20.45
N GLU A 31 19.40 17.34 -19.49
CA GLU A 31 20.76 17.81 -19.39
C GLU A 31 21.58 17.39 -20.58
N LEU A 32 21.36 16.17 -21.06
CA LEU A 32 22.05 15.68 -22.25
C LEU A 32 21.77 16.56 -23.47
N LEU A 33 20.50 16.87 -23.68
CA LEU A 33 20.07 17.68 -24.82
C LEU A 33 20.63 19.08 -24.67
N HIS A 34 20.80 19.50 -23.42
CA HIS A 34 21.32 20.83 -23.12
C HIS A 34 22.80 20.96 -23.48
N GLU A 35 23.58 19.93 -23.15
CA GLU A 35 25.01 20.00 -23.45
C GLU A 35 25.35 19.54 -24.86
N ARG A 36 24.50 18.68 -25.43
CA ARG A 36 24.88 18.02 -26.67
C ARG A 36 23.80 17.93 -27.74
N GLY A 37 22.72 18.69 -27.59
CA GLY A 37 21.65 18.71 -28.57
C GLY A 37 22.03 19.45 -29.84
N PRO A 38 21.32 19.19 -30.95
CA PRO A 38 20.23 18.20 -31.05
C PRO A 38 20.78 16.79 -31.16
N LEU A 39 20.01 15.80 -30.72
CA LEU A 39 20.46 14.43 -30.80
C LEU A 39 19.36 13.57 -31.39
N SER A 40 19.76 12.59 -32.17
CA SER A 40 18.81 11.60 -32.69
C SER A 40 18.39 10.65 -31.58
N ALA A 41 17.24 10.02 -31.78
CA ALA A 41 16.75 9.05 -30.81
C ALA A 41 17.81 7.98 -30.49
N GLU A 42 18.56 7.53 -31.49
CA GLU A 42 19.55 6.50 -31.23
C GLU A 42 20.72 7.08 -30.47
N GLU A 43 21.03 8.36 -30.71
CA GLU A 43 22.08 9.00 -29.91
C GLU A 43 21.63 9.17 -28.46
N VAL A 44 20.35 9.47 -28.26
CA VAL A 44 19.80 9.58 -26.91
C VAL A 44 19.91 8.24 -26.18
N ALA A 45 19.49 7.18 -26.87
CA ALA A 45 19.47 5.86 -26.28
C ALA A 45 20.87 5.43 -25.85
N ASP A 46 21.85 5.69 -26.72
CA ASP A 46 23.23 5.29 -26.45
C ASP A 46 23.81 6.11 -25.30
N ALA A 47 23.52 7.41 -25.31
CA ALA A 47 24.03 8.31 -24.28
C ALA A 47 23.50 7.95 -22.91
N LEU A 48 22.19 7.74 -22.83
CA LEU A 48 21.50 7.51 -21.57
C LEU A 48 21.50 6.03 -21.17
N ARG A 49 22.13 5.20 -21.99
CA ARG A 49 22.08 3.75 -21.81
C ARG A 49 20.65 3.19 -21.73
N LEU A 50 19.78 3.62 -22.63
CA LEU A 50 18.45 3.10 -22.63
C LEU A 50 18.27 2.15 -23.80
N PRO A 51 17.44 1.10 -23.61
CA PRO A 51 17.05 0.30 -24.79
C PRO A 51 16.42 1.24 -25.83
N ARG A 52 16.63 0.98 -27.12
CA ARG A 52 16.06 1.86 -28.12
C ARG A 52 14.55 2.08 -27.99
N ARG A 53 13.78 1.05 -27.63
CA ARG A 53 12.33 1.21 -27.47
C ARG A 53 12.04 2.21 -26.34
N SER A 54 12.88 2.15 -25.29
CA SER A 54 12.73 3.02 -24.13
C SER A 54 12.93 4.51 -24.46
N ALA A 55 13.99 4.82 -25.20
CA ALA A 55 14.27 6.18 -25.68
C ALA A 55 13.15 6.72 -26.58
N ASP A 56 12.61 5.84 -27.43
CA ASP A 56 11.55 6.23 -28.34
C ASP A 56 10.32 6.63 -27.55
N ILE A 57 9.98 5.82 -26.55
CA ILE A 57 8.79 6.04 -25.75
C ILE A 57 8.97 7.33 -24.93
N LEU A 58 10.16 7.48 -24.35
CA LEU A 58 10.41 8.66 -23.55
C LEU A 58 10.30 9.91 -24.41
N LEU A 59 11.02 9.90 -25.54
CA LEU A 59 11.10 11.03 -26.46
C LEU A 59 9.75 11.39 -27.03
N LEU A 60 8.90 10.39 -27.23
CA LEU A 60 7.55 10.64 -27.66
C LEU A 60 6.79 11.36 -26.57
N GLY A 61 6.96 10.90 -25.34
CA GLY A 61 6.28 11.51 -24.21
C GLY A 61 6.65 12.97 -24.04
N THR A 62 7.96 13.26 -24.01
CA THR A 62 8.41 14.64 -23.77
C THR A 62 8.14 15.55 -24.96
N THR A 63 8.22 14.99 -26.16
CA THR A 63 7.95 15.78 -27.37
C THR A 63 6.49 16.21 -27.45
N ALA A 64 5.58 15.28 -27.15
CA ALA A 64 4.16 15.60 -27.19
C ALA A 64 3.73 16.61 -26.11
N LEU A 65 4.47 16.66 -25.01
CA LEU A 65 4.13 17.57 -23.92
C LEU A 65 4.76 18.95 -24.16
N GLY A 66 5.63 19.02 -25.14
CA GLY A 66 6.37 20.24 -25.38
C GLY A 66 7.64 20.40 -24.57
N LEU A 67 7.95 19.42 -23.73
CA LEU A 67 9.20 19.42 -22.95
C LEU A 67 10.43 19.24 -23.84
N SER A 68 10.22 18.62 -24.98
CA SER A 68 11.25 18.58 -26.00
C SER A 68 10.61 18.92 -27.33
N THR A 69 11.45 19.24 -28.32
CA THR A 69 11.00 19.54 -29.68
C THR A 69 11.82 18.74 -30.68
N VAL A 70 11.21 18.41 -31.81
CA VAL A 70 11.93 17.65 -32.81
C VAL A 70 11.83 18.30 -34.17
N THR A 71 13.00 18.58 -34.72
CA THR A 71 13.17 18.99 -36.11
C THR A 71 14.30 18.12 -36.57
N ASP A 72 14.48 17.92 -37.88
CA ASP A 72 15.68 17.23 -38.33
C ASP A 72 15.70 15.74 -37.92
N GLY A 73 14.67 15.30 -37.20
CA GLY A 73 14.68 13.99 -36.57
C GLY A 73 15.68 14.03 -35.42
N GLY A 74 16.13 15.24 -35.06
CA GLY A 74 17.04 15.48 -33.94
C GLY A 74 16.31 16.19 -32.81
N TYR A 75 16.65 15.85 -31.58
CA TYR A 75 15.87 16.34 -30.47
C TYR A 75 16.57 17.45 -29.67
N ARG A 76 15.78 18.42 -29.24
CA ARG A 76 16.27 19.50 -28.39
C ARG A 76 15.31 19.72 -27.23
N ASN A 77 15.79 20.43 -26.22
CA ASN A 77 14.92 20.79 -25.12
C ASN A 77 13.88 21.77 -25.64
N GLY A 78 12.66 21.64 -25.12
CA GLY A 78 11.57 22.54 -25.43
C GLY A 78 11.74 23.85 -24.70
N ALA A 79 10.83 24.78 -24.93
CA ALA A 79 10.95 26.14 -24.43
C ALA A 79 10.96 26.26 -22.90
N PRO A 80 10.03 25.56 -22.19
CA PRO A 80 10.07 25.72 -20.73
C PRO A 80 11.34 25.14 -20.10
N ILE A 81 11.84 24.05 -20.65
CA ILE A 81 13.03 23.40 -20.15
C ILE A 81 14.24 24.29 -20.45
N GLY A 82 14.33 24.73 -21.70
CA GLY A 82 15.43 25.56 -22.15
C GLY A 82 15.46 26.86 -21.35
N ALA A 83 14.26 27.36 -21.06
CA ALA A 83 14.11 28.57 -20.26
C ALA A 83 14.67 28.36 -18.87
N ALA A 84 14.40 27.18 -18.31
CA ALA A 84 14.87 26.89 -16.97
C ALA A 84 16.40 26.84 -16.93
N PHE A 85 17.00 26.27 -17.95
CA PHE A 85 18.44 26.22 -18.03
C PHE A 85 19.01 27.62 -18.12
N ARG A 86 18.38 28.44 -18.95
CA ARG A 86 18.86 29.79 -19.21
C ARG A 86 18.85 30.64 -17.92
N ASP A 87 17.81 30.48 -17.10
CA ASP A 87 17.65 31.30 -15.93
C ASP A 87 18.37 30.74 -14.71
N GLY A 88 19.18 29.71 -14.91
CA GLY A 88 19.85 29.08 -13.78
C GLY A 88 18.93 28.28 -12.84
N LEU A 89 17.77 27.85 -13.35
CA LEU A 89 16.78 27.19 -12.51
C LEU A 89 16.69 25.66 -12.67
N TRP A 90 17.56 25.07 -13.48
CA TRP A 90 17.45 23.63 -13.74
C TRP A 90 17.66 22.77 -12.48
N PRO A 91 18.76 22.97 -11.73
CA PRO A 91 18.92 22.13 -10.53
C PRO A 91 17.75 22.31 -9.56
N VAL A 92 17.17 23.51 -9.53
CA VAL A 92 15.98 23.75 -8.72
C VAL A 92 14.78 22.94 -9.25
N LEU A 93 14.55 23.00 -10.55
CA LEU A 93 13.49 22.25 -11.19
C LEU A 93 13.71 20.75 -11.02
N ARG A 94 14.95 20.32 -11.23
CA ARG A 94 15.30 18.91 -11.10
C ARG A 94 14.94 18.42 -9.68
N ASP A 95 15.30 19.19 -8.68
CA ASP A 95 15.09 18.84 -7.27
C ASP A 95 13.64 18.83 -6.84
N ILE A 96 12.80 19.72 -7.38
CA ILE A 96 11.38 19.70 -6.98
C ILE A 96 10.64 18.51 -7.62
N VAL A 97 11.11 18.13 -8.80
CA VAL A 97 10.58 16.98 -9.50
C VAL A 97 10.90 15.73 -8.69
N GLN A 98 12.11 15.67 -8.11
CA GLN A 98 12.55 14.52 -7.31
C GLN A 98 11.59 14.40 -6.12
N TYR A 99 11.30 15.57 -5.54
CA TYR A 99 10.39 15.68 -4.40
C TYR A 99 9.00 15.14 -4.72
N GLN A 100 8.44 15.55 -5.86
CA GLN A 100 7.13 15.07 -6.31
C GLN A 100 7.21 13.56 -6.45
N ASP A 101 8.28 13.10 -7.06
CA ASP A 101 8.49 11.69 -7.26
C ASP A 101 8.63 10.92 -5.95
N LYS A 102 9.52 11.37 -5.07
CA LYS A 102 9.85 10.62 -3.87
C LYS A 102 8.94 10.91 -2.67
N ILE A 103 8.32 12.08 -2.66
CA ILE A 103 7.50 12.46 -1.52
C ILE A 103 6.00 12.54 -1.87
N ALA A 104 5.66 13.19 -2.98
CA ALA A 104 4.25 13.57 -3.18
C ALA A 104 3.40 12.53 -3.89
N TYR A 105 3.98 11.90 -4.91
CA TYR A 105 3.22 11.14 -5.89
C TYR A 105 2.37 10.03 -5.28
N GLN A 106 3.00 9.17 -4.49
CA GLN A 106 2.28 8.02 -3.96
C GLN A 106 1.26 8.37 -2.86
N PRO A 107 1.63 9.25 -1.91
CA PRO A 107 0.58 9.71 -0.97
C PRO A 107 -0.61 10.44 -1.65
N ALA A 108 -0.40 10.97 -2.84
CA ALA A 108 -1.48 11.65 -3.55
C ALA A 108 -2.63 10.68 -3.85
N ALA A 109 -2.30 9.40 -3.98
CA ALA A 109 -3.30 8.36 -4.20
C ALA A 109 -4.31 8.29 -3.07
N ASP A 110 -3.96 8.85 -1.91
CA ASP A 110 -4.84 8.78 -0.74
C ASP A 110 -5.70 10.03 -0.63
N TYR A 111 -5.72 10.79 -1.73
CA TYR A 111 -6.44 12.05 -1.78
C TYR A 111 -7.93 11.89 -1.50
N VAL A 112 -8.59 10.96 -2.17
CA VAL A 112 -10.03 10.77 -1.97
C VAL A 112 -10.37 10.44 -0.50
N GLU A 113 -9.64 9.51 0.11
CA GLU A 113 -9.83 9.19 1.55
C GLU A 113 -9.55 10.40 2.44
N SER A 114 -8.46 11.11 2.14
CA SER A 114 -8.08 12.29 2.93
C SER A 114 -9.20 13.31 2.95
N LEU A 115 -9.82 13.56 1.80
CA LEU A 115 -11.00 14.44 1.73
C LEU A 115 -12.21 13.90 2.54
N ARG A 116 -12.50 12.61 2.37
CA ARG A 116 -13.69 12.04 2.99
C ARG A 116 -13.61 11.97 4.53
N THR A 117 -12.43 11.65 5.07
CA THR A 117 -12.26 11.47 6.52
C THR A 117 -11.66 12.69 7.20
N GLY A 118 -11.15 13.64 6.41
CA GLY A 118 -10.41 14.76 6.96
C GLY A 118 -9.04 14.40 7.53
N GLN A 119 -8.49 13.25 7.17
CA GLN A 119 -7.17 12.85 7.65
C GLN A 119 -6.11 13.10 6.59
N ASN A 120 -4.86 13.32 7.02
CA ASN A 120 -3.76 13.29 6.06
C ASN A 120 -3.36 11.83 5.91
N ALA A 121 -4.19 11.07 5.20
CA ALA A 121 -4.03 9.60 5.14
C ALA A 121 -2.73 9.22 4.46
N GLY A 122 -2.21 10.10 3.60
CA GLY A 122 -1.00 9.82 2.86
C GLY A 122 0.22 9.62 3.75
N ILE A 123 0.16 10.09 4.98
CA ILE A 123 1.30 9.95 5.88
C ILE A 123 1.61 8.50 6.26
N ARG A 124 0.70 7.57 5.97
CA ARG A 124 0.92 6.16 6.31
C ARG A 124 2.09 5.59 5.52
N HIS A 125 2.45 6.23 4.42
CA HIS A 125 3.56 5.70 3.61
C HIS A 125 4.92 5.94 4.32
N PHE A 126 4.91 6.69 5.41
CA PHE A 126 6.09 7.03 6.16
C PHE A 126 6.07 6.44 7.56
N PRO A 127 7.13 5.71 7.93
CA PRO A 127 7.27 5.12 9.27
C PRO A 127 7.11 6.15 10.39
N GLY A 128 6.49 5.75 11.48
CA GLY A 128 6.19 6.64 12.60
C GLY A 128 4.71 6.59 12.95
N THR A 129 4.33 7.28 14.02
CA THR A 129 2.98 7.27 14.50
C THR A 129 2.47 8.66 14.81
N THR A 130 3.34 9.68 14.72
CA THR A 130 2.86 11.05 14.96
C THR A 130 2.04 11.51 13.75
N ARG A 131 1.21 12.53 13.96
CA ARG A 131 0.20 12.90 12.97
C ARG A 131 0.62 13.99 11.99
N ASP A 132 1.88 14.41 12.08
CA ASP A 132 2.43 15.37 11.12
C ASP A 132 3.66 14.81 10.43
N LEU A 133 3.88 15.22 9.19
CA LEU A 133 4.97 14.66 8.39
C LEU A 133 6.35 14.96 8.97
N TYR A 134 6.50 16.18 9.47
CA TYR A 134 7.83 16.65 9.87
C TYR A 134 8.40 15.81 10.99
N SER A 135 7.58 15.49 12.00
CA SER A 135 8.11 14.71 13.09
C SER A 135 8.38 13.24 12.70
N ARG A 136 8.00 12.85 11.48
CA ARG A 136 8.31 11.50 10.98
C ARG A 136 9.58 11.43 10.15
N LEU A 137 10.08 12.60 9.72
CA LEU A 137 11.25 12.63 8.85
C LEU A 137 12.44 11.99 9.56
N ALA A 138 12.53 12.23 10.88
CA ALA A 138 13.58 11.65 11.73
C ALA A 138 13.54 10.11 11.81
N ALA A 139 12.37 9.51 11.59
CA ALA A 139 12.21 8.06 11.72
C ALA A 139 13.06 7.24 10.73
N VAL A 140 13.37 7.85 9.59
CA VAL A 140 14.16 7.17 8.57
C VAL A 140 15.47 7.91 8.28
N PRO A 141 16.58 7.16 8.23
CA PRO A 141 17.90 7.70 7.91
C PRO A 141 17.93 8.28 6.51
N GLY A 142 18.26 9.56 6.42
CA GLY A 142 18.43 10.25 5.15
C GLY A 142 17.16 10.84 4.56
N LEU A 143 16.07 10.59 5.26
CA LEU A 143 14.77 11.04 4.83
C LEU A 143 14.65 12.54 5.04
N GLU A 144 15.13 12.98 6.19
CA GLU A 144 15.14 14.39 6.55
C GLU A 144 15.96 15.23 5.58
N GLU A 145 17.05 14.65 5.13
CA GLU A 145 17.95 15.32 4.22
C GLU A 145 17.28 15.42 2.84
N LEU A 146 16.60 14.35 2.45
CA LEU A 146 15.90 14.36 1.18
C LEU A 146 14.78 15.39 1.19
N PHE A 147 14.03 15.41 2.28
CA PHE A 147 12.92 16.33 2.37
C PHE A 147 13.42 17.78 2.27
N TYR A 148 14.48 18.13 3.01
CA TYR A 148 14.91 19.50 2.98
C TYR A 148 15.61 19.85 1.67
N ARG A 149 16.20 18.88 0.99
CA ARG A 149 16.70 19.14 -0.37
C ARG A 149 15.55 19.64 -1.22
N GLY A 150 14.37 19.05 -1.01
CA GLY A 150 13.18 19.47 -1.71
C GLY A 150 12.75 20.88 -1.31
N HIS A 152 14.29 23.25 0.25
CA HIS A 152 15.31 24.21 -0.15
C HIS A 152 15.01 24.72 -1.56
N ALA A 153 14.81 23.77 -2.48
CA ALA A 153 14.56 24.08 -3.88
C ALA A 153 13.23 24.84 -4.10
N TRP A 154 12.15 24.43 -3.42
CA TRP A 154 10.88 25.15 -3.56
C TRP A 154 11.07 26.62 -3.14
N SER A 155 11.77 26.84 -2.05
CA SER A 155 12.01 28.19 -1.58
C SER A 155 12.93 29.01 -2.53
N GLN A 156 13.92 28.36 -3.13
CA GLN A 156 14.77 29.01 -4.13
C GLN A 156 13.90 29.49 -5.28
N LEU A 157 12.86 28.72 -5.59
CA LEU A 157 11.93 29.06 -6.65
C LEU A 157 10.98 30.22 -6.26
N SER A 158 10.60 30.29 -4.99
CA SER A 158 9.58 31.23 -4.58
C SER A 158 10.05 32.41 -3.72
N ASN A 159 11.25 32.33 -3.14
CA ASN A 159 11.65 33.40 -2.23
C ASN A 159 12.16 34.73 -2.86
N PRO A 160 12.22 34.85 -4.21
CA PRO A 160 12.48 36.22 -4.69
C PRO A 160 11.45 37.26 -4.20
N VAL A 161 10.19 36.91 -4.19
CA VAL A 161 9.16 37.82 -3.69
C VAL A 161 9.45 38.13 -2.22
N LEU A 162 10.04 37.18 -1.50
CA LEU A 162 10.35 37.40 -0.09
C LEU A 162 11.52 38.36 0.06
N LEU A 163 12.57 38.11 -0.70
CA LEU A 163 13.80 38.90 -0.64
C LEU A 163 13.52 40.38 -1.01
N ALA A 164 12.54 40.61 -1.86
CA ALA A 164 12.22 41.96 -2.33
C ALA A 164 11.29 42.70 -1.40
N GLN A 165 10.93 42.07 -0.29
CA GLN A 165 10.04 42.68 0.70
C GLN A 165 10.67 43.94 1.31
N PRO A 166 9.94 45.06 1.28
CA PRO A 166 10.48 46.35 1.75
C PRO A 166 10.98 46.29 3.21
N ASP A 167 10.29 45.51 4.01
CA ASP A 167 10.56 45.46 5.45
C ASP A 167 11.99 45.07 5.82
N PHE A 168 12.67 44.35 4.94
CA PHE A 168 13.98 43.80 5.29
C PHE A 168 15.08 44.85 5.17
N THR A 169 14.75 46.01 4.61
CA THR A 169 15.67 47.14 4.65
C THR A 169 15.48 47.91 5.96
N ARG A 170 14.39 47.60 6.65
CA ARG A 170 13.96 48.35 7.81
C ARG A 170 13.99 47.55 9.13
N VAL A 171 14.23 46.25 9.05
CA VAL A 171 14.32 45.40 10.24
C VAL A 171 15.70 44.78 10.29
N HIS A 172 16.08 44.24 11.44
CA HIS A 172 17.43 43.72 11.57
C HIS A 172 17.49 42.32 12.17
N ARG A 173 16.58 42.02 13.11
CA ARG A 173 16.61 40.70 13.75
C ARG A 173 15.35 39.88 13.45
N VAL A 174 15.51 38.88 12.58
CA VAL A 174 14.37 38.08 12.15
C VAL A 174 14.30 36.72 12.85
N LEU A 175 13.09 36.42 13.33
CA LEU A 175 12.78 35.11 13.87
C LEU A 175 12.11 34.30 12.75
N ASP A 176 12.82 33.26 12.34
CA ASP A 176 12.39 32.37 11.26
C ASP A 176 11.62 31.20 11.84
N VAL A 177 10.31 31.34 12.05
CA VAL A 177 9.58 30.25 12.74
C VAL A 177 9.31 29.02 11.85
N GLY A 178 9.93 27.89 12.18
CA GLY A 178 9.90 26.73 11.32
C GLY A 178 10.75 26.97 10.09
N GLY A 179 11.93 27.53 10.30
CA GLY A 179 12.79 27.94 9.19
C GLY A 179 13.45 26.78 8.45
N GLY A 180 13.18 25.55 8.88
CA GLY A 180 13.68 24.38 8.16
C GLY A 180 15.19 24.32 8.05
N ASP A 181 15.69 24.16 6.83
CA ASP A 181 17.13 24.05 6.59
C ASP A 181 17.82 25.40 6.44
N ALA A 182 17.11 26.48 6.77
CA ALA A 182 17.61 27.85 6.80
C ALA A 182 17.91 28.43 5.41
N VAL A 183 17.30 27.85 4.38
CA VAL A 183 17.46 28.33 3.01
C VAL A 183 17.08 29.82 2.91
N ASN A 184 15.99 30.20 3.56
CA ASN A 184 15.46 31.56 3.46
C ASN A 184 16.19 32.54 4.36
N ALA A 185 16.66 32.06 5.51
CA ALA A 185 17.46 32.87 6.41
C ALA A 185 18.73 33.30 5.72
N VAL A 186 19.35 32.33 5.07
CA VAL A 186 20.59 32.53 4.33
C VAL A 186 20.38 33.45 3.12
N ALA A 187 19.29 33.26 2.40
CA ALA A 187 19.05 34.10 1.23
C ALA A 187 18.81 35.55 1.67
N LEU A 188 18.11 35.71 2.80
CA LEU A 188 17.88 37.02 3.39
C LEU A 188 19.20 37.63 3.87
N ALA A 189 19.99 36.83 4.58
CA ALA A 189 21.24 37.31 5.16
C ALA A 189 22.19 37.77 4.07
N ARG A 190 22.26 37.03 2.98
CA ARG A 190 23.11 37.41 1.85
C ARG A 190 22.67 38.70 1.18
N ALA A 191 21.38 38.82 0.93
CA ALA A 191 20.86 39.97 0.21
C ALA A 191 20.97 41.23 1.08
N HIS A 192 20.91 41.05 2.39
CA HIS A 192 20.92 42.16 3.33
C HIS A 192 21.94 41.92 4.45
N PRO A 193 23.17 42.41 4.26
CA PRO A 193 24.25 42.19 5.23
C PRO A 193 23.99 42.76 6.63
N SER A 194 23.07 43.72 6.74
CA SER A 194 22.72 44.28 8.05
C SER A 194 22.00 43.23 8.90
N LEU A 195 21.28 42.35 8.21
CA LEU A 195 20.30 41.47 8.84
C LEU A 195 20.91 40.34 9.67
N ARG A 196 20.21 39.95 10.73
CA ARG A 196 20.57 38.78 11.51
C ARG A 196 19.32 37.90 11.69
N VAL A 197 19.50 36.59 11.65
CA VAL A 197 18.35 35.68 11.64
C VAL A 197 18.47 34.54 12.62
N THR A 198 17.40 34.29 13.38
CA THR A 198 17.30 33.10 14.23
C THR A 198 16.42 32.05 13.57
N VAL A 199 16.97 30.87 13.30
CA VAL A 199 16.20 29.80 12.66
C VAL A 199 15.64 28.85 13.72
N LEU A 200 14.32 28.85 13.87
CA LEU A 200 13.64 28.04 14.86
C LEU A 200 12.99 26.81 14.24
N ASP A 201 13.31 25.62 14.75
CA ASP A 201 12.76 24.41 14.20
C ASP A 201 13.04 23.18 15.09
N ARG A 202 12.58 22.02 14.64
CA ARG A 202 12.90 20.77 15.30
C ARG A 202 14.40 20.56 15.20
N PRO A 203 14.99 19.84 16.16
CA PRO A 203 16.43 19.55 16.16
C PRO A 203 16.89 18.85 14.87
N GLY A 204 16.04 17.98 14.32
CA GLY A 204 16.37 17.25 13.12
C GLY A 204 16.59 18.18 11.95
N ALA A 205 15.75 19.21 11.84
CA ALA A 205 15.88 20.20 10.77
C ALA A 205 17.16 21.05 10.95
N LEU A 206 17.42 21.43 12.20
CA LEU A 206 18.49 22.36 12.47
C LEU A 206 19.86 21.75 12.15
N GLU A 207 19.98 20.42 12.20
CA GLU A 207 21.23 19.77 11.81
C GLU A 207 21.49 19.98 10.33
N VAL A 208 20.42 19.98 9.54
CA VAL A 208 20.59 20.31 8.13
C VAL A 208 20.83 21.80 8.03
N ALA A 209 20.19 22.60 8.89
CA ALA A 209 20.35 24.07 8.83
C ALA A 209 21.79 24.52 9.02
N ARG A 210 22.46 23.94 10.03
CA ARG A 210 23.84 24.30 10.34
C ARG A 210 24.70 24.09 9.12
N LYS A 211 24.49 22.99 8.41
CA LYS A 211 25.25 22.75 7.20
C LYS A 211 24.93 23.82 6.15
N THR A 212 23.66 24.19 6.01
CA THR A 212 23.29 25.22 5.05
C THR A 212 23.92 26.54 5.44
N ILE A 213 23.90 26.85 6.73
CA ILE A 213 24.51 28.06 7.25
C ILE A 213 26.02 28.02 7.07
N ALA A 214 26.65 26.91 7.44
CA ALA A 214 28.11 26.78 7.42
C ALA A 214 28.73 26.99 6.02
N GLU A 215 28.08 26.53 4.96
CA GLU A 215 28.65 26.63 3.61
C GLU A 215 28.38 28.01 3.02
N ALA A 216 27.54 28.79 3.68
CA ALA A 216 27.37 30.19 3.33
C ALA A 216 28.29 31.07 4.17
N GLY A 217 28.93 30.46 5.16
CA GLY A 217 29.79 31.19 6.08
C GLY A 217 29.03 32.29 6.79
N LEU A 218 27.81 31.95 7.24
CA LEU A 218 26.97 32.96 7.87
C LEU A 218 26.72 32.64 9.33
N GLU A 219 27.67 31.96 9.96
CA GLU A 219 27.55 31.55 11.37
C GLU A 219 27.43 32.74 12.33
N GLU A 220 27.92 33.91 11.94
CA GLU A 220 27.92 35.02 12.87
C GLU A 220 26.64 35.84 12.75
N ARG A 221 25.92 35.71 11.64
CA ARG A 221 24.61 36.36 11.52
C ARG A 221 23.40 35.43 11.42
N VAL A 222 23.62 34.14 11.26
CA VAL A 222 22.50 33.20 11.23
C VAL A 222 22.74 32.05 12.20
N ARG A 223 21.84 31.94 13.18
CA ARG A 223 21.88 30.89 14.21
C ARG A 223 20.60 30.09 14.31
N THR A 224 20.72 28.90 14.88
CA THR A 224 19.59 27.99 15.00
C THR A 224 19.06 27.89 16.41
N HIS A 225 17.75 27.77 16.55
CA HIS A 225 17.25 27.45 17.88
C HIS A 225 16.08 26.50 17.92
N ALA A 226 16.37 25.40 18.61
CA ALA A 226 15.47 24.28 18.74
C ALA A 226 14.32 24.59 19.67
N ALA A 227 13.12 24.46 19.13
CA ALA A 227 11.93 24.73 19.90
C ALA A 227 10.77 24.13 19.18
N ASP A 228 9.68 23.92 19.92
CA ASP A 228 8.44 23.55 19.33
C ASP A 228 7.66 24.84 19.05
N ILE A 229 7.23 25.05 17.81
CA ILE A 229 6.58 26.33 17.48
C ILE A 229 5.26 26.56 18.23
N PHE A 230 4.66 25.50 18.79
CA PHE A 230 3.44 25.65 19.58
C PHE A 230 3.64 25.76 21.12
N THR A 231 4.43 24.86 21.69
CA THR A 231 4.54 24.74 23.15
C THR A 231 5.72 25.49 23.77
N ASP A 232 6.69 25.87 22.97
CA ASP A 232 7.86 26.57 23.46
C ASP A 232 7.73 28.06 23.19
N SER A 233 8.50 28.86 23.93
CA SER A 233 8.47 30.30 23.70
C SER A 233 9.28 30.67 22.49
N TYR A 234 8.82 31.71 21.80
CA TYR A 234 9.63 32.29 20.75
C TYR A 234 10.65 33.18 21.41
N PRO A 235 11.93 33.09 21.00
CA PRO A 235 12.99 33.94 21.54
C PRO A 235 12.65 35.42 21.48
N ALA A 236 12.89 36.11 22.58
CA ALA A 236 12.60 37.52 22.68
C ALA A 236 13.66 38.33 21.96
N GLY A 237 13.43 39.63 21.87
CA GLY A 237 14.38 40.56 21.28
C GLY A 237 14.47 40.52 19.77
N HIS A 238 13.38 40.08 19.12
CA HIS A 238 13.37 40.08 17.68
C HIS A 238 12.46 41.13 17.08
N ASP A 239 13.02 41.68 16.02
CA ASP A 239 12.49 42.74 15.17
C ASP A 239 11.35 42.28 14.26
N CYS A 240 11.54 41.10 13.72
CA CYS A 240 10.74 40.59 12.63
C CYS A 240 10.47 39.12 12.89
N VAL A 241 9.19 38.73 12.84
CA VAL A 241 8.86 37.32 12.93
C VAL A 241 8.40 36.85 11.55
N LEU A 242 9.11 35.88 10.99
CA LEU A 242 8.80 35.38 9.64
C LEU A 242 8.20 33.96 9.66
N PHE A 243 7.06 33.80 8.99
CA PHE A 243 6.47 32.48 8.77
C PHE A 243 6.57 32.14 7.28
N ALA A 244 7.55 31.34 6.90
CA ALA A 244 7.71 30.97 5.49
C ALA A 244 7.27 29.52 5.24
N HIS A 245 6.23 29.37 4.40
CA HIS A 245 5.68 28.04 4.04
C HIS A 245 5.32 27.29 5.30
N GLN A 246 4.61 27.99 6.18
CA GLN A 246 4.39 27.50 7.54
C GLN A 246 2.91 27.45 7.84
N LEU A 247 2.22 28.57 7.65
CA LEU A 247 0.83 28.67 8.07
C LEU A 247 -0.08 27.83 7.20
N VAL A 248 0.44 27.41 6.05
CA VAL A 248 -0.25 26.49 5.13
C VAL A 248 -0.45 25.11 5.76
N ILE A 249 0.39 24.78 6.73
CA ILE A 249 0.30 23.52 7.45
C ILE A 249 -0.88 23.41 8.41
N TRP A 250 -1.27 24.53 9.01
CA TRP A 250 -2.15 24.45 10.16
C TRP A 250 -3.54 25.00 9.91
N SER A 251 -4.46 24.68 10.80
CA SER A 251 -5.84 25.20 10.76
C SER A 251 -5.88 26.71 11.05
N PRO A 252 -7.03 27.36 10.78
CA PRO A 252 -7.09 28.79 11.12
C PRO A 252 -6.91 29.11 12.61
N GLU A 253 -7.42 28.26 13.50
CA GLU A 253 -7.30 28.53 14.91
C GLU A 253 -5.86 28.30 15.37
N GLN A 254 -5.17 27.34 14.76
CA GLN A 254 -3.77 27.11 15.11
C GLN A 254 -2.92 28.26 14.60
N ASN A 255 -3.34 28.78 13.45
CA ASN A 255 -2.65 29.92 12.86
C ASN A 255 -2.82 31.17 13.73
N LEU A 256 -4.01 31.32 14.30
CA LEU A 256 -4.28 32.43 15.21
C LEU A 256 -3.33 32.33 16.42
N THR A 257 -3.20 31.11 16.95
CA THR A 257 -2.31 30.81 18.07
C THR A 257 -0.86 31.17 17.76
N LEU A 258 -0.39 30.74 16.59
CA LEU A 258 0.96 31.03 16.18
C LEU A 258 1.18 32.53 16.01
N LEU A 259 0.20 33.23 15.46
CA LEU A 259 0.31 34.65 15.21
C LEU A 259 0.27 35.46 16.51
N ARG A 260 -0.51 34.99 17.48
CA ARG A 260 -0.51 35.64 18.77
C ARG A 260 0.88 35.52 19.46
N LYS A 261 1.52 34.37 19.32
CA LYS A 261 2.87 34.19 19.84
C LYS A 261 3.84 35.11 19.11
N ALA A 262 3.61 35.31 17.81
CA ALA A 262 4.43 36.21 17.03
C ALA A 262 4.29 37.63 17.54
N TYR A 263 3.06 38.00 17.85
CA TYR A 263 2.79 39.33 18.39
C TYR A 263 3.47 39.57 19.73
N ASP A 264 3.30 38.63 20.67
CA ASP A 264 3.82 38.79 22.02
C ASP A 264 5.35 38.84 22.04
N ALA A 265 5.95 38.18 21.06
CA ALA A 265 7.38 38.00 21.10
C ALA A 265 8.09 39.12 20.37
N VAL A 266 7.43 39.71 19.38
CA VAL A 266 8.09 40.68 18.51
C VAL A 266 8.17 42.03 19.20
N GLU A 267 9.26 42.76 18.97
CA GLU A 267 9.36 44.10 19.52
C GLU A 267 8.27 44.98 18.96
N PRO A 268 7.66 45.80 19.84
CA PRO A 268 6.72 46.80 19.34
C PRO A 268 7.38 47.65 18.26
N GLY A 269 6.61 48.00 17.24
CA GLY A 269 7.14 48.63 16.05
C GLY A 269 7.70 47.61 15.07
N GLY A 270 7.72 46.34 15.47
CA GLY A 270 8.19 45.26 14.61
C GLY A 270 7.22 44.79 13.53
N ARG A 271 7.69 43.88 12.68
CA ARG A 271 6.89 43.37 11.58
C ARG A 271 6.60 41.87 11.67
N VAL A 272 5.46 41.44 11.14
CA VAL A 272 5.19 40.02 10.99
C VAL A 272 5.01 39.74 9.49
N LEU A 273 5.71 38.73 8.99
CA LEU A 273 5.62 38.37 7.59
C LEU A 273 5.14 36.92 7.39
N VAL A 274 4.07 36.76 6.62
CA VAL A 274 3.60 35.43 6.22
C VAL A 274 3.88 35.20 4.74
N PHE A 275 4.77 34.26 4.46
CA PHE A 275 5.23 34.01 3.10
C PHE A 275 4.94 32.59 2.66
N ASN A 276 4.04 32.45 1.69
CA ASN A 276 3.71 31.16 1.07
C ASN A 276 2.83 31.36 -0.18
N ALA A 277 2.37 30.27 -0.78
CA ALA A 277 1.39 30.35 -1.85
C ALA A 277 0.05 30.73 -1.22
N PHE A 278 -0.79 31.41 -1.99
CA PHE A 278 -2.09 31.85 -1.47
C PHE A 278 -3.17 31.49 -2.48
N THR A 279 -4.34 31.12 -1.98
CA THR A 279 -5.50 30.94 -2.84
C THR A 279 -6.15 32.28 -3.08
N ASP A 280 -6.46 32.58 -4.35
CA ASP A 280 -7.17 33.81 -4.67
C ASP A 280 -8.45 33.90 -3.85
N ASP A 281 -8.81 35.12 -3.46
CA ASP A 281 -9.94 35.34 -2.58
C ASP A 281 -11.25 34.90 -3.22
N ASP A 282 -11.31 34.88 -4.56
CA ASP A 282 -12.53 34.48 -5.25
C ASP A 282 -12.64 32.96 -5.40
N ARG A 283 -11.66 32.24 -4.88
CA ARG A 283 -11.65 30.77 -4.81
C ARG A 283 -11.67 30.06 -6.16
N THR A 284 -11.06 30.67 -7.18
CA THR A 284 -11.06 30.07 -8.52
C THR A 284 -9.66 29.68 -8.94
N GLY A 285 -8.67 29.95 -8.10
CA GLY A 285 -7.31 29.64 -8.46
C GLY A 285 -6.30 30.22 -7.49
N PRO A 286 -5.04 30.31 -7.93
CA PRO A 286 -4.57 29.84 -9.24
C PRO A 286 -4.49 28.33 -9.33
N LEU A 287 -4.19 27.83 -10.51
CA LEU A 287 -4.07 26.40 -10.74
C LEU A 287 -3.08 25.74 -9.75
N TYR A 288 -1.93 26.40 -9.53
CA TYR A 288 -0.88 25.93 -8.64
C TYR A 288 -1.41 25.63 -7.23
N ALA A 289 -2.17 26.55 -6.65
CA ALA A 289 -2.70 26.32 -5.32
C ALA A 289 -3.70 25.18 -5.40
N ALA A 290 -4.51 25.24 -6.45
CA ALA A 290 -5.57 24.27 -6.61
C ALA A 290 -4.98 22.87 -6.66
N LEU A 291 -3.86 22.73 -7.36
CA LEU A 291 -3.26 21.42 -7.53
C LEU A 291 -2.39 21.03 -6.36
N ASP A 292 -1.59 21.96 -5.87
CA ASP A 292 -0.67 21.74 -4.76
C ASP A 292 -1.38 21.34 -3.47
N ASN A 293 -2.65 21.72 -3.36
CA ASN A 293 -3.49 21.31 -2.26
C ASN A 293 -3.65 19.78 -2.11
N VAL A 294 -3.44 19.02 -3.20
CA VAL A 294 -3.52 17.56 -3.07
C VAL A 294 -2.41 17.04 -2.11
N TYR A 295 -1.23 17.62 -2.23
CA TYR A 295 -0.15 17.34 -1.31
C TYR A 295 -0.51 17.71 0.13
N PHE A 296 -1.02 18.92 0.30
CA PHE A 296 -1.35 19.40 1.63
C PHE A 296 -2.49 18.63 2.29
N THR A 297 -3.43 18.13 1.48
CA THR A 297 -4.55 17.37 2.01
C THR A 297 -4.08 15.97 2.45
N THR A 298 -3.07 15.41 1.78
CA THR A 298 -2.69 14.03 2.06
C THR A 298 -1.52 13.84 3.06
N LEU A 299 -0.60 14.79 3.11
CA LEU A 299 0.65 14.50 3.80
C LEU A 299 0.99 15.27 5.11
N PRO A 300 1.26 16.59 5.03
CA PRO A 300 1.89 17.23 6.20
C PRO A 300 1.08 17.12 7.48
N PHE A 301 -0.19 17.48 7.43
CA PHE A 301 -1.03 17.54 8.62
C PHE A 301 -2.52 17.55 8.21
N ARG A 302 -3.41 17.15 9.11
CA ARG A 302 -4.83 16.98 8.75
C ARG A 302 -5.58 18.27 8.41
N HIS A 303 -5.03 19.42 8.76
CA HIS A 303 -5.71 20.69 8.44
C HIS A 303 -4.96 21.52 7.39
N SER A 304 -3.86 21.00 6.86
CA SER A 304 -3.06 21.78 5.93
C SER A 304 -3.87 22.16 4.69
N THR A 305 -3.79 23.43 4.30
CA THR A 305 -4.35 23.85 3.02
C THR A 305 -3.85 25.22 2.66
N ILE A 306 -3.79 25.51 1.37
CA ILE A 306 -3.39 26.85 0.95
C ILE A 306 -4.55 27.81 1.15
N HIS A 307 -4.37 28.74 2.08
CA HIS A 307 -5.42 29.65 2.51
C HIS A 307 -5.56 30.84 1.57
N ARG A 308 -6.70 31.51 1.62
CA ARG A 308 -6.89 32.73 0.85
C ARG A 308 -6.18 33.89 1.54
N TRP A 309 -5.69 34.84 0.74
CA TRP A 309 -5.10 36.08 1.26
C TRP A 309 -5.96 36.73 2.33
N ALA A 310 -7.25 36.89 2.02
CA ALA A 310 -8.21 37.55 2.90
C ALA A 310 -8.31 36.86 4.26
N ASP A 311 -8.18 35.54 4.25
CA ASP A 311 -8.26 34.79 5.50
C ASP A 311 -7.01 35.02 6.37
N CYS A 312 -5.85 35.00 5.74
CA CYS A 312 -4.60 35.25 6.41
C CYS A 312 -4.59 36.64 7.01
N GLU A 313 -5.01 37.60 6.20
CA GLU A 313 -5.04 39.00 6.60
C GLU A 313 -5.92 39.16 7.83
N SER A 314 -7.01 38.40 7.83
CA SER A 314 -7.95 38.41 8.94
C SER A 314 -7.28 37.95 10.23
N TRP A 315 -6.43 36.92 10.10
CA TRP A 315 -5.76 36.36 11.25
C TRP A 315 -4.76 37.35 11.83
N LEU A 316 -4.05 38.05 10.96
CA LEU A 316 -3.11 39.06 11.43
C LEU A 316 -3.84 40.13 12.24
N ARG A 317 -4.95 40.61 11.72
CA ARG A 317 -5.71 41.64 12.44
C ARG A 317 -6.29 41.10 13.73
N GLU A 318 -6.64 39.82 13.76
CA GLU A 318 -7.29 39.36 14.98
C GLU A 318 -6.25 38.90 16.00
N ALA A 319 -5.00 38.82 15.57
CA ALA A 319 -3.87 38.60 16.45
C ALA A 319 -3.45 39.91 17.09
N GLY A 320 -3.94 41.02 16.53
CA GLY A 320 -3.67 42.34 17.07
C GLY A 320 -2.71 43.15 16.24
N PHE A 321 -2.29 42.61 15.09
CA PHE A 321 -1.42 43.38 14.21
C PHE A 321 -2.18 44.45 13.46
N THR A 322 -1.45 45.46 13.00
CA THR A 322 -2.02 46.57 12.26
C THR A 322 -1.22 46.82 10.98
N ASP A 323 -1.77 47.66 10.11
CA ASP A 323 -1.10 48.00 8.85
C ASP A 323 -1.06 46.76 8.01
N VAL A 324 -2.09 45.93 8.16
CA VAL A 324 -2.11 44.61 7.55
C VAL A 324 -2.42 44.67 6.05
N GLY A 325 -1.62 43.97 5.25
CA GLY A 325 -1.78 43.98 3.79
C GLY A 325 -1.00 42.90 3.07
N ARG A 326 -1.03 42.94 1.72
CA ARG A 326 -0.39 41.90 0.91
C ARG A 326 0.52 42.44 -0.19
N THR A 327 1.46 41.60 -0.58
CA THR A 327 2.35 41.86 -1.70
C THR A 327 2.20 40.69 -2.63
N ALA A 328 1.65 40.90 -3.82
CA ALA A 328 1.49 39.76 -4.70
C ALA A 328 2.49 39.73 -5.88
N PRO A 329 2.14 40.26 -7.10
CA PRO A 329 2.85 39.75 -8.29
C PRO A 329 4.38 39.67 -8.32
N PRO A 330 4.84 38.53 -8.81
CA PRO A 330 6.06 38.19 -9.52
C PRO A 330 5.54 37.69 -10.85
N GLY A 331 5.35 36.39 -11.02
CA GLY A 331 4.67 35.92 -12.20
C GLY A 331 4.30 34.47 -12.04
N TRP A 332 5.34 33.67 -11.80
CA TRP A 332 5.28 32.23 -11.88
C TRP A 332 4.08 31.47 -11.29
N THR A 333 3.35 32.07 -10.34
CA THR A 333 2.90 31.27 -9.19
C THR A 333 2.05 32.13 -8.20
N PRO A 334 1.28 31.52 -7.26
CA PRO A 334 0.68 32.43 -6.29
C PRO A 334 1.52 32.85 -5.08
N HIS A 335 2.84 32.91 -5.12
CA HIS A 335 3.52 33.28 -3.89
C HIS A 335 3.46 34.79 -3.62
N GLY A 336 3.20 35.11 -2.36
CA GLY A 336 3.08 36.50 -1.94
C GLY A 336 3.43 36.62 -0.48
N VAL A 337 3.29 37.83 0.05
CA VAL A 337 3.59 38.08 1.46
C VAL A 337 2.40 38.78 2.04
N VAL A 338 1.93 38.33 3.20
CA VAL A 338 0.96 39.10 3.97
C VAL A 338 1.73 39.63 5.19
N SER A 339 1.57 40.93 5.47
CA SER A 339 2.37 41.56 6.52
C SER A 339 1.54 42.47 7.43
N GLY A 340 1.99 42.62 8.67
CA GLY A 340 1.34 43.45 9.67
C GLY A 340 2.40 44.03 10.60
N SER A 341 2.02 45.01 11.40
CA SER A 341 2.95 45.63 12.33
C SER A 341 2.43 45.46 13.73
N ARG A 342 3.34 45.32 14.70
CA ARG A 342 2.90 45.41 16.09
C ARG A 342 2.97 46.88 16.47
N PRO A 343 1.85 47.44 16.93
CA PRO A 343 1.69 48.86 17.30
C PRO A 343 2.46 49.22 18.58
N ARG A 344 2.91 50.46 18.69
CA ARG A 344 3.65 50.96 19.88
C ARG A 344 2.76 51.71 20.88
N GLU B 4 8.65 29.38 -21.01
CA GLU B 4 8.61 29.78 -19.60
C GLU B 4 8.00 28.74 -18.66
N LEU B 5 8.37 28.81 -17.39
CA LEU B 5 8.15 27.70 -16.46
C LEU B 5 6.78 27.60 -15.83
N SER B 6 6.00 28.68 -15.91
CA SER B 6 4.59 28.58 -15.56
C SER B 6 3.96 27.44 -16.34
N ALA B 7 4.49 27.21 -17.54
CA ALA B 7 3.97 26.19 -18.44
C ALA B 7 4.13 24.80 -17.85
N LEU B 8 5.16 24.62 -17.03
CA LEU B 8 5.47 23.33 -16.44
C LEU B 8 4.49 22.93 -15.34
N VAL B 9 3.71 23.90 -14.88
CA VAL B 9 2.87 23.68 -13.69
C VAL B 9 1.90 22.53 -13.87
N PRO B 10 1.10 22.52 -14.97
CA PRO B 10 0.16 21.38 -15.08
C PRO B 10 0.85 20.04 -15.24
N VAL B 11 2.09 20.02 -15.72
CA VAL B 11 2.84 18.76 -15.81
C VAL B 11 3.41 18.36 -14.45
N LEU B 12 4.07 19.34 -13.82
CA LEU B 12 4.69 19.17 -12.50
C LEU B 12 3.70 18.71 -11.43
N PHE B 13 2.45 19.12 -11.60
CA PHE B 13 1.39 18.74 -10.68
C PHE B 13 0.38 17.87 -11.41
N GLY B 14 0.85 17.21 -12.46
CA GLY B 14 -0.02 16.42 -13.34
C GLY B 14 -0.79 15.37 -12.59
N HIS B 15 -0.12 14.69 -11.66
CA HIS B 15 -0.76 13.66 -10.86
C HIS B 15 -1.88 14.24 -9.97
N ALA B 16 -1.68 15.47 -9.51
CA ALA B 16 -2.68 16.13 -8.67
C ALA B 16 -3.92 16.51 -9.46
N ALA B 17 -3.71 16.92 -10.72
CA ALA B 17 -4.83 17.25 -11.57
C ALA B 17 -5.72 16.02 -11.72
N PHE B 18 -5.12 14.87 -12.02
CA PHE B 18 -5.89 13.63 -12.15
C PHE B 18 -6.65 13.34 -10.87
N GLN B 19 -5.99 13.54 -9.72
CA GLN B 19 -6.61 13.22 -8.42
C GLN B 19 -7.84 14.08 -8.15
N GLN B 20 -7.84 15.31 -8.65
CA GLN B 20 -9.01 16.18 -8.52
C GLN B 20 -10.16 15.58 -9.30
N LEU B 21 -9.88 15.17 -10.53
CA LEU B 21 -10.90 14.52 -11.33
C LEU B 21 -11.40 13.26 -10.62
N ASN B 22 -10.43 12.48 -10.16
CA ASN B 22 -10.68 11.25 -9.44
C ASN B 22 -11.63 11.46 -8.26
N ALA B 23 -11.36 12.49 -7.46
CA ALA B 23 -12.18 12.79 -6.28
C ALA B 23 -13.60 13.24 -6.65
N GLY B 24 -13.70 14.07 -7.69
CA GLY B 24 -14.99 14.56 -8.14
C GLY B 24 -15.89 13.40 -8.55
N CYS B 25 -15.29 12.41 -9.22
CA CYS B 25 -16.04 11.22 -9.59
C CYS B 25 -16.39 10.39 -8.37
N GLN B 26 -15.38 9.88 -7.66
CA GLN B 26 -15.63 8.97 -6.52
C GLN B 26 -16.53 9.56 -5.43
N LEU B 27 -16.39 10.85 -5.15
CA LEU B 27 -17.14 11.43 -4.05
C LEU B 27 -18.53 11.88 -4.49
N GLY B 28 -18.82 11.70 -5.79
CA GLY B 28 -20.15 11.97 -6.32
C GLY B 28 -20.46 13.43 -6.62
N LEU B 29 -19.41 14.25 -6.77
CA LEU B 29 -19.57 15.69 -6.98
C LEU B 29 -20.28 16.04 -8.31
N PHE B 30 -19.76 15.50 -9.41
CA PHE B 30 -20.27 15.81 -10.74
C PHE B 30 -21.71 15.34 -10.93
N GLU B 31 -22.04 14.16 -10.41
CA GLU B 31 -23.41 13.66 -10.44
C GLU B 31 -24.31 14.53 -9.58
N LEU B 32 -23.82 14.93 -8.42
CA LEU B 32 -24.56 15.85 -7.57
C LEU B 32 -24.85 17.17 -8.27
N LEU B 33 -23.82 17.74 -8.90
CA LEU B 33 -23.97 19.03 -9.55
C LEU B 33 -24.92 18.89 -10.74
N HIS B 34 -24.92 17.72 -11.36
CA HIS B 34 -25.73 17.51 -12.55
C HIS B 34 -27.22 17.56 -12.25
N GLU B 35 -27.62 16.90 -11.16
CA GLU B 35 -29.02 16.79 -10.75
C GLU B 35 -29.53 17.93 -9.87
N ARG B 36 -28.61 18.62 -9.19
CA ARG B 36 -29.02 19.63 -8.23
C ARG B 36 -28.21 20.92 -8.25
N GLY B 37 -27.38 21.12 -9.27
CA GLY B 37 -26.64 22.37 -9.38
C GLY B 37 -27.57 23.49 -9.82
N PRO B 38 -27.21 24.76 -9.55
CA PRO B 38 -25.99 25.22 -8.89
C PRO B 38 -26.09 25.05 -7.38
N LEU B 39 -24.95 24.86 -6.71
CA LEU B 39 -24.92 24.65 -5.26
C LEU B 39 -23.85 25.46 -4.56
N SER B 40 -24.12 25.83 -3.30
CA SER B 40 -23.10 26.48 -2.49
C SER B 40 -22.11 25.43 -2.06
N ALA B 41 -20.92 25.91 -1.69
CA ALA B 41 -19.88 25.04 -1.18
C ALA B 41 -20.40 24.26 0.02
N GLU B 42 -21.16 24.92 0.87
CA GLU B 42 -21.63 24.25 2.08
C GLU B 42 -22.74 23.25 1.72
N GLU B 43 -23.50 23.52 0.66
CA GLU B 43 -24.49 22.54 0.21
C GLU B 43 -23.82 21.29 -0.34
N VAL B 44 -22.71 21.48 -1.04
CA VAL B 44 -21.90 20.37 -1.52
C VAL B 44 -21.37 19.53 -0.38
N ALA B 45 -20.84 20.22 0.63
CA ALA B 45 -20.23 19.58 1.77
C ALA B 45 -21.22 18.65 2.50
N ASP B 46 -22.44 19.14 2.68
CA ASP B 46 -23.47 18.37 3.37
C ASP B 46 -23.94 17.19 2.53
N ALA B 47 -24.14 17.42 1.23
CA ALA B 47 -24.62 16.39 0.33
C ALA B 47 -23.63 15.24 0.23
N LEU B 48 -22.36 15.59 0.04
CA LEU B 48 -21.34 14.59 -0.19
C LEU B 48 -20.78 13.99 1.11
N ARG B 49 -21.36 14.42 2.23
CA ARG B 49 -20.86 14.06 3.57
C ARG B 49 -19.37 14.35 3.72
N LEU B 50 -18.93 15.52 3.28
CA LEU B 50 -17.53 15.94 3.41
C LEU B 50 -17.44 17.00 4.49
N PRO B 51 -16.31 17.03 5.22
CA PRO B 51 -16.06 18.21 6.03
C PRO B 51 -15.99 19.45 5.13
N ARG B 52 -16.44 20.60 5.62
CA ARG B 52 -16.45 21.84 4.84
C ARG B 52 -15.09 22.19 4.23
N ARG B 53 -14.02 21.94 4.98
CA ARG B 53 -12.67 22.19 4.50
C ARG B 53 -12.38 21.28 3.29
N SER B 54 -12.89 20.06 3.32
CA SER B 54 -12.74 19.12 2.21
C SER B 54 -13.47 19.58 0.95
N ALA B 55 -14.72 20.01 1.13
CA ALA B 55 -15.52 20.51 0.01
C ALA B 55 -14.83 21.71 -0.64
N ASP B 56 -14.23 22.58 0.18
CA ASP B 56 -13.53 23.74 -0.36
C ASP B 56 -12.31 23.36 -1.19
N ILE B 57 -11.51 22.43 -0.68
CA ILE B 57 -10.29 22.02 -1.36
C ILE B 57 -10.65 21.34 -2.68
N LEU B 58 -11.67 20.48 -2.64
CA LEU B 58 -12.12 19.80 -3.85
C LEU B 58 -12.65 20.79 -4.88
N LEU B 59 -13.54 21.70 -4.45
CA LEU B 59 -14.16 22.66 -5.35
C LEU B 59 -13.16 23.60 -5.99
N LEU B 60 -12.10 23.94 -5.28
CA LEU B 60 -11.05 24.80 -5.86
C LEU B 60 -10.32 24.04 -6.98
N GLY B 61 -10.04 22.77 -6.73
CA GLY B 61 -9.38 21.94 -7.71
C GLY B 61 -10.21 21.78 -8.97
N THR B 62 -11.48 21.43 -8.84
CA THR B 62 -12.31 21.16 -10.01
C THR B 62 -12.63 22.43 -10.76
N THR B 63 -12.83 23.52 -10.00
CA THR B 63 -13.09 24.81 -10.62
C THR B 63 -11.87 25.29 -11.38
N ALA B 64 -10.70 25.21 -10.77
CA ALA B 64 -9.50 25.69 -11.43
C ALA B 64 -9.21 24.87 -12.67
N LEU B 65 -9.65 23.62 -12.66
CA LEU B 65 -9.40 22.73 -13.78
C LEU B 65 -10.46 22.85 -14.87
N GLY B 66 -11.54 23.56 -14.57
CA GLY B 66 -12.65 23.67 -15.49
C GLY B 66 -13.61 22.51 -15.41
N LEU B 67 -13.36 21.54 -14.52
CA LEU B 67 -14.30 20.44 -14.35
C LEU B 67 -15.59 20.95 -13.75
N SER B 68 -15.49 22.04 -13.02
CA SER B 68 -16.66 22.77 -12.54
C SER B 68 -16.46 24.26 -12.80
N THR B 69 -17.53 25.03 -12.68
CA THR B 69 -17.41 26.48 -12.80
C THR B 69 -18.12 27.11 -11.62
N VAL B 70 -17.67 28.30 -11.26
CA VAL B 70 -18.32 29.02 -10.18
C VAL B 70 -18.67 30.42 -10.65
N THR B 71 -19.97 30.69 -10.60
CA THR B 71 -20.53 32.00 -10.83
C THR B 71 -21.38 32.08 -9.61
N ASP B 72 -22.18 33.13 -9.43
CA ASP B 72 -23.20 33.02 -8.41
C ASP B 72 -22.65 32.84 -6.97
N GLY B 73 -21.44 32.31 -6.88
CA GLY B 73 -20.92 31.73 -5.64
C GLY B 73 -21.61 30.35 -5.51
N GLY B 74 -22.24 29.95 -6.61
CA GLY B 74 -22.89 28.65 -6.77
C GLY B 74 -22.10 27.83 -7.78
N TYR B 75 -22.03 26.52 -7.55
CA TYR B 75 -21.19 25.69 -8.39
C TYR B 75 -21.97 24.80 -9.36
N ARG B 76 -21.45 24.71 -10.58
CA ARG B 76 -21.98 23.84 -11.63
C ARG B 76 -20.90 23.06 -12.35
N ASN B 77 -21.32 22.03 -13.08
CA ASN B 77 -20.38 21.26 -13.87
C ASN B 77 -19.84 22.14 -14.97
N GLY B 78 -18.55 22.00 -15.22
CA GLY B 78 -17.90 22.71 -16.31
C GLY B 78 -18.24 22.01 -17.60
N ALA B 79 -17.80 22.58 -18.71
CA ALA B 79 -18.20 22.13 -20.03
C ALA B 79 -17.82 20.68 -20.37
N PRO B 80 -16.58 20.25 -20.06
CA PRO B 80 -16.27 18.86 -20.44
C PRO B 80 -17.09 17.84 -19.68
N ILE B 81 -17.41 18.15 -18.42
CA ILE B 81 -18.20 17.25 -17.59
C ILE B 81 -19.65 17.19 -18.02
N GLY B 82 -20.27 18.36 -18.21
CA GLY B 82 -21.67 18.43 -18.62
C GLY B 82 -21.87 17.78 -19.98
N ALA B 83 -20.90 17.97 -20.87
CA ALA B 83 -20.95 17.40 -22.22
C ALA B 83 -21.01 15.90 -22.14
N ALA B 84 -20.24 15.35 -21.19
CA ALA B 84 -20.19 13.90 -21.00
C ALA B 84 -21.56 13.38 -20.53
N PHE B 85 -22.21 14.13 -19.64
CA PHE B 85 -23.55 13.75 -19.20
C PHE B 85 -24.55 13.80 -20.36
N ARG B 86 -24.50 14.89 -21.13
CA ARG B 86 -25.46 15.11 -22.21
C ARG B 86 -25.33 14.03 -23.29
N ASP B 87 -24.11 13.60 -23.59
CA ASP B 87 -23.89 12.63 -24.66
C ASP B 87 -24.04 11.20 -24.15
N GLY B 88 -24.51 11.03 -22.93
CA GLY B 88 -24.64 9.71 -22.36
C GLY B 88 -23.29 9.06 -22.09
N LEU B 89 -22.25 9.86 -21.91
CA LEU B 89 -20.93 9.28 -21.74
C LEU B 89 -20.45 9.30 -20.29
N TRP B 90 -21.32 9.70 -19.38
CA TRP B 90 -20.90 9.82 -17.99
C TRP B 90 -20.45 8.50 -17.36
N PRO B 91 -21.26 7.42 -17.46
CA PRO B 91 -20.78 6.19 -16.83
C PRO B 91 -19.45 5.73 -17.44
N VAL B 92 -19.24 6.02 -18.71
CA VAL B 92 -18.02 5.68 -19.40
C VAL B 92 -16.84 6.44 -18.79
N LEU B 93 -17.05 7.74 -18.59
CA LEU B 93 -16.04 8.58 -17.99
C LEU B 93 -15.72 8.08 -16.57
N ARG B 94 -16.79 7.80 -15.81
CA ARG B 94 -16.68 7.32 -14.43
C ARG B 94 -15.83 6.04 -14.33
N ASP B 95 -16.13 5.10 -15.22
CA ASP B 95 -15.48 3.80 -15.22
C ASP B 95 -14.04 3.88 -15.68
N ILE B 96 -13.72 4.74 -16.65
CA ILE B 96 -12.31 4.86 -17.03
C ILE B 96 -11.51 5.60 -15.95
N VAL B 97 -12.13 6.51 -15.22
CA VAL B 97 -11.45 7.19 -14.12
C VAL B 97 -11.14 6.19 -12.99
N GLN B 98 -12.11 5.32 -12.69
CA GLN B 98 -11.95 4.26 -11.70
C GLN B 98 -10.82 3.31 -12.11
N TYR B 99 -10.76 3.02 -13.39
CA TYR B 99 -9.70 2.20 -13.94
C TYR B 99 -8.29 2.83 -13.76
N GLN B 100 -8.16 4.13 -14.07
CA GLN B 100 -6.94 4.87 -13.83
C GLN B 100 -6.52 4.81 -12.37
N ASP B 101 -7.48 5.04 -11.49
CA ASP B 101 -7.22 5.05 -10.07
C ASP B 101 -6.72 3.70 -9.56
N LYS B 102 -7.48 2.65 -9.86
CA LYS B 102 -7.21 1.33 -9.31
C LYS B 102 -6.20 0.53 -10.10
N ILE B 103 -6.02 0.84 -11.38
CA ILE B 103 -5.14 0.03 -12.23
C ILE B 103 -3.87 0.78 -12.65
N ALA B 104 -4.02 2.03 -13.08
CA ALA B 104 -2.93 2.74 -13.75
C ALA B 104 -2.05 3.58 -12.80
N TYR B 105 -2.67 4.31 -11.88
CA TYR B 105 -1.98 5.37 -11.16
C TYR B 105 -0.73 4.88 -10.40
N GLN B 106 -0.84 3.85 -9.57
CA GLN B 106 0.37 3.50 -8.82
C GLN B 106 1.45 2.80 -9.65
N PRO B 107 1.06 1.86 -10.54
CA PRO B 107 2.11 1.30 -11.42
C PRO B 107 2.82 2.37 -12.23
N ALA B 108 2.19 3.53 -12.42
CA ALA B 108 2.81 4.60 -13.19
C ALA B 108 4.13 5.10 -12.54
N ALA B 109 4.22 5.00 -11.22
CA ALA B 109 5.44 5.35 -10.50
C ALA B 109 6.62 4.46 -10.90
N ASP B 110 6.35 3.34 -11.52
CA ASP B 110 7.41 2.41 -11.89
C ASP B 110 7.84 2.65 -13.33
N TYR B 111 7.41 3.80 -13.86
CA TYR B 111 7.72 4.17 -15.24
C TYR B 111 9.24 4.25 -15.51
N VAL B 112 9.96 5.00 -14.67
CA VAL B 112 11.39 5.22 -14.88
C VAL B 112 12.12 3.88 -14.90
N GLU B 113 11.79 3.06 -13.93
CA GLU B 113 12.40 1.74 -13.82
C GLU B 113 12.05 0.87 -15.03
N SER B 114 10.78 0.95 -15.47
CA SER B 114 10.34 0.19 -16.63
C SER B 114 11.11 0.61 -17.87
N LEU B 115 11.29 1.91 -18.06
CA LEU B 115 12.07 2.42 -19.20
C LEU B 115 13.52 1.94 -19.18
N ARG B 116 14.12 2.04 -18.01
CA ARG B 116 15.52 1.70 -17.86
C ARG B 116 15.80 0.21 -18.09
N THR B 117 14.88 -0.66 -17.66
CA THR B 117 15.16 -2.10 -17.76
C THR B 117 14.49 -2.80 -18.92
N GLY B 118 13.56 -2.12 -19.58
CA GLY B 118 12.75 -2.77 -20.58
C GLY B 118 11.74 -3.78 -20.02
N GLN B 119 11.47 -3.72 -18.71
CA GLN B 119 10.47 -4.56 -18.05
C GLN B 119 9.19 -3.81 -17.77
N ASN B 120 8.08 -4.52 -17.63
CA ASN B 120 6.86 -3.90 -17.11
C ASN B 120 6.88 -3.92 -15.58
N ALA B 121 7.70 -3.06 -14.99
CA ALA B 121 7.98 -3.10 -13.55
C ALA B 121 6.74 -2.80 -12.71
N GLY B 122 5.79 -2.10 -13.29
CA GLY B 122 4.58 -1.73 -12.57
C GLY B 122 3.73 -2.92 -12.18
N ILE B 123 3.98 -4.07 -12.80
CA ILE B 123 3.14 -5.28 -12.55
C ILE B 123 3.28 -5.79 -11.11
N ARG B 124 4.31 -5.32 -10.39
CA ARG B 124 4.59 -5.74 -9.02
C ARG B 124 3.45 -5.38 -8.06
N HIS B 125 2.63 -4.41 -8.44
CA HIS B 125 1.52 -3.96 -7.59
C HIS B 125 0.41 -4.99 -7.55
N PHE B 126 0.55 -6.02 -8.38
CA PHE B 126 -0.43 -7.10 -8.48
C PHE B 126 0.13 -8.44 -8.06
N PRO B 127 -0.57 -9.13 -7.16
CA PRO B 127 -0.21 -10.46 -6.67
C PRO B 127 0.05 -11.46 -7.80
N GLY B 128 1.08 -12.29 -7.66
CA GLY B 128 1.45 -13.21 -8.71
C GLY B 128 2.91 -13.16 -9.16
N THR B 129 3.24 -14.04 -10.10
CA THR B 129 4.58 -14.19 -10.61
C THR B 129 4.62 -14.29 -12.14
N THR B 130 3.48 -14.28 -12.81
CA THR B 130 3.55 -14.37 -14.27
C THR B 130 4.03 -13.03 -14.81
N ARG B 131 4.42 -13.02 -16.07
CA ARG B 131 5.07 -11.88 -16.67
C ARG B 131 4.07 -10.91 -17.35
N ASP B 132 2.79 -11.27 -17.33
CA ASP B 132 1.76 -10.42 -17.92
C ASP B 132 0.65 -10.08 -16.93
N LEU B 133 0.04 -8.91 -17.12
CA LEU B 133 -1.01 -8.46 -16.22
C LEU B 133 -2.23 -9.37 -16.25
N TYR B 134 -2.63 -9.77 -17.44
CA TYR B 134 -3.91 -10.45 -17.63
C TYR B 134 -3.99 -11.75 -16.82
N SER B 135 -2.92 -12.54 -16.83
CA SER B 135 -2.94 -13.79 -16.08
C SER B 135 -2.83 -13.59 -14.56
N ARG B 136 -2.62 -12.36 -14.11
CA ARG B 136 -2.57 -12.07 -12.68
C ARG B 136 -3.89 -11.58 -12.10
N LEU B 137 -4.82 -11.16 -12.95
CA LEU B 137 -6.02 -10.50 -12.44
C LEU B 137 -6.86 -11.38 -11.51
N ALA B 138 -6.95 -12.68 -11.81
CA ALA B 138 -7.76 -13.59 -11.00
C ALA B 138 -7.33 -13.66 -9.52
N ALA B 139 -6.07 -13.36 -9.22
CA ALA B 139 -5.53 -13.49 -7.87
C ALA B 139 -6.25 -12.61 -6.82
N VAL B 140 -6.86 -11.52 -7.25
CA VAL B 140 -7.60 -10.65 -6.34
C VAL B 140 -9.10 -10.72 -6.65
N PRO B 141 -9.93 -10.88 -5.61
CA PRO B 141 -11.38 -11.02 -5.79
C PRO B 141 -11.97 -9.82 -6.50
N GLY B 142 -12.62 -10.05 -7.63
CA GLY B 142 -13.34 -9.01 -8.34
C GLY B 142 -12.45 -8.15 -9.22
N LEU B 143 -11.16 -8.43 -9.20
CA LEU B 143 -10.21 -7.63 -9.96
C LEU B 143 -10.38 -7.85 -11.47
N GLU B 144 -10.56 -9.11 -11.86
CA GLU B 144 -10.74 -9.41 -13.27
C GLU B 144 -11.95 -8.67 -13.83
N GLU B 145 -13.05 -8.63 -13.07
CA GLU B 145 -14.23 -7.93 -13.56
C GLU B 145 -14.08 -6.44 -13.49
N LEU B 146 -13.42 -5.95 -12.45
CA LEU B 146 -13.19 -4.52 -12.34
C LEU B 146 -12.34 -4.12 -13.54
N PHE B 147 -11.32 -4.93 -13.83
CA PHE B 147 -10.47 -4.64 -14.95
C PHE B 147 -11.29 -4.61 -16.23
N TYR B 148 -12.12 -5.61 -16.48
CA TYR B 148 -12.85 -5.66 -17.75
C TYR B 148 -13.94 -4.60 -17.79
N ARG B 149 -14.48 -4.23 -16.62
CA ARG B 149 -15.37 -3.07 -16.57
C ARG B 149 -14.64 -1.87 -17.16
N GLY B 150 -13.36 -1.74 -16.81
CA GLY B 150 -12.51 -0.68 -17.32
C GLY B 150 -12.25 -0.78 -18.80
N HIS B 152 -14.03 -2.28 -21.01
CA HIS B 152 -15.33 -2.10 -21.65
C HIS B 152 -15.56 -0.62 -21.93
N ALA B 153 -15.38 0.17 -20.88
CA ALA B 153 -15.61 1.60 -20.93
C ALA B 153 -14.64 2.27 -21.92
N TRP B 154 -13.37 1.87 -21.92
CA TRP B 154 -12.45 2.43 -22.89
C TRP B 154 -12.92 2.11 -24.33
N SER B 155 -13.31 0.88 -24.60
CA SER B 155 -13.71 0.54 -25.97
C SER B 155 -14.99 1.25 -26.40
N GLN B 156 -15.93 1.42 -25.50
CA GLN B 156 -17.16 2.13 -25.82
C GLN B 156 -16.88 3.58 -26.24
N LEU B 157 -15.81 4.13 -25.70
CA LEU B 157 -15.38 5.48 -26.03
C LEU B 157 -14.70 5.56 -27.42
N SER B 158 -13.95 4.53 -27.80
CA SER B 158 -13.17 4.61 -29.03
C SER B 158 -13.69 3.77 -30.19
N ASN B 159 -14.58 2.81 -29.96
CA ASN B 159 -14.96 1.92 -31.06
C ASN B 159 -15.97 2.46 -32.10
N PRO B 160 -16.47 3.71 -31.97
CA PRO B 160 -17.20 4.16 -33.16
C PRO B 160 -16.39 4.09 -34.45
N VAL B 161 -15.10 4.40 -34.41
CA VAL B 161 -14.26 4.27 -35.60
C VAL B 161 -14.24 2.83 -36.09
N LEU B 162 -14.33 1.90 -35.15
CA LEU B 162 -14.31 0.50 -35.52
C LEU B 162 -15.64 0.14 -36.18
N LEU B 163 -16.73 0.58 -35.55
CA LEU B 163 -18.07 0.29 -36.06
C LEU B 163 -18.27 0.88 -37.47
N ALA B 164 -17.60 2.00 -37.74
CA ALA B 164 -17.73 2.69 -39.02
C ALA B 164 -16.78 2.12 -40.06
N GLN B 165 -16.05 1.08 -39.68
CA GLN B 165 -15.14 0.46 -40.63
C GLN B 165 -15.94 -0.22 -41.74
N PRO B 166 -15.65 0.15 -43.01
CA PRO B 166 -16.38 -0.30 -44.20
C PRO B 166 -16.41 -1.82 -44.39
N ASP B 167 -15.35 -2.50 -43.94
CA ASP B 167 -15.20 -3.94 -44.16
C ASP B 167 -16.36 -4.76 -43.60
N PHE B 168 -17.07 -4.21 -42.63
CA PHE B 168 -18.06 -4.99 -41.92
C PHE B 168 -19.35 -5.18 -42.68
N THR B 169 -19.48 -4.49 -43.81
CA THR B 169 -20.59 -4.78 -44.74
C THR B 169 -20.22 -5.89 -45.70
N ARG B 170 -18.93 -6.24 -45.74
CA ARG B 170 -18.43 -7.23 -46.69
C ARG B 170 -17.94 -8.50 -45.99
N VAL B 171 -17.94 -8.51 -44.65
CA VAL B 171 -17.64 -9.72 -43.89
C VAL B 171 -18.83 -10.09 -42.99
N HIS B 172 -18.84 -11.34 -42.53
CA HIS B 172 -19.99 -12.01 -41.91
C HIS B 172 -19.66 -12.75 -40.61
N ARG B 173 -18.50 -13.40 -40.62
CA ARG B 173 -17.98 -14.16 -39.49
C ARG B 173 -16.64 -13.59 -39.01
N VAL B 174 -16.64 -12.86 -37.89
CA VAL B 174 -15.42 -12.21 -37.43
C VAL B 174 -14.78 -12.96 -36.27
N LEU B 175 -13.46 -13.12 -36.36
CA LEU B 175 -12.71 -13.70 -35.27
C LEU B 175 -12.08 -12.60 -34.41
N ASP B 176 -12.55 -12.51 -33.17
CA ASP B 176 -12.15 -11.48 -32.20
C ASP B 176 -10.96 -11.98 -31.37
N VAL B 177 -9.73 -11.75 -31.83
CA VAL B 177 -8.54 -12.30 -31.18
C VAL B 177 -8.19 -11.50 -29.93
N GLY B 178 -8.28 -12.15 -28.77
CA GLY B 178 -8.08 -11.43 -27.52
C GLY B 178 -9.24 -10.49 -27.28
N GLY B 179 -10.45 -10.98 -27.48
CA GLY B 179 -11.65 -10.18 -27.42
C GLY B 179 -12.14 -9.72 -26.06
N GLY B 180 -11.44 -10.09 -25.00
CA GLY B 180 -11.78 -9.58 -23.67
C GLY B 180 -13.17 -9.93 -23.17
N ASP B 181 -13.93 -8.93 -22.71
CA ASP B 181 -15.28 -9.16 -22.20
C ASP B 181 -16.35 -9.07 -23.31
N ALA B 182 -15.88 -9.06 -24.55
CA ALA B 182 -16.71 -9.04 -25.78
C ALA B 182 -17.43 -7.72 -26.02
N VAL B 183 -16.93 -6.64 -25.42
CA VAL B 183 -17.50 -5.32 -25.62
C VAL B 183 -17.55 -4.99 -27.11
N ASN B 184 -16.51 -5.34 -27.84
CA ASN B 184 -16.45 -5.00 -29.26
C ASN B 184 -17.19 -5.99 -30.14
N ALA B 185 -17.19 -7.26 -29.74
CA ALA B 185 -17.94 -8.25 -30.47
C ALA B 185 -19.45 -7.92 -30.48
N VAL B 186 -19.96 -7.61 -29.29
CA VAL B 186 -21.38 -7.28 -29.11
C VAL B 186 -21.77 -5.99 -29.82
N ALA B 187 -20.90 -4.98 -29.75
CA ALA B 187 -21.14 -3.70 -30.37
C ALA B 187 -21.17 -3.81 -31.88
N LEU B 188 -20.30 -4.66 -32.42
CA LEU B 188 -20.30 -4.94 -33.86
C LEU B 188 -21.58 -5.65 -34.27
N ALA B 189 -21.94 -6.66 -33.49
CA ALA B 189 -23.11 -7.47 -33.79
C ALA B 189 -24.36 -6.58 -33.82
N ARG B 190 -24.44 -5.63 -32.87
CA ARG B 190 -25.56 -4.68 -32.83
C ARG B 190 -25.59 -3.81 -34.09
N ALA B 191 -24.44 -3.28 -34.46
CA ALA B 191 -24.35 -2.35 -35.56
C ALA B 191 -24.59 -3.06 -36.89
N HIS B 192 -24.26 -4.35 -36.92
CA HIS B 192 -24.37 -5.14 -38.13
C HIS B 192 -25.07 -6.46 -37.87
N PRO B 193 -26.39 -6.50 -38.05
CA PRO B 193 -27.22 -7.70 -37.78
C PRO B 193 -26.82 -8.91 -38.63
N SER B 194 -26.10 -8.69 -39.72
CA SER B 194 -25.61 -9.79 -40.53
C SER B 194 -24.57 -10.56 -39.74
N LEU B 195 -23.79 -9.83 -38.95
CA LEU B 195 -22.53 -10.34 -38.40
C LEU B 195 -22.62 -11.43 -37.35
N ARG B 196 -21.61 -12.28 -37.38
CA ARG B 196 -21.41 -13.29 -36.36
C ARG B 196 -19.97 -13.17 -35.89
N VAL B 197 -19.76 -13.36 -34.60
CA VAL B 197 -18.45 -13.13 -34.02
C VAL B 197 -18.05 -14.26 -33.09
N THR B 198 -16.80 -14.70 -33.22
CA THR B 198 -16.16 -15.58 -32.25
C THR B 198 -15.20 -14.77 -31.37
N VAL B 199 -15.42 -14.79 -30.06
CA VAL B 199 -14.57 -14.07 -29.13
C VAL B 199 -13.54 -14.99 -28.54
N LEU B 200 -12.27 -14.71 -28.85
CA LEU B 200 -11.18 -15.56 -28.41
C LEU B 200 -10.44 -14.92 -27.25
N ASP B 201 -10.30 -15.64 -26.15
CA ASP B 201 -9.58 -15.12 -24.99
C ASP B 201 -9.30 -16.18 -23.91
N ARG B 202 -8.67 -15.74 -22.84
CA ARG B 202 -8.49 -16.59 -21.66
C ARG B 202 -9.88 -16.92 -21.05
N PRO B 203 -9.99 -18.08 -20.39
CA PRO B 203 -11.25 -18.47 -19.74
C PRO B 203 -11.78 -17.45 -18.72
N GLY B 204 -10.88 -16.82 -17.98
CA GLY B 204 -11.29 -15.86 -16.97
C GLY B 204 -11.96 -14.68 -17.64
N ALA B 205 -11.39 -14.23 -18.75
CA ALA B 205 -11.97 -13.11 -19.51
C ALA B 205 -13.32 -13.52 -20.08
N LEU B 206 -13.39 -14.74 -20.61
CA LEU B 206 -14.59 -15.23 -21.31
C LEU B 206 -15.78 -15.41 -20.38
N GLU B 207 -15.52 -15.61 -19.09
CA GLU B 207 -16.58 -15.63 -18.09
C GLU B 207 -17.28 -14.27 -18.03
N VAL B 208 -16.51 -13.20 -18.15
CA VAL B 208 -17.13 -11.90 -18.23
C VAL B 208 -17.79 -11.71 -19.60
N ALA B 209 -17.17 -12.25 -20.63
CA ALA B 209 -17.69 -12.09 -21.99
C ALA B 209 -19.09 -12.71 -22.10
N ARG B 210 -19.27 -13.88 -21.50
CA ARG B 210 -20.57 -14.54 -21.57
C ARG B 210 -21.64 -13.63 -21.03
N LYS B 211 -21.33 -12.98 -19.92
CA LYS B 211 -22.28 -12.06 -19.31
C LYS B 211 -22.58 -10.85 -20.18
N THR B 212 -21.58 -10.32 -20.85
CA THR B 212 -21.80 -9.21 -21.75
C THR B 212 -22.69 -9.65 -22.91
N ILE B 213 -22.38 -10.83 -23.42
CA ILE B 213 -23.13 -11.38 -24.53
C ILE B 213 -24.59 -11.62 -24.12
N ALA B 214 -24.81 -12.21 -22.95
CA ALA B 214 -26.16 -12.54 -22.48
C ALA B 214 -27.04 -11.30 -22.28
N GLU B 215 -26.46 -10.21 -21.78
CA GLU B 215 -27.30 -9.05 -21.49
C GLU B 215 -27.58 -8.24 -22.74
N ALA B 216 -26.89 -8.55 -23.83
CA ALA B 216 -27.29 -8.01 -25.11
C ALA B 216 -28.20 -9.01 -25.82
N GLY B 217 -28.30 -10.20 -25.24
CA GLY B 217 -29.07 -11.25 -25.85
C GLY B 217 -28.57 -11.62 -27.23
N LEU B 218 -27.26 -11.76 -27.37
CA LEU B 218 -26.70 -12.11 -28.66
C LEU B 218 -26.01 -13.48 -28.63
N GLU B 219 -26.50 -14.39 -27.78
CA GLU B 219 -25.85 -15.69 -27.59
C GLU B 219 -25.72 -16.54 -28.86
N GLU B 220 -26.63 -16.37 -29.81
CA GLU B 220 -26.60 -17.17 -31.02
C GLU B 220 -25.79 -16.55 -32.14
N ARG B 221 -25.44 -15.28 -32.04
CA ARG B 221 -24.54 -14.70 -33.04
C ARG B 221 -23.15 -14.33 -32.52
N VAL B 222 -22.97 -14.35 -31.20
CA VAL B 222 -21.66 -14.07 -30.63
C VAL B 222 -21.33 -15.17 -29.63
N ARG B 223 -20.28 -15.92 -29.92
CA ARG B 223 -19.87 -17.03 -29.06
C ARG B 223 -18.43 -16.92 -28.61
N THR B 224 -18.10 -17.60 -27.50
CA THR B 224 -16.77 -17.48 -26.90
C THR B 224 -15.96 -18.73 -27.15
N HIS B 225 -14.66 -18.56 -27.38
CA HIS B 225 -13.78 -19.70 -27.53
C HIS B 225 -12.45 -19.52 -26.77
N ALA B 226 -12.20 -20.40 -25.81
CA ALA B 226 -11.01 -20.30 -24.99
C ALA B 226 -9.80 -20.78 -25.78
N ALA B 227 -8.79 -19.92 -25.85
CA ALA B 227 -7.57 -20.28 -26.54
C ALA B 227 -6.47 -19.34 -26.13
N ASP B 228 -5.23 -19.81 -26.29
CA ASP B 228 -4.10 -18.96 -26.15
C ASP B 228 -3.77 -18.43 -27.53
N ILE B 229 -3.76 -17.11 -27.67
CA ILE B 229 -3.55 -16.48 -28.98
C ILE B 229 -2.18 -16.77 -29.59
N PHE B 230 -1.22 -17.20 -28.78
CA PHE B 230 0.10 -17.57 -29.30
C PHE B 230 0.27 -19.07 -29.58
N THR B 231 -0.14 -19.94 -28.65
CA THR B 231 0.16 -21.36 -28.76
C THR B 231 -0.95 -22.20 -29.41
N ASP B 232 -2.16 -21.66 -29.48
CA ASP B 232 -3.23 -22.41 -30.12
C ASP B 232 -3.53 -21.88 -31.52
N SER B 233 -4.17 -22.71 -32.32
CA SER B 233 -4.59 -22.26 -33.62
C SER B 233 -5.85 -21.42 -33.51
N TYR B 234 -5.99 -20.48 -34.42
CA TYR B 234 -7.21 -19.73 -34.57
C TYR B 234 -8.22 -20.59 -35.32
N PRO B 235 -9.49 -20.54 -34.88
CA PRO B 235 -10.60 -21.21 -35.54
C PRO B 235 -10.67 -20.92 -37.03
N ALA B 236 -10.93 -21.95 -37.81
CA ALA B 236 -11.07 -21.79 -39.26
C ALA B 236 -12.46 -21.26 -39.61
N GLY B 237 -12.65 -20.97 -40.90
CA GLY B 237 -13.95 -20.58 -41.40
C GLY B 237 -14.44 -19.19 -41.03
N HIS B 238 -13.51 -18.29 -40.76
CA HIS B 238 -13.87 -16.91 -40.51
C HIS B 238 -13.42 -16.03 -41.66
N ASP B 239 -14.30 -15.11 -41.96
CA ASP B 239 -14.21 -14.09 -42.99
C ASP B 239 -13.17 -13.02 -42.60
N CYS B 240 -13.15 -12.72 -41.31
CA CYS B 240 -12.48 -11.56 -40.77
C CYS B 240 -11.75 -11.82 -39.43
N VAL B 241 -10.47 -11.46 -39.34
CA VAL B 241 -9.76 -11.52 -38.06
C VAL B 241 -9.49 -10.10 -37.49
N LEU B 242 -10.04 -9.84 -36.30
CA LEU B 242 -9.94 -8.52 -35.67
C LEU B 242 -8.99 -8.49 -34.45
N PHE B 243 -8.06 -7.54 -34.46
CA PHE B 243 -7.20 -7.27 -33.30
C PHE B 243 -7.59 -5.91 -32.71
N ALA B 244 -8.33 -5.93 -31.60
CA ALA B 244 -8.78 -4.71 -30.93
C ALA B 244 -7.98 -4.51 -29.63
N HIS B 245 -7.21 -3.44 -29.55
CA HIS B 245 -6.41 -3.11 -28.35
C HIS B 245 -5.54 -4.30 -27.96
N GLN B 246 -4.87 -4.87 -28.96
CA GLN B 246 -4.20 -6.15 -28.79
C GLN B 246 -2.70 -6.06 -29.13
N LEU B 247 -2.39 -5.58 -30.33
CA LEU B 247 -1.01 -5.58 -30.80
C LEU B 247 -0.15 -4.56 -30.05
N VAL B 248 -0.80 -3.62 -29.38
CA VAL B 248 -0.09 -2.64 -28.55
C VAL B 248 0.60 -3.33 -27.38
N ILE B 249 0.11 -4.50 -27.03
CA ILE B 249 0.67 -5.28 -25.94
C ILE B 249 2.02 -5.94 -26.25
N TRP B 250 2.22 -6.34 -27.50
CA TRP B 250 3.31 -7.26 -27.85
C TRP B 250 4.46 -6.63 -28.64
N SER B 251 5.58 -7.36 -28.70
CA SER B 251 6.72 -6.92 -29.47
C SER B 251 6.39 -7.00 -30.95
N PRO B 252 7.20 -6.34 -31.81
CA PRO B 252 6.96 -6.45 -33.25
C PRO B 252 7.08 -7.89 -33.77
N GLU B 253 8.00 -8.67 -33.21
CA GLU B 253 8.21 -10.03 -33.67
C GLU B 253 6.96 -10.84 -33.31
N GLN B 254 6.38 -10.52 -32.16
CA GLN B 254 5.17 -11.18 -31.70
C GLN B 254 3.95 -10.79 -32.53
N ASN B 255 3.92 -9.52 -32.93
CA ASN B 255 2.78 -9.03 -33.68
C ASN B 255 2.78 -9.75 -35.02
N LEU B 256 3.98 -10.01 -35.52
CA LEU B 256 4.16 -10.76 -36.76
C LEU B 256 3.60 -12.17 -36.60
N THR B 257 3.98 -12.84 -35.51
CA THR B 257 3.50 -14.20 -35.22
C THR B 257 1.98 -14.25 -35.19
N LEU B 258 1.36 -13.29 -34.49
CA LEU B 258 -0.10 -13.20 -34.41
C LEU B 258 -0.76 -12.90 -35.77
N LEU B 259 -0.14 -12.03 -36.56
CA LEU B 259 -0.69 -11.65 -37.85
C LEU B 259 -0.56 -12.79 -38.85
N ARG B 260 0.55 -13.52 -38.79
CA ARG B 260 0.71 -14.68 -39.67
C ARG B 260 -0.27 -15.79 -39.32
N LYS B 261 -0.59 -15.90 -38.04
CA LYS B 261 -1.63 -16.84 -37.64
C LYS B 261 -2.98 -16.40 -38.19
N ALA B 262 -3.22 -15.10 -38.17
CA ALA B 262 -4.46 -14.55 -38.72
C ALA B 262 -4.47 -14.83 -40.22
N TYR B 263 -3.31 -14.71 -40.83
CA TYR B 263 -3.17 -14.97 -42.25
C TYR B 263 -3.58 -16.40 -42.60
N ASP B 264 -3.05 -17.37 -41.84
CA ASP B 264 -3.30 -18.78 -42.09
C ASP B 264 -4.76 -19.17 -41.83
N ALA B 265 -5.40 -18.45 -40.93
CA ALA B 265 -6.70 -18.86 -40.45
C ALA B 265 -7.83 -18.23 -41.25
N VAL B 266 -7.56 -17.06 -41.82
CA VAL B 266 -8.63 -16.32 -42.47
C VAL B 266 -8.85 -16.88 -43.89
N GLU B 267 -10.09 -16.83 -44.33
CA GLU B 267 -10.43 -17.25 -45.67
C GLU B 267 -9.71 -16.34 -46.68
N PRO B 268 -9.12 -16.94 -47.73
CA PRO B 268 -8.53 -16.07 -48.76
C PRO B 268 -9.57 -15.08 -49.30
N GLY B 269 -9.17 -13.85 -49.56
CA GLY B 269 -10.12 -12.80 -49.88
C GLY B 269 -10.70 -12.17 -48.61
N GLY B 270 -10.36 -12.76 -47.46
CA GLY B 270 -10.77 -12.27 -46.17
C GLY B 270 -9.96 -11.03 -45.75
N ARG B 271 -10.37 -10.44 -44.63
CA ARG B 271 -9.74 -9.22 -44.13
C ARG B 271 -9.08 -9.37 -42.75
N VAL B 272 -8.03 -8.57 -42.54
CA VAL B 272 -7.44 -8.42 -41.22
C VAL B 272 -7.59 -6.95 -40.76
N LEU B 273 -8.10 -6.75 -39.56
CA LEU B 273 -8.30 -5.43 -38.99
C LEU B 273 -7.55 -5.24 -37.66
N VAL B 274 -6.68 -4.24 -37.62
CA VAL B 274 -5.99 -3.91 -36.37
C VAL B 274 -6.55 -2.62 -35.82
N PHE B 275 -7.23 -2.72 -34.68
CA PHE B 275 -7.92 -1.57 -34.12
C PHE B 275 -7.41 -1.19 -32.74
N ASN B 276 -6.75 -0.04 -32.69
CA ASN B 276 -6.27 0.54 -31.44
C ASN B 276 -5.83 1.98 -31.66
N ALA B 277 -5.29 2.60 -30.61
CA ALA B 277 -4.73 3.92 -30.74
C ALA B 277 -3.42 3.80 -31.49
N PHE B 278 -3.07 4.85 -32.22
CA PHE B 278 -1.83 4.86 -33.01
C PHE B 278 -1.00 6.10 -32.74
N THR B 279 0.30 5.89 -32.80
CA THR B 279 1.29 6.95 -32.77
C THR B 279 1.46 7.52 -34.17
N ASP B 280 1.45 8.83 -34.31
CA ASP B 280 1.74 9.49 -35.59
C ASP B 280 3.08 9.07 -36.16
N ASP B 281 3.17 8.97 -37.47
CA ASP B 281 4.41 8.47 -38.06
C ASP B 281 5.56 9.42 -37.77
N ASP B 282 5.25 10.72 -37.60
CA ASP B 282 6.32 11.70 -37.37
C ASP B 282 6.80 11.73 -35.91
N ARG B 283 6.20 10.89 -35.08
CA ARG B 283 6.63 10.65 -33.69
C ARG B 283 6.49 11.92 -32.83
N THR B 284 5.49 12.75 -33.10
CA THR B 284 5.33 13.97 -32.34
C THR B 284 4.10 13.95 -31.47
N GLY B 285 3.27 12.92 -31.63
CA GLY B 285 2.02 12.84 -30.91
C GLY B 285 1.20 11.69 -31.46
N PRO B 286 -0.11 11.69 -31.23
CA PRO B 286 -0.84 12.67 -30.41
C PRO B 286 -0.55 12.53 -28.90
N LEU B 287 -0.99 13.52 -28.13
CA LEU B 287 -0.74 13.54 -26.70
C LEU B 287 -1.27 12.27 -26.00
N TYR B 288 -2.46 11.83 -26.41
CA TYR B 288 -3.14 10.65 -25.87
C TYR B 288 -2.20 9.44 -25.95
N ALA B 289 -1.62 9.21 -27.13
CA ALA B 289 -0.74 8.07 -27.28
C ALA B 289 0.51 8.25 -26.41
N ALA B 290 1.07 9.45 -26.44
CA ALA B 290 2.30 9.72 -25.72
C ALA B 290 2.14 9.45 -24.21
N LEU B 291 0.97 9.78 -23.67
CA LEU B 291 0.74 9.61 -22.24
C LEU B 291 0.31 8.20 -21.91
N ASP B 292 -0.62 7.65 -22.71
CA ASP B 292 -1.13 6.30 -22.49
C ASP B 292 -0.02 5.24 -22.52
N ASN B 293 1.08 5.58 -23.15
CA ASN B 293 2.25 4.72 -23.14
C ASN B 293 2.77 4.45 -21.73
N VAL B 294 2.46 5.33 -20.77
CA VAL B 294 2.95 5.09 -19.42
C VAL B 294 2.36 3.79 -18.89
N TYR B 295 1.08 3.59 -19.16
CA TYR B 295 0.42 2.33 -18.81
C TYR B 295 1.06 1.13 -19.52
N PHE B 296 1.28 1.21 -20.83
CA PHE B 296 1.82 0.06 -21.58
C PHE B 296 3.29 -0.24 -21.23
N THR B 297 4.05 0.77 -20.83
CA THR B 297 5.45 0.53 -20.48
C THR B 297 5.52 -0.15 -19.11
N THR B 298 4.58 0.14 -18.23
CA THR B 298 4.66 -0.37 -16.88
C THR B 298 3.88 -1.65 -16.57
N LEU B 299 2.77 -1.92 -17.26
CA LEU B 299 1.83 -2.92 -16.74
C LEU B 299 1.65 -4.20 -17.60
N PRO B 300 1.07 -4.09 -18.82
CA PRO B 300 0.63 -5.34 -19.45
C PRO B 300 1.73 -6.36 -19.72
N PHE B 301 2.82 -5.95 -20.36
CA PHE B 301 3.83 -6.90 -20.77
C PHE B 301 5.15 -6.16 -21.02
N ARG B 302 6.28 -6.87 -21.07
CA ARG B 302 7.59 -6.23 -21.18
C ARG B 302 7.87 -5.47 -22.50
N HIS B 303 7.09 -5.70 -23.56
CA HIS B 303 7.37 -5.00 -24.82
C HIS B 303 6.27 -4.02 -25.21
N SER B 304 5.23 -3.93 -24.41
CA SER B 304 4.04 -3.18 -24.79
C SER B 304 4.32 -1.72 -25.09
N THR B 305 3.77 -1.26 -26.22
CA THR B 305 3.79 0.14 -26.63
C THR B 305 2.82 0.40 -27.76
N ILE B 306 2.35 1.65 -27.84
CA ILE B 306 1.48 2.09 -28.92
C ILE B 306 2.33 2.34 -30.15
N HIS B 307 2.13 1.52 -31.17
CA HIS B 307 2.95 1.55 -32.36
C HIS B 307 2.46 2.60 -33.34
N ARG B 308 3.33 2.99 -34.26
CA ARG B 308 2.98 3.91 -35.35
C ARG B 308 2.19 3.19 -36.44
N TRP B 309 1.30 3.93 -37.11
CA TRP B 309 0.54 3.38 -38.24
C TRP B 309 1.45 2.64 -39.22
N ALA B 310 2.53 3.31 -39.60
CA ALA B 310 3.45 2.76 -40.58
C ALA B 310 4.08 1.43 -40.12
N ASP B 311 4.34 1.31 -38.82
CA ASP B 311 4.96 0.10 -38.30
C ASP B 311 3.95 -1.07 -38.40
N CYS B 312 2.71 -0.77 -38.07
CA CYS B 312 1.63 -1.73 -38.15
C CYS B 312 1.40 -2.18 -39.60
N GLU B 313 1.37 -1.20 -40.50
CA GLU B 313 1.16 -1.46 -41.91
C GLU B 313 2.27 -2.35 -42.42
N SER B 314 3.47 -2.07 -41.95
CA SER B 314 4.63 -2.84 -42.35
C SER B 314 4.49 -4.32 -41.91
N TRP B 315 3.98 -4.55 -40.70
CA TRP B 315 3.84 -5.92 -40.21
C TRP B 315 2.80 -6.71 -41.02
N LEU B 316 1.70 -6.06 -41.39
CA LEU B 316 0.67 -6.69 -42.20
C LEU B 316 1.25 -7.14 -43.52
N ARG B 317 2.02 -6.26 -44.16
CA ARG B 317 2.58 -6.61 -45.45
C ARG B 317 3.57 -7.73 -45.30
N GLU B 318 4.25 -7.82 -44.17
CA GLU B 318 5.28 -8.84 -44.09
C GLU B 318 4.67 -10.18 -43.59
N ALA B 319 3.44 -10.12 -43.08
CA ALA B 319 2.68 -11.32 -42.78
C ALA B 319 2.06 -11.84 -44.07
N GLY B 320 2.07 -11.01 -45.11
CA GLY B 320 1.59 -11.42 -46.40
C GLY B 320 0.29 -10.81 -46.85
N PHE B 321 -0.26 -9.90 -46.05
CA PHE B 321 -1.49 -9.25 -46.47
C PHE B 321 -1.20 -8.21 -47.55
N THR B 322 -2.22 -7.92 -48.37
CA THR B 322 -2.13 -6.95 -49.45
C THR B 322 -3.29 -5.96 -49.30
N ASP B 323 -3.25 -4.84 -50.04
CA ASP B 323 -4.27 -3.79 -49.92
C ASP B 323 -4.21 -3.14 -48.56
N VAL B 324 -3.01 -3.10 -47.99
CA VAL B 324 -2.84 -2.63 -46.62
C VAL B 324 -2.91 -1.11 -46.57
N GLY B 325 -3.68 -0.58 -45.62
CA GLY B 325 -3.86 0.86 -45.47
C GLY B 325 -4.46 1.24 -44.13
N ARG B 326 -4.79 2.51 -43.95
CA ARG B 326 -5.28 2.97 -42.66
C ARG B 326 -6.57 3.75 -42.77
N THR B 327 -7.32 3.77 -41.67
CA THR B 327 -8.52 4.59 -41.56
C THR B 327 -8.31 5.43 -40.31
N ALA B 328 -8.21 6.75 -40.49
CA ALA B 328 -7.94 7.63 -39.37
C ALA B 328 -8.93 8.78 -39.25
N PRO B 329 -10.19 8.47 -38.91
CA PRO B 329 -11.27 9.44 -38.93
C PRO B 329 -10.92 10.70 -38.16
N PRO B 330 -11.27 11.87 -38.71
CA PRO B 330 -10.97 13.12 -38.01
C PRO B 330 -11.84 13.29 -36.77
N GLY B 331 -11.26 13.75 -35.68
CA GLY B 331 -12.01 13.98 -34.45
C GLY B 331 -11.81 12.80 -33.54
N TRP B 332 -11.59 11.64 -34.15
CA TRP B 332 -11.43 10.37 -33.44
C TRP B 332 -10.00 10.04 -32.98
N THR B 333 -9.02 10.85 -33.39
CA THR B 333 -7.61 10.56 -33.05
C THR B 333 -7.46 10.25 -31.55
N PRO B 334 -6.51 9.39 -31.15
CA PRO B 334 -5.52 8.64 -31.94
C PRO B 334 -6.04 7.29 -32.43
N HIS B 335 -7.35 7.10 -32.40
CA HIS B 335 -7.88 5.79 -32.75
C HIS B 335 -8.15 5.62 -34.25
N GLY B 336 -7.71 4.47 -34.75
CA GLY B 336 -7.87 4.13 -36.15
C GLY B 336 -7.80 2.63 -36.37
N VAL B 337 -7.88 2.26 -37.64
CA VAL B 337 -7.78 0.86 -38.03
C VAL B 337 -6.75 0.76 -39.12
N VAL B 338 -5.84 -0.19 -39.00
CA VAL B 338 -4.99 -0.57 -40.11
C VAL B 338 -5.57 -1.88 -40.63
N SER B 339 -5.76 -1.99 -41.94
CA SER B 339 -6.42 -3.17 -42.47
C SER B 339 -5.71 -3.78 -43.68
N GLY B 340 -5.94 -5.07 -43.88
CA GLY B 340 -5.36 -5.79 -45.01
C GLY B 340 -6.26 -6.91 -45.51
N SER B 341 -5.89 -7.46 -46.66
CA SER B 341 -6.61 -8.58 -47.26
C SER B 341 -5.68 -9.75 -47.41
N ARG B 342 -6.23 -10.97 -47.32
CA ARG B 342 -5.47 -12.13 -47.75
C ARG B 342 -5.74 -12.34 -49.24
N PRO B 343 -4.68 -12.42 -50.04
CA PRO B 343 -4.81 -12.56 -51.49
C PRO B 343 -5.36 -13.92 -51.93
N ARG B 344 -6.08 -13.94 -53.05
CA ARG B 344 -6.61 -15.16 -53.64
C ARG B 344 -5.68 -15.75 -54.70
N GLU C 4 11.05 -14.49 30.83
CA GLU C 4 11.95 -14.93 29.78
C GLU C 4 11.53 -14.37 28.42
N LEU C 5 12.55 -14.09 27.59
CA LEU C 5 12.39 -13.32 26.37
C LEU C 5 12.10 -14.25 25.19
N SER C 6 12.40 -15.53 25.36
CA SER C 6 11.97 -16.58 24.44
C SER C 6 10.47 -16.57 24.17
N ALA C 7 9.69 -16.15 25.16
CA ALA C 7 8.24 -16.19 25.11
C ALA C 7 7.68 -15.34 23.96
N LEU C 8 8.43 -14.33 23.53
CA LEU C 8 7.98 -13.43 22.45
C LEU C 8 8.00 -14.09 21.06
N VAL C 9 8.70 -15.21 20.91
CA VAL C 9 8.97 -15.74 19.57
C VAL C 9 7.67 -15.97 18.76
N PRO C 10 6.69 -16.69 19.31
CA PRO C 10 5.47 -16.88 18.51
C PRO C 10 4.70 -15.59 18.27
N VAL C 11 4.87 -14.59 19.12
CA VAL C 11 4.23 -13.30 18.91
C VAL C 11 5.01 -12.50 17.84
N LEU C 12 6.33 -12.47 17.99
CA LEU C 12 7.21 -11.80 17.05
C LEU C 12 7.06 -12.35 15.65
N PHE C 13 6.69 -13.62 15.54
CA PHE C 13 6.49 -14.23 14.23
C PHE C 13 5.04 -14.64 14.04
N GLY C 14 4.12 -13.97 14.73
CA GLY C 14 2.73 -14.35 14.72
C GLY C 14 2.14 -14.40 13.32
N HIS C 15 2.46 -13.41 12.51
CA HIS C 15 1.92 -13.32 11.15
C HIS C 15 2.36 -14.51 10.31
N ALA C 16 3.57 -14.98 10.59
CA ALA C 16 4.14 -16.12 9.90
C ALA C 16 3.50 -17.43 10.37
N ALA C 17 3.15 -17.50 11.65
CA ALA C 17 2.43 -18.67 12.18
C ALA C 17 1.12 -18.84 11.42
N PHE C 18 0.41 -17.72 11.28
CA PHE C 18 -0.83 -17.70 10.54
C PHE C 18 -0.60 -18.16 9.10
N GLN C 19 0.50 -17.69 8.48
CA GLN C 19 0.74 -18.01 7.07
C GLN C 19 0.94 -19.51 6.89
N GLN C 20 1.50 -20.19 7.88
CA GLN C 20 1.63 -21.63 7.73
C GLN C 20 0.23 -22.28 7.72
N LEU C 21 -0.63 -21.86 8.64
CA LEU C 21 -1.97 -22.37 8.68
C LEU C 21 -2.68 -22.06 7.37
N ASN C 22 -2.49 -20.82 6.94
CA ASN C 22 -3.05 -20.32 5.69
C ASN C 22 -2.60 -21.18 4.51
N ALA C 23 -1.29 -21.44 4.46
CA ALA C 23 -0.71 -22.22 3.37
C ALA C 23 -1.20 -23.67 3.38
N GLY C 24 -1.26 -24.25 4.58
CA GLY C 24 -1.73 -25.61 4.74
C GLY C 24 -3.14 -25.81 4.20
N CYS C 25 -4.01 -24.84 4.44
CA CYS C 25 -5.38 -24.91 3.92
C CYS C 25 -5.40 -24.73 2.41
N GLN C 26 -4.91 -23.59 1.92
CA GLN C 26 -4.99 -23.25 0.50
C GLN C 26 -4.34 -24.33 -0.35
N LEU C 27 -3.27 -24.94 0.14
CA LEU C 27 -2.58 -25.92 -0.69
C LEU C 27 -3.16 -27.33 -0.56
N GLY C 28 -4.15 -27.51 0.30
CA GLY C 28 -4.79 -28.81 0.38
C GLY C 28 -3.97 -29.84 1.13
N LEU C 29 -3.03 -29.39 1.96
CA LEU C 29 -2.20 -30.31 2.73
C LEU C 29 -3.00 -31.10 3.81
N PHE C 30 -3.73 -30.39 4.66
CA PHE C 30 -4.46 -31.02 5.76
C PHE C 30 -5.49 -31.99 5.21
N GLU C 31 -6.14 -31.60 4.12
CA GLU C 31 -7.06 -32.47 3.42
C GLU C 31 -6.35 -33.70 2.90
N LEU C 32 -5.15 -33.50 2.36
CA LEU C 32 -4.36 -34.63 1.90
C LEU C 32 -3.92 -35.61 3.00
N LEU C 33 -3.33 -35.07 4.07
CA LEU C 33 -2.78 -35.91 5.15
C LEU C 33 -3.92 -36.67 5.82
N HIS C 34 -5.10 -36.04 5.83
CA HIS C 34 -6.27 -36.61 6.43
C HIS C 34 -6.73 -37.83 5.67
N GLU C 35 -6.78 -37.77 4.34
CA GLU C 35 -7.27 -38.95 3.66
C GLU C 35 -6.15 -39.96 3.35
N ARG C 36 -4.86 -39.55 3.33
CA ARG C 36 -3.80 -40.47 2.91
C ARG C 36 -2.55 -40.48 3.81
N GLY C 37 -2.66 -39.90 5.00
CA GLY C 37 -1.53 -39.96 5.90
C GLY C 37 -1.39 -41.36 6.46
N PRO C 38 -0.19 -41.71 6.92
CA PRO C 38 0.99 -40.84 6.89
C PRO C 38 1.58 -40.79 5.50
N LEU C 39 2.22 -39.68 5.17
CA LEU C 39 2.86 -39.51 3.88
C LEU C 39 4.26 -38.94 4.10
N SER C 40 5.18 -39.33 3.25
CA SER C 40 6.52 -38.73 3.27
C SER C 40 6.46 -37.33 2.64
N ALA C 41 7.48 -36.54 2.91
CA ALA C 41 7.59 -35.21 2.31
C ALA C 41 7.49 -35.26 0.78
N GLU C 42 8.09 -36.25 0.14
CA GLU C 42 8.03 -36.30 -1.33
C GLU C 42 6.66 -36.69 -1.86
N GLU C 43 5.94 -37.52 -1.09
CA GLU C 43 4.57 -37.86 -1.48
C GLU C 43 3.70 -36.63 -1.33
N VAL C 44 3.96 -35.83 -0.31
CA VAL C 44 3.25 -34.56 -0.16
C VAL C 44 3.53 -33.66 -1.36
N ALA C 45 4.82 -33.53 -1.68
CA ALA C 45 5.25 -32.67 -2.78
C ALA C 45 4.60 -33.13 -4.07
N ASP C 46 4.60 -34.43 -4.34
CA ASP C 46 3.99 -34.90 -5.58
C ASP C 46 2.47 -34.76 -5.56
N ALA C 47 1.82 -35.09 -4.45
CA ALA C 47 0.36 -34.98 -4.39
C ALA C 47 -0.07 -33.53 -4.57
N LEU C 48 0.58 -32.62 -3.86
CA LEU C 48 0.18 -31.22 -3.90
C LEU C 48 0.79 -30.47 -5.10
N ARG C 49 1.56 -31.17 -5.92
CA ARG C 49 2.23 -30.57 -7.08
C ARG C 49 3.08 -29.35 -6.69
N LEU C 50 3.86 -29.51 -5.63
CA LEU C 50 4.75 -28.47 -5.15
C LEU C 50 6.19 -28.87 -5.41
N PRO C 51 7.07 -27.90 -5.64
CA PRO C 51 8.49 -28.27 -5.64
C PRO C 51 8.79 -28.91 -4.30
N ARG C 52 9.73 -29.83 -4.24
CA ARG C 52 10.02 -30.44 -2.97
C ARG C 52 10.49 -29.44 -1.89
N ARG C 53 11.24 -28.41 -2.29
CA ARG C 53 11.73 -27.43 -1.31
C ARG C 53 10.55 -26.73 -0.64
N SER C 54 9.49 -26.49 -1.41
CA SER C 54 8.27 -25.87 -0.90
C SER C 54 7.56 -26.73 0.16
N ALA C 55 7.43 -28.01 -0.13
CA ALA C 55 6.82 -28.96 0.78
C ALA C 55 7.60 -29.02 2.08
N ASP C 56 8.91 -28.94 1.99
CA ASP C 56 9.76 -29.05 3.16
C ASP C 56 9.55 -27.88 4.09
N ILE C 57 9.51 -26.71 3.48
CA ILE C 57 9.31 -25.47 4.21
C ILE C 57 7.91 -25.52 4.81
N LEU C 58 6.92 -25.96 4.02
CA LEU C 58 5.57 -26.04 4.54
C LEU C 58 5.51 -27.02 5.71
N LEU C 59 6.03 -28.23 5.48
CA LEU C 59 5.91 -29.31 6.46
C LEU C 59 6.60 -28.94 7.76
N LEU C 60 7.70 -28.20 7.67
CA LEU C 60 8.40 -27.74 8.86
C LEU C 60 7.52 -26.75 9.62
N GLY C 61 6.87 -25.86 8.88
CA GLY C 61 5.99 -24.88 9.49
C GLY C 61 4.82 -25.57 10.20
N THR C 62 4.18 -26.52 9.52
CA THR C 62 2.98 -27.12 10.09
C THR C 62 3.35 -28.03 11.26
N THR C 63 4.46 -28.75 11.09
CA THR C 63 4.95 -29.63 12.13
C THR C 63 5.43 -28.87 13.38
N ALA C 64 6.23 -27.81 13.21
CA ALA C 64 6.67 -27.08 14.41
C ALA C 64 5.51 -26.43 15.15
N LEU C 65 4.42 -26.15 14.43
CA LEU C 65 3.25 -25.52 15.03
C LEU C 65 2.29 -26.53 15.65
N GLY C 66 2.55 -27.82 15.40
CA GLY C 66 1.65 -28.85 15.86
C GLY C 66 0.48 -29.08 14.94
N LEU C 67 0.38 -28.33 13.85
CA LEU C 67 -0.69 -28.53 12.86
C LEU C 67 -0.53 -29.87 12.14
N SER C 68 0.70 -30.36 12.07
CA SER C 68 0.95 -31.71 11.59
C SER C 68 1.92 -32.42 12.54
N THR C 69 2.05 -33.72 12.38
CA THR C 69 3.01 -34.49 13.16
C THR C 69 3.80 -35.35 12.22
N VAL C 70 5.02 -35.67 12.64
CA VAL C 70 5.86 -36.52 11.83
C VAL C 70 6.40 -37.67 12.68
N THR C 71 6.19 -38.89 12.21
CA THR C 71 6.81 -40.07 12.80
C THR C 71 7.44 -40.91 11.70
N ASP C 72 8.73 -41.20 11.84
CA ASP C 72 9.44 -42.09 10.91
C ASP C 72 9.48 -41.53 9.49
N GLY C 73 9.34 -40.21 9.39
CA GLY C 73 9.18 -39.53 8.11
C GLY C 73 7.80 -39.62 7.47
N GLY C 74 6.79 -40.01 8.25
CA GLY C 74 5.44 -39.98 7.73
C GLY C 74 4.71 -38.83 8.40
N TYR C 75 3.90 -38.12 7.65
CA TYR C 75 3.23 -36.93 8.20
C TYR C 75 1.75 -37.18 8.34
N ARG C 76 1.17 -36.70 9.44
CA ARG C 76 -0.25 -36.80 9.68
C ARG C 76 -0.72 -35.45 10.17
N ASN C 77 -2.02 -35.20 10.14
CA ASN C 77 -2.57 -33.98 10.71
C ASN C 77 -2.40 -34.05 12.23
N GLY C 78 -2.08 -32.92 12.85
CA GLY C 78 -2.00 -32.89 14.30
C GLY C 78 -3.41 -32.88 14.85
N ALA C 79 -3.52 -33.02 16.17
CA ALA C 79 -4.81 -33.14 16.84
C ALA C 79 -5.67 -31.90 16.64
N PRO C 80 -5.09 -30.69 16.67
CA PRO C 80 -6.02 -29.57 16.45
C PRO C 80 -6.64 -29.58 15.07
N ILE C 81 -5.90 -30.03 14.07
CA ILE C 81 -6.45 -30.17 12.71
C ILE C 81 -7.41 -31.37 12.62
N GLY C 82 -6.94 -32.51 13.14
CA GLY C 82 -7.71 -33.75 13.09
C GLY C 82 -9.05 -33.57 13.78
N ALA C 83 -9.05 -32.79 14.85
CA ALA C 83 -10.27 -32.50 15.63
C ALA C 83 -11.32 -31.83 14.78
N ALA C 84 -10.88 -30.92 13.90
CA ALA C 84 -11.81 -30.21 13.03
C ALA C 84 -12.51 -31.19 12.09
N PHE C 85 -11.75 -32.14 11.57
CA PHE C 85 -12.30 -33.19 10.73
C PHE C 85 -13.26 -34.06 11.55
N ARG C 86 -12.88 -34.37 12.79
CA ARG C 86 -13.70 -35.24 13.63
C ARG C 86 -15.09 -34.65 13.85
N ASP C 87 -15.14 -33.34 14.10
CA ASP C 87 -16.40 -32.68 14.45
C ASP C 87 -17.15 -32.14 13.22
N GLY C 88 -16.69 -32.52 12.04
CA GLY C 88 -17.31 -32.07 10.80
C GLY C 88 -17.12 -30.60 10.49
N LEU C 89 -16.09 -30.02 11.10
CA LEU C 89 -15.85 -28.58 11.03
C LEU C 89 -14.75 -28.19 10.03
N TRP C 90 -14.30 -29.12 9.22
CA TRP C 90 -13.22 -28.77 8.32
C TRP C 90 -13.63 -27.66 7.35
N PRO C 91 -14.76 -27.79 6.63
CA PRO C 91 -15.07 -26.71 5.69
C PRO C 91 -15.21 -25.36 6.40
N VAL C 92 -15.71 -25.42 7.62
CA VAL C 92 -15.85 -24.23 8.43
C VAL C 92 -14.49 -23.62 8.76
N LEU C 93 -13.55 -24.44 9.21
CA LEU C 93 -12.20 -23.97 9.56
C LEU C 93 -11.50 -23.39 8.33
N ARG C 94 -11.63 -24.11 7.22
CA ARG C 94 -11.08 -23.71 5.96
C ARG C 94 -11.59 -22.33 5.59
N ASP C 95 -12.90 -22.12 5.75
CA ASP C 95 -13.53 -20.87 5.34
C ASP C 95 -13.12 -19.67 6.20
N ILE C 96 -12.99 -19.87 7.50
CA ILE C 96 -12.58 -18.75 8.34
C ILE C 96 -11.10 -18.42 8.07
N VAL C 97 -10.31 -19.42 7.70
CA VAL C 97 -8.93 -19.14 7.34
C VAL C 97 -8.92 -18.29 6.07
N GLN C 98 -9.76 -18.61 5.09
CA GLN C 98 -9.83 -17.82 3.85
C GLN C 98 -10.21 -16.37 4.14
N TYR C 99 -11.14 -16.19 5.10
CA TYR C 99 -11.54 -14.87 5.56
C TYR C 99 -10.36 -14.08 6.14
N GLN C 100 -9.57 -14.71 7.02
CA GLN C 100 -8.40 -14.03 7.58
C GLN C 100 -7.50 -13.62 6.43
N ASP C 101 -7.29 -14.56 5.50
CA ASP C 101 -6.42 -14.32 4.37
C ASP C 101 -6.92 -13.20 3.44
N LYS C 102 -8.19 -13.29 3.02
CA LYS C 102 -8.78 -12.38 2.03
C LYS C 102 -9.32 -11.11 2.63
N ILE C 103 -9.70 -11.14 3.90
CA ILE C 103 -10.37 -9.99 4.51
C ILE C 103 -9.54 -9.29 5.60
N ALA C 104 -8.96 -10.05 6.52
CA ALA C 104 -8.43 -9.49 7.78
C ALA C 104 -6.96 -9.08 7.74
N TYR C 105 -6.13 -9.91 7.09
CA TYR C 105 -4.69 -9.86 7.22
C TYR C 105 -4.07 -8.55 6.81
N GLN C 106 -4.39 -8.10 5.62
CA GLN C 106 -3.76 -6.88 5.10
C GLN C 106 -4.28 -5.63 5.78
N PRO C 107 -5.61 -5.54 6.03
CA PRO C 107 -6.01 -4.38 6.83
C PRO C 107 -5.38 -4.37 8.23
N ALA C 108 -5.00 -5.53 8.74
CA ALA C 108 -4.43 -5.61 10.08
C ALA C 108 -3.15 -4.76 10.20
N ALA C 109 -2.46 -4.59 9.08
CA ALA C 109 -1.28 -3.77 9.02
C ALA C 109 -1.57 -2.31 9.41
N ASP C 110 -2.83 -1.91 9.41
CA ASP C 110 -3.17 -0.52 9.71
C ASP C 110 -3.62 -0.37 11.15
N TYR C 111 -3.31 -1.40 11.93
CA TYR C 111 -3.72 -1.43 13.31
C TYR C 111 -3.20 -0.23 14.09
N VAL C 112 -1.91 0.05 13.97
CA VAL C 112 -1.28 1.12 14.76
C VAL C 112 -1.93 2.47 14.46
N GLU C 113 -2.05 2.80 13.18
CA GLU C 113 -2.68 4.03 12.75
C GLU C 113 -4.11 4.09 13.25
N SER C 114 -4.81 2.97 13.12
CA SER C 114 -6.21 2.87 13.54
C SER C 114 -6.39 3.18 15.02
N LEU C 115 -5.51 2.63 15.85
CA LEU C 115 -5.50 2.96 17.27
C LEU C 115 -5.22 4.45 17.47
N ARG C 116 -4.20 4.95 16.78
CA ARG C 116 -3.74 6.31 16.98
C ARG C 116 -4.74 7.39 16.53
N THR C 117 -5.45 7.13 15.42
CA THR C 117 -6.36 8.14 14.85
C THR C 117 -7.81 7.89 15.18
N GLY C 118 -8.12 6.71 15.72
CA GLY C 118 -9.51 6.31 15.92
C GLY C 118 -10.29 5.98 14.66
N GLN C 119 -9.59 5.73 13.55
CA GLN C 119 -10.21 5.35 12.29
C GLN C 119 -10.13 3.85 12.06
N ASN C 120 -11.07 3.34 11.28
CA ASN C 120 -10.94 2.00 10.73
C ASN C 120 -10.13 2.12 9.44
N ALA C 121 -8.86 2.46 9.58
CA ALA C 121 -8.04 2.82 8.43
C ALA C 121 -7.84 1.65 7.48
N GLY C 122 -8.01 0.44 7.99
CA GLY C 122 -7.82 -0.74 7.18
C GLY C 122 -8.82 -0.81 6.05
N ILE C 123 -9.93 -0.07 6.18
CA ILE C 123 -10.96 -0.09 5.14
C ILE C 123 -10.46 0.48 3.80
N ARG C 124 -9.29 1.11 3.81
CA ARG C 124 -8.73 1.68 2.59
C ARG C 124 -8.38 0.57 1.60
N HIS C 125 -8.23 -0.64 2.10
CA HIS C 125 -7.89 -1.74 1.20
C HIS C 125 -9.05 -2.19 0.31
N PHE C 126 -10.25 -1.69 0.59
CA PHE C 126 -11.46 -2.02 -0.16
C PHE C 126 -12.00 -0.80 -0.89
N PRO C 127 -12.16 -0.90 -2.22
CA PRO C 127 -12.66 0.20 -3.05
C PRO C 127 -13.97 0.78 -2.53
N GLY C 128 -14.11 2.09 -2.66
CA GLY C 128 -15.27 2.77 -2.12
C GLY C 128 -14.88 3.97 -1.28
N THR C 129 -15.88 4.68 -0.78
CA THR C 129 -15.62 5.87 -0.02
C THR C 129 -16.44 5.94 1.24
N THR C 130 -17.37 5.00 1.42
CA THR C 130 -18.16 5.04 2.63
C THR C 130 -17.31 4.55 3.80
N ARG C 131 -17.75 4.85 5.00
CA ARG C 131 -16.93 4.66 6.20
C ARG C 131 -17.18 3.36 6.95
N ASP C 132 -18.07 2.51 6.44
CA ASP C 132 -18.30 1.21 7.06
C ASP C 132 -17.98 0.12 6.04
N LEU C 133 -17.50 -1.04 6.51
CA LEU C 133 -17.06 -2.10 5.59
C LEU C 133 -18.21 -2.63 4.74
N TYR C 134 -19.38 -2.78 5.36
CA TYR C 134 -20.50 -3.47 4.70
C TYR C 134 -21.00 -2.78 3.41
N SER C 135 -21.15 -1.47 3.43
CA SER C 135 -21.62 -0.72 2.26
C SER C 135 -20.55 -0.64 1.18
N ARG C 136 -19.36 -1.13 1.46
CA ARG C 136 -18.33 -1.18 0.43
C ARG C 136 -18.30 -2.51 -0.28
N LEU C 137 -18.97 -3.52 0.28
CA LEU C 137 -18.86 -4.86 -0.28
C LEU C 137 -19.41 -4.92 -1.72
N ALA C 138 -20.50 -4.20 -1.98
CA ALA C 138 -21.09 -4.20 -3.33
C ALA C 138 -20.13 -3.67 -4.38
N ALA C 139 -19.17 -2.87 -3.94
CA ALA C 139 -18.21 -2.25 -4.86
C ALA C 139 -17.34 -3.29 -5.60
N VAL C 140 -17.14 -4.46 -5.01
CA VAL C 140 -16.34 -5.50 -5.68
C VAL C 140 -17.15 -6.75 -6.04
N PRO C 141 -17.01 -7.25 -7.28
CA PRO C 141 -17.76 -8.43 -7.76
C PRO C 141 -17.43 -9.70 -6.96
N GLY C 142 -18.44 -10.26 -6.29
CA GLY C 142 -18.29 -11.50 -5.55
C GLY C 142 -17.72 -11.30 -4.17
N LEU C 143 -17.39 -10.05 -3.84
CA LEU C 143 -16.78 -9.72 -2.56
C LEU C 143 -17.76 -9.92 -1.42
N GLU C 144 -18.98 -9.46 -1.66
CA GLU C 144 -20.06 -9.58 -0.71
C GLU C 144 -20.28 -11.06 -0.36
N GLU C 145 -20.12 -11.92 -1.36
CA GLU C 145 -20.35 -13.34 -1.19
C GLU C 145 -19.21 -13.98 -0.39
N LEU C 146 -17.99 -13.58 -0.71
CA LEU C 146 -16.81 -14.07 0.02
C LEU C 146 -16.90 -13.67 1.49
N PHE C 147 -17.33 -12.42 1.75
CA PHE C 147 -17.46 -11.94 3.12
C PHE C 147 -18.47 -12.79 3.89
N TYR C 148 -19.63 -13.03 3.32
CA TYR C 148 -20.68 -13.73 4.07
C TYR C 148 -20.40 -15.23 4.19
N ARG C 149 -19.68 -15.78 3.22
CA ARG C 149 -19.20 -17.15 3.34
C ARG C 149 -18.43 -17.27 4.66
N GLY C 150 -17.63 -16.24 4.96
CA GLY C 150 -16.88 -16.13 6.21
C GLY C 150 -17.70 -15.89 7.45
N HIS C 152 -20.77 -16.58 7.86
CA HIS C 152 -21.48 -17.84 7.98
C HIS C 152 -20.63 -18.84 8.75
N ALA C 153 -19.38 -19.03 8.30
CA ALA C 153 -18.53 -20.03 8.94
C ALA C 153 -18.22 -19.65 10.38
N TRP C 154 -17.91 -18.38 10.63
CA TRP C 154 -17.64 -17.94 12.01
C TRP C 154 -18.83 -18.23 12.93
N SER C 155 -20.03 -17.95 12.46
CA SER C 155 -21.23 -18.21 13.25
C SER C 155 -21.48 -19.71 13.43
N GLN C 156 -21.16 -20.50 12.42
CA GLN C 156 -21.32 -21.94 12.54
C GLN C 156 -20.46 -22.44 13.68
N LEU C 157 -19.33 -21.77 13.84
CA LEU C 157 -18.40 -22.13 14.91
C LEU C 157 -18.87 -21.72 16.31
N SER C 158 -19.54 -20.58 16.44
CA SER C 158 -19.82 -20.08 17.78
C SER C 158 -21.29 -20.12 18.18
N ASN C 159 -22.20 -20.26 17.22
CA ASN C 159 -23.61 -20.15 17.59
C ASN C 159 -24.24 -21.34 18.36
N PRO C 160 -23.49 -22.45 18.60
CA PRO C 160 -24.12 -23.38 19.54
C PRO C 160 -24.54 -22.75 20.85
N VAL C 161 -23.75 -21.83 21.40
CA VAL C 161 -24.11 -21.12 22.62
C VAL C 161 -25.40 -20.34 22.37
N LEU C 162 -25.60 -19.88 21.13
CA LEU C 162 -26.82 -19.15 20.79
C LEU C 162 -28.01 -20.12 20.75
N LEU C 163 -27.82 -21.26 20.08
CA LEU C 163 -28.90 -22.22 19.96
C LEU C 163 -29.31 -22.77 21.32
N ALA C 164 -28.36 -22.87 22.25
CA ALA C 164 -28.64 -23.46 23.54
C ALA C 164 -29.22 -22.46 24.53
N GLN C 165 -29.46 -21.24 24.08
CA GLN C 165 -30.05 -20.25 24.96
C GLN C 165 -31.47 -20.68 25.37
N PRO C 166 -31.70 -20.76 26.69
CA PRO C 166 -32.96 -21.26 27.27
C PRO C 166 -34.17 -20.52 26.75
N ASP C 167 -33.97 -19.24 26.43
CA ASP C 167 -35.03 -18.33 25.99
C ASP C 167 -35.75 -18.79 24.74
N PHE C 168 -35.09 -19.61 23.94
CA PHE C 168 -35.63 -20.01 22.65
C PHE C 168 -36.64 -21.15 22.78
N THR C 169 -36.74 -21.69 23.99
CA THR C 169 -37.83 -22.61 24.35
C THR C 169 -39.07 -21.87 24.86
N ARG C 170 -38.95 -20.57 25.10
CA ARG C 170 -40.06 -19.80 25.67
C ARG C 170 -40.56 -18.64 24.79
N VAL C 171 -39.89 -18.39 23.67
CA VAL C 171 -40.23 -17.28 22.78
C VAL C 171 -40.71 -17.83 21.45
N HIS C 172 -41.30 -17.00 20.59
CA HIS C 172 -41.95 -17.52 19.38
C HIS C 172 -41.59 -16.80 18.07
N ARG C 173 -41.51 -15.47 18.12
CA ARG C 173 -41.22 -14.63 16.97
C ARG C 173 -39.95 -13.79 17.18
N VAL C 174 -38.89 -14.13 16.47
CA VAL C 174 -37.59 -13.48 16.67
C VAL C 174 -37.28 -12.45 15.60
N LEU C 175 -36.85 -11.26 16.05
CA LEU C 175 -36.36 -10.21 15.15
C LEU C 175 -34.83 -10.22 15.14
N ASP C 176 -34.28 -10.60 13.99
CA ASP C 176 -32.84 -10.78 13.80
C ASP C 176 -32.15 -9.51 13.28
N VAL C 177 -31.75 -8.62 14.18
CA VAL C 177 -31.27 -7.30 13.76
C VAL C 177 -29.84 -7.29 13.19
N GLY C 178 -29.74 -6.98 11.90
CA GLY C 178 -28.49 -7.07 11.18
C GLY C 178 -28.13 -8.54 11.00
N GLY C 179 -29.12 -9.34 10.61
CA GLY C 179 -29.01 -10.79 10.55
C GLY C 179 -28.18 -11.36 9.42
N GLY C 180 -27.63 -10.51 8.57
CA GLY C 180 -26.70 -10.95 7.52
C GLY C 180 -27.24 -11.95 6.51
N ASP C 181 -26.52 -13.05 6.32
CA ASP C 181 -26.94 -14.08 5.37
C ASP C 181 -27.89 -15.10 6.04
N ALA C 182 -28.38 -14.74 7.23
CA ALA C 182 -29.40 -15.52 7.95
C ALA C 182 -28.86 -16.86 8.47
N VAL C 183 -27.55 -16.94 8.62
CA VAL C 183 -26.93 -18.14 9.14
C VAL C 183 -27.55 -18.51 10.49
N ASN C 184 -27.74 -17.53 11.35
CA ASN C 184 -28.20 -17.80 12.70
C ASN C 184 -29.72 -17.98 12.76
N ALA C 185 -30.43 -17.26 11.90
CA ALA C 185 -31.88 -17.40 11.80
C ALA C 185 -32.26 -18.82 11.41
N VAL C 186 -31.56 -19.32 10.39
CA VAL C 186 -31.80 -20.67 9.93
C VAL C 186 -31.43 -21.71 10.99
N ALA C 187 -30.28 -21.51 11.65
CA ALA C 187 -29.84 -22.47 12.66
C ALA C 187 -30.83 -22.47 13.83
N LEU C 188 -31.33 -21.29 14.18
CA LEU C 188 -32.36 -21.21 15.19
C LEU C 188 -33.64 -21.91 14.73
N ALA C 189 -34.01 -21.69 13.48
CA ALA C 189 -35.23 -22.31 12.96
C ALA C 189 -35.17 -23.83 13.02
N ARG C 190 -34.04 -24.41 12.63
CA ARG C 190 -33.85 -25.85 12.70
C ARG C 190 -33.85 -26.36 14.16
N ALA C 191 -33.13 -25.68 15.05
CA ALA C 191 -32.98 -26.13 16.43
C ALA C 191 -34.29 -26.01 17.23
N HIS C 192 -35.13 -25.06 16.84
CA HIS C 192 -36.41 -24.83 17.51
C HIS C 192 -37.50 -24.68 16.44
N PRO C 193 -38.13 -25.80 16.04
CA PRO C 193 -39.13 -25.85 14.96
C PRO C 193 -40.34 -24.96 15.23
N SER C 194 -40.53 -24.60 16.49
CA SER C 194 -41.59 -23.69 16.90
C SER C 194 -41.38 -22.29 16.32
N LEU C 195 -40.12 -21.90 16.21
CA LEU C 195 -39.74 -20.52 15.93
C LEU C 195 -40.00 -20.08 14.50
N ARG C 196 -40.26 -18.78 14.36
CA ARG C 196 -40.32 -18.10 13.07
C ARG C 196 -39.43 -16.86 13.19
N VAL C 197 -38.73 -16.50 12.12
CA VAL C 197 -37.72 -15.44 12.21
C VAL C 197 -37.77 -14.40 11.09
N THR C 198 -37.70 -13.11 11.46
CA THR C 198 -37.48 -12.02 10.50
C THR C 198 -36.04 -11.49 10.53
N VAL C 199 -35.36 -11.59 9.40
CA VAL C 199 -33.99 -11.13 9.28
C VAL C 199 -33.91 -9.77 8.59
N LEU C 200 -33.43 -8.76 9.32
CA LEU C 200 -33.27 -7.40 8.80
C LEU C 200 -31.81 -7.11 8.46
N ASP C 201 -31.58 -6.58 7.27
CA ASP C 201 -30.23 -6.22 6.87
C ASP C 201 -30.33 -5.40 5.60
N ARG C 202 -29.17 -4.98 5.10
CA ARG C 202 -29.11 -4.31 3.82
C ARG C 202 -29.60 -5.26 2.72
N PRO C 203 -30.14 -4.70 1.62
CA PRO C 203 -30.61 -5.53 0.49
C PRO C 203 -29.54 -6.45 -0.07
N GLY C 204 -28.29 -6.01 -0.14
CA GLY C 204 -27.21 -6.85 -0.68
C GLY C 204 -27.00 -8.08 0.19
N ALA C 205 -27.07 -7.89 1.51
CA ALA C 205 -26.94 -9.00 2.43
C ALA C 205 -28.12 -9.95 2.26
N LEU C 206 -29.32 -9.39 2.14
CA LEU C 206 -30.52 -10.20 2.08
C LEU C 206 -30.60 -11.06 0.80
N GLU C 207 -29.93 -10.61 -0.26
CA GLU C 207 -29.85 -11.42 -1.46
C GLU C 207 -29.02 -12.68 -1.19
N VAL C 208 -27.98 -12.59 -0.37
CA VAL C 208 -27.26 -13.80 0.03
C VAL C 208 -28.11 -14.61 1.01
N ALA C 209 -28.81 -13.92 1.91
CA ALA C 209 -29.64 -14.60 2.89
C ALA C 209 -30.75 -15.43 2.22
N ARG C 210 -31.33 -14.90 1.14
CA ARG C 210 -32.37 -15.63 0.41
C ARG C 210 -31.85 -16.99 0.00
N LYS C 211 -30.63 -17.04 -0.49
CA LYS C 211 -30.07 -18.32 -0.88
C LYS C 211 -29.87 -19.23 0.33
N THR C 212 -29.40 -18.69 1.45
CA THR C 212 -29.19 -19.52 2.64
C THR C 212 -30.50 -20.12 3.13
N ILE C 213 -31.54 -19.30 3.12
CA ILE C 213 -32.87 -19.73 3.51
C ILE C 213 -33.39 -20.77 2.52
N ALA C 214 -33.20 -20.50 1.23
CA ALA C 214 -33.72 -21.38 0.19
C ALA C 214 -33.11 -22.77 0.29
N GLU C 215 -31.82 -22.85 0.54
CA GLU C 215 -31.16 -24.15 0.54
C GLU C 215 -31.38 -24.88 1.88
N ALA C 216 -31.99 -24.19 2.83
CA ALA C 216 -32.52 -24.83 4.04
C ALA C 216 -34.00 -25.17 3.87
N GLY C 217 -34.60 -24.67 2.79
CA GLY C 217 -36.01 -24.86 2.56
C GLY C 217 -36.83 -24.33 3.71
N LEU C 218 -36.46 -23.17 4.21
CA LEU C 218 -37.15 -22.57 5.37
C LEU C 218 -37.83 -21.23 5.05
N GLU C 219 -38.25 -21.06 3.80
CA GLU C 219 -38.82 -19.78 3.35
C GLU C 219 -40.05 -19.33 4.12
N GLU C 220 -40.83 -20.27 4.62
CA GLU C 220 -42.10 -19.90 5.25
C GLU C 220 -41.99 -19.72 6.74
N ARG C 221 -40.85 -20.12 7.28
CA ARG C 221 -40.59 -19.98 8.70
C ARG C 221 -39.54 -18.94 9.06
N VAL C 222 -38.78 -18.50 8.06
CA VAL C 222 -37.79 -17.42 8.16
C VAL C 222 -37.87 -16.48 6.98
N ARG C 223 -38.15 -15.20 7.19
CA ARG C 223 -38.18 -14.29 6.05
C ARG C 223 -37.26 -13.09 6.26
N THR C 224 -36.92 -12.45 5.14
CA THR C 224 -36.00 -11.32 5.10
C THR C 224 -36.77 -10.02 4.91
N HIS C 225 -36.30 -8.97 5.57
CA HIS C 225 -36.85 -7.64 5.36
C HIS C 225 -35.73 -6.60 5.33
N ALA C 226 -35.62 -5.87 4.22
CA ALA C 226 -34.57 -4.88 4.06
C ALA C 226 -34.88 -3.64 4.90
N ALA C 227 -33.92 -3.25 5.72
CA ALA C 227 -34.05 -2.06 6.54
C ALA C 227 -32.66 -1.53 6.98
N ASP C 228 -32.64 -0.25 7.35
CA ASP C 228 -31.46 0.31 7.97
C ASP C 228 -31.67 0.14 9.46
N ILE C 229 -30.76 -0.57 10.14
CA ILE C 229 -31.01 -0.93 11.54
C ILE C 229 -31.07 0.28 12.47
N PHE C 230 -30.55 1.42 12.04
CA PHE C 230 -30.65 2.65 12.83
C PHE C 230 -31.83 3.57 12.49
N THR C 231 -32.01 3.86 11.21
CA THR C 231 -32.93 4.92 10.81
C THR C 231 -34.37 4.49 10.57
N ASP C 232 -34.60 3.20 10.35
CA ASP C 232 -35.93 2.69 10.06
C ASP C 232 -36.62 2.10 11.26
N SER C 233 -37.92 1.90 11.10
CA SER C 233 -38.70 1.25 12.12
C SER C 233 -38.48 -0.26 12.02
N TYR C 234 -38.44 -0.91 13.18
CA TYR C 234 -38.38 -2.38 13.24
C TYR C 234 -39.78 -2.95 13.15
N PRO C 235 -39.95 -4.05 12.41
CA PRO C 235 -41.22 -4.79 12.30
C PRO C 235 -41.85 -5.11 13.65
N ALA C 236 -43.17 -4.90 13.73
CA ALA C 236 -43.91 -5.13 14.95
C ALA C 236 -44.27 -6.60 15.14
N GLY C 237 -44.85 -6.92 16.28
CA GLY C 237 -45.36 -8.25 16.55
C GLY C 237 -44.30 -9.29 16.77
N HIS C 238 -43.13 -8.89 17.25
CA HIS C 238 -42.10 -9.87 17.54
C HIS C 238 -41.87 -10.11 19.03
N ASP C 239 -41.69 -11.37 19.35
CA ASP C 239 -41.44 -11.85 20.70
C ASP C 239 -40.04 -11.54 21.23
N CYS C 240 -39.08 -11.62 20.31
CA CYS C 240 -37.67 -11.65 20.66
C CYS C 240 -36.84 -10.80 19.71
N VAL C 241 -35.99 -9.95 20.28
CA VAL C 241 -35.05 -9.18 19.46
C VAL C 241 -33.62 -9.70 19.66
N LEU C 242 -33.02 -10.16 18.56
CA LEU C 242 -31.69 -10.75 18.60
C LEU C 242 -30.62 -9.84 18.01
N PHE C 243 -29.56 -9.61 18.78
CA PHE C 243 -28.38 -8.93 18.25
C PHE C 243 -27.26 -9.95 18.20
N ALA C 244 -27.00 -10.48 17.01
CA ALA C 244 -25.95 -11.47 16.83
C ALA C 244 -24.76 -10.85 16.09
N HIS C 245 -23.61 -10.77 16.78
CA HIS C 245 -22.36 -10.25 16.20
C HIS C 245 -22.63 -8.87 15.61
N GLN C 246 -23.32 -8.04 16.39
CA GLN C 246 -23.85 -6.78 15.91
C GLN C 246 -23.34 -5.60 16.73
N LEU C 247 -23.49 -5.70 18.04
CA LEU C 247 -23.15 -4.61 18.92
C LEU C 247 -21.63 -4.43 19.06
N VAL C 248 -20.87 -5.43 18.64
CA VAL C 248 -19.41 -5.30 18.60
C VAL C 248 -19.01 -4.27 17.54
N ILE C 249 -19.88 -4.04 16.56
CA ILE C 249 -19.61 -3.08 15.50
C ILE C 249 -19.70 -1.59 15.90
N TRP C 250 -20.61 -1.26 16.82
CA TRP C 250 -20.93 0.16 17.04
C TRP C 250 -20.42 0.70 18.39
N SER C 251 -20.48 2.02 18.54
CA SER C 251 -20.10 2.64 19.80
C SER C 251 -21.12 2.32 20.90
N PRO C 252 -20.77 2.60 22.17
CA PRO C 252 -21.78 2.36 23.20
C PRO C 252 -23.05 3.21 23.02
N GLU C 253 -22.90 4.45 22.58
CA GLU C 253 -24.06 5.32 22.41
C GLU C 253 -24.90 4.77 21.28
N GLN C 254 -24.25 4.21 20.26
CA GLN C 254 -24.97 3.62 19.15
C GLN C 254 -25.69 2.34 19.55
N ASN C 255 -25.09 1.55 20.44
CA ASN C 255 -25.73 0.31 20.86
C ASN C 255 -26.97 0.63 21.65
N LEU C 256 -26.88 1.71 22.40
CA LEU C 256 -27.97 2.22 23.22
C LEU C 256 -29.18 2.58 22.34
N THR C 257 -28.89 3.23 21.21
CA THR C 257 -29.92 3.53 20.26
C THR C 257 -30.59 2.24 19.79
N LEU C 258 -29.79 1.26 19.43
CA LEU C 258 -30.30 0.00 18.92
C LEU C 258 -31.15 -0.74 19.95
N LEU C 259 -30.72 -0.67 21.20
CA LEU C 259 -31.40 -1.36 22.27
C LEU C 259 -32.76 -0.72 22.58
N ARG C 260 -32.86 0.59 22.45
CA ARG C 260 -34.13 1.28 22.61
C ARG C 260 -35.13 0.95 21.51
N LYS C 261 -34.62 0.90 20.29
CA LYS C 261 -35.43 0.50 19.14
C LYS C 261 -35.84 -0.93 19.36
N ALA C 262 -34.94 -1.70 19.97
CA ALA C 262 -35.26 -3.08 20.31
C ALA C 262 -36.37 -3.13 21.36
N TYR C 263 -36.30 -2.24 22.35
CA TYR C 263 -37.30 -2.17 23.42
C TYR C 263 -38.67 -1.79 22.86
N ASP C 264 -38.68 -0.75 22.02
CA ASP C 264 -39.90 -0.21 21.45
C ASP C 264 -40.59 -1.18 20.48
N ALA C 265 -39.81 -2.06 19.86
CA ALA C 265 -40.36 -2.92 18.82
C ALA C 265 -40.86 -4.24 19.40
N VAL C 266 -40.27 -4.63 20.53
CA VAL C 266 -40.58 -5.93 21.10
C VAL C 266 -41.87 -5.88 21.93
N GLU C 267 -42.63 -6.97 21.86
CA GLU C 267 -43.83 -7.13 22.68
C GLU C 267 -43.45 -7.18 24.13
N PRO C 268 -44.26 -6.54 24.99
CA PRO C 268 -44.05 -6.60 26.45
C PRO C 268 -43.95 -8.04 26.92
N GLY C 269 -43.08 -8.32 27.87
CA GLY C 269 -42.78 -9.69 28.24
C GLY C 269 -41.77 -10.34 27.32
N GLY C 270 -41.37 -9.60 26.29
CA GLY C 270 -40.41 -10.13 25.34
C GLY C 270 -39.02 -10.17 25.91
N ARG C 271 -38.12 -10.80 25.18
CA ARG C 271 -36.74 -10.92 25.62
C ARG C 271 -35.83 -10.27 24.58
N VAL C 272 -34.71 -9.73 25.04
CA VAL C 272 -33.70 -9.20 24.13
C VAL C 272 -32.44 -10.04 24.31
N LEU C 273 -31.85 -10.44 23.21
CA LEU C 273 -30.66 -11.28 23.26
C LEU C 273 -29.48 -10.63 22.55
N VAL C 274 -28.38 -10.46 23.29
CA VAL C 274 -27.13 -9.96 22.70
C VAL C 274 -26.12 -11.09 22.59
N PHE C 275 -25.80 -11.46 21.35
CA PHE C 275 -24.97 -12.63 21.05
C PHE C 275 -23.71 -12.28 20.28
N ASN C 276 -22.56 -12.40 20.95
CA ASN C 276 -21.24 -12.19 20.33
C ASN C 276 -20.11 -12.56 21.28
N ALA C 277 -18.88 -12.29 20.86
CA ALA C 277 -17.74 -12.48 21.74
C ALA C 277 -17.72 -11.40 22.81
N PHE C 278 -17.21 -11.73 23.99
CA PHE C 278 -17.17 -10.79 25.09
C PHE C 278 -15.81 -10.69 25.76
N THR C 279 -15.48 -9.48 26.16
CA THR C 279 -14.31 -9.22 26.96
C THR C 279 -14.65 -9.49 28.42
N ASP C 280 -13.79 -10.22 29.12
CA ASP C 280 -13.93 -10.43 30.57
C ASP C 280 -13.98 -9.09 31.29
N ASP C 281 -14.77 -9.03 32.36
CA ASP C 281 -14.96 -7.76 33.04
C ASP C 281 -13.66 -7.22 33.64
N ASP C 282 -12.73 -8.11 33.98
CA ASP C 282 -11.47 -7.64 34.56
C ASP C 282 -10.47 -7.21 33.50
N ARG C 283 -10.91 -7.25 32.23
CA ARG C 283 -10.12 -6.71 31.13
C ARG C 283 -8.79 -7.42 30.93
N THR C 284 -8.75 -8.72 31.20
CA THR C 284 -7.51 -9.47 31.08
C THR C 284 -7.52 -10.46 29.95
N GLY C 285 -8.69 -10.59 29.32
CA GLY C 285 -8.87 -11.56 28.25
C GLY C 285 -10.31 -11.68 27.87
N PRO C 286 -10.68 -12.76 27.15
CA PRO C 286 -9.87 -13.87 26.66
C PRO C 286 -8.91 -13.49 25.55
N LEU C 287 -8.00 -14.39 25.21
CA LEU C 287 -7.04 -14.15 24.14
C LEU C 287 -7.75 -13.84 22.82
N TYR C 288 -8.81 -14.59 22.54
CA TYR C 288 -9.61 -14.46 21.31
C TYR C 288 -10.12 -13.04 21.13
N ALA C 289 -10.76 -12.49 22.15
CA ALA C 289 -11.31 -11.13 22.04
C ALA C 289 -10.19 -10.11 21.91
N ALA C 290 -9.14 -10.31 22.70
CA ALA C 290 -8.00 -9.40 22.70
C ALA C 290 -7.35 -9.34 21.30
N LEU C 291 -7.31 -10.47 20.62
CA LEU C 291 -6.69 -10.54 19.29
C LEU C 291 -7.68 -10.11 18.20
N ASP C 292 -8.91 -10.60 18.31
CA ASP C 292 -9.94 -10.30 17.34
C ASP C 292 -10.27 -8.79 17.30
N ASN C 293 -9.97 -8.08 18.39
CA ASN C 293 -10.12 -6.63 18.41
C ASN C 293 -9.29 -5.90 17.35
N VAL C 294 -8.20 -6.53 16.89
CA VAL C 294 -7.38 -5.94 15.82
C VAL C 294 -8.17 -5.74 14.51
N TYR C 295 -8.99 -6.75 14.17
CA TYR C 295 -9.91 -6.66 13.04
C TYR C 295 -10.93 -5.55 13.22
N PHE C 296 -11.56 -5.50 14.39
CA PHE C 296 -12.61 -4.51 14.63
C PHE C 296 -12.09 -3.10 14.65
N THR C 297 -10.85 -2.93 15.08
CA THR C 297 -10.29 -1.60 15.14
C THR C 297 -9.93 -1.08 13.75
N THR C 298 -9.59 -2.01 12.87
CA THR C 298 -9.09 -1.65 11.55
C THR C 298 -10.13 -1.59 10.41
N LEU C 299 -11.19 -2.40 10.47
CA LEU C 299 -12.08 -2.58 9.33
C LEU C 299 -13.57 -2.10 9.41
N PRO C 300 -14.38 -2.72 10.27
CA PRO C 300 -15.84 -2.53 10.08
C PRO C 300 -16.33 -1.08 10.15
N PHE C 301 -16.03 -0.40 11.24
CA PHE C 301 -16.50 0.95 11.54
C PHE C 301 -15.54 1.58 12.57
N ARG C 302 -15.52 2.90 12.68
CA ARG C 302 -14.54 3.61 13.47
C ARG C 302 -14.66 3.31 14.95
N HIS C 303 -15.80 2.77 15.37
CA HIS C 303 -16.03 2.47 16.78
C HIS C 303 -16.11 0.98 17.14
N SER C 304 -15.91 0.09 16.18
CA SER C 304 -16.07 -1.34 16.45
C SER C 304 -15.09 -1.81 17.54
N THR C 305 -15.60 -2.59 18.48
CA THR C 305 -14.77 -3.27 19.45
C THR C 305 -15.60 -4.32 20.17
N ILE C 306 -14.94 -5.36 20.68
CA ILE C 306 -15.59 -6.37 21.53
C ILE C 306 -15.75 -5.83 22.98
N HIS C 307 -16.98 -5.63 23.41
CA HIS C 307 -17.27 -5.02 24.71
C HIS C 307 -17.27 -5.99 25.89
N ARG C 308 -17.15 -5.45 27.10
CA ARG C 308 -17.26 -6.32 28.27
C ARG C 308 -18.72 -6.69 28.58
N TRP C 309 -18.92 -7.88 29.15
CA TRP C 309 -20.24 -8.33 29.58
C TRP C 309 -20.98 -7.25 30.39
N ALA C 310 -20.29 -6.73 31.41
CA ALA C 310 -20.88 -5.74 32.30
C ALA C 310 -21.24 -4.45 31.59
N ASP C 311 -20.46 -4.03 30.60
CA ASP C 311 -20.81 -2.81 29.88
C ASP C 311 -22.09 -3.02 29.12
N CYS C 312 -22.18 -4.18 28.46
CA CYS C 312 -23.36 -4.55 27.70
C CYS C 312 -24.59 -4.64 28.60
N GLU C 313 -24.41 -5.26 29.76
CA GLU C 313 -25.50 -5.41 30.72
C GLU C 313 -26.05 -4.06 31.13
N SER C 314 -25.15 -3.11 31.27
CA SER C 314 -25.48 -1.76 31.66
C SER C 314 -26.39 -1.11 30.60
N TRP C 315 -26.08 -1.35 29.33
CA TRP C 315 -26.85 -0.79 28.22
C TRP C 315 -28.26 -1.40 28.21
N LEU C 316 -28.34 -2.69 28.51
CA LEU C 316 -29.64 -3.36 28.60
C LEU C 316 -30.49 -2.71 29.68
N ARG C 317 -29.90 -2.51 30.86
CA ARG C 317 -30.66 -1.89 31.93
C ARG C 317 -31.02 -0.46 31.59
N GLU C 318 -30.20 0.22 30.82
CA GLU C 318 -30.46 1.62 30.55
C GLU C 318 -31.40 1.79 29.33
N ALA C 319 -31.59 0.70 28.58
CA ALA C 319 -32.57 0.69 27.51
C ALA C 319 -33.97 0.49 28.07
N GLY C 320 -34.02 0.08 29.33
CA GLY C 320 -35.27 -0.16 30.02
C GLY C 320 -35.54 -1.63 30.24
N PHE C 321 -34.58 -2.47 29.87
CA PHE C 321 -34.75 -3.91 30.10
C PHE C 321 -34.48 -4.29 31.56
N THR C 322 -35.09 -5.40 31.97
CA THR C 322 -34.98 -5.86 33.35
C THR C 322 -34.60 -7.33 33.34
N ASP C 323 -34.14 -7.84 34.49
CA ASP C 323 -33.73 -9.25 34.60
C ASP C 323 -32.48 -9.51 33.74
N VAL C 324 -31.60 -8.51 33.70
CA VAL C 324 -30.43 -8.49 32.84
C VAL C 324 -29.36 -9.45 33.38
N GLY C 325 -28.78 -10.25 32.49
CA GLY C 325 -27.76 -11.21 32.91
C GLY C 325 -27.02 -11.79 31.74
N ARG C 326 -26.15 -12.76 32.01
CA ARG C 326 -25.29 -13.39 31.02
C ARG C 326 -25.30 -14.90 31.12
N THR C 327 -24.95 -15.59 30.03
CA THR C 327 -24.69 -17.02 30.10
C THR C 327 -23.40 -17.48 29.32
N ALA C 328 -22.43 -18.09 30.03
CA ALA C 328 -21.14 -18.62 29.49
C ALA C 328 -21.21 -20.18 29.25
N PRO C 329 -20.10 -20.97 29.39
CA PRO C 329 -18.69 -20.78 29.00
C PRO C 329 -18.77 -20.43 27.51
N PRO C 330 -18.94 -21.39 26.57
CA PRO C 330 -18.54 -22.78 26.28
C PRO C 330 -17.06 -22.83 25.90
N GLY C 331 -16.34 -23.84 26.38
CA GLY C 331 -14.94 -24.06 26.03
C GLY C 331 -14.05 -22.99 25.41
N TRP C 332 -14.02 -22.97 24.06
CA TRP C 332 -12.94 -22.32 23.29
C TRP C 332 -13.00 -20.84 23.08
N THR C 333 -14.22 -20.40 23.02
CA THR C 333 -14.48 -19.12 22.46
C THR C 333 -15.01 -18.26 23.59
N PRO C 334 -14.90 -16.94 23.43
CA PRO C 334 -15.38 -15.95 24.38
C PRO C 334 -16.83 -15.60 24.10
N HIS C 335 -17.54 -16.52 23.45
CA HIS C 335 -18.91 -16.29 23.05
C HIS C 335 -19.95 -16.56 24.14
N GLY C 336 -20.90 -15.64 24.24
CA GLY C 336 -21.95 -15.73 25.23
C GLY C 336 -23.19 -14.96 24.80
N VAL C 337 -24.16 -14.90 25.71
CA VAL C 337 -25.38 -14.15 25.50
C VAL C 337 -25.63 -13.27 26.71
N VAL C 338 -25.91 -12.00 26.46
CA VAL C 338 -26.45 -11.15 27.49
C VAL C 338 -27.91 -10.91 27.16
N SER C 339 -28.77 -11.11 28.14
CA SER C 339 -30.19 -11.05 27.89
C SER C 339 -30.96 -10.21 28.92
N GLY C 340 -32.09 -9.67 28.49
CA GLY C 340 -32.96 -8.89 29.34
C GLY C 340 -34.41 -9.04 28.91
N SER C 341 -35.33 -8.58 29.76
CA SER C 341 -36.75 -8.68 29.45
C SER C 341 -37.39 -7.32 29.34
N ARG C 342 -38.40 -7.23 28.48
CA ARG C 342 -39.28 -6.08 28.53
C ARG C 342 -40.40 -6.42 29.51
N PRO C 343 -40.60 -5.54 30.50
CA PRO C 343 -41.64 -5.77 31.51
C PRO C 343 -43.04 -5.64 30.91
N ARG C 344 -44.01 -6.36 31.47
CA ARG C 344 -45.36 -6.27 30.98
C ARG C 344 -46.11 -5.28 31.86
N GLU D 4 -7.02 -30.61 19.01
CA GLU D 4 -8.28 -30.15 19.59
C GLU D 4 -8.27 -28.64 19.33
N LEU D 5 -9.43 -28.00 19.22
CA LEU D 5 -9.42 -26.70 18.50
C LEU D 5 -9.08 -25.39 19.24
N SER D 6 -8.99 -25.33 20.57
CA SER D 6 -8.42 -24.12 21.19
C SER D 6 -7.09 -23.78 20.55
N ALA D 7 -6.31 -24.82 20.29
CA ALA D 7 -4.90 -24.66 19.92
C ALA D 7 -4.75 -23.80 18.69
N LEU D 8 -5.75 -23.81 17.81
CA LEU D 8 -5.66 -23.06 16.56
C LEU D 8 -5.80 -21.57 16.78
N VAL D 9 -6.34 -21.17 17.93
CA VAL D 9 -6.69 -19.76 18.14
C VAL D 9 -5.48 -18.80 18.03
N PRO D 10 -4.39 -19.08 18.78
CA PRO D 10 -3.28 -18.12 18.60
C PRO D 10 -2.66 -18.17 17.20
N VAL D 11 -2.81 -19.27 16.50
CA VAL D 11 -2.31 -19.38 15.12
C VAL D 11 -3.24 -18.65 14.13
N LEU D 12 -4.53 -18.95 14.22
CA LEU D 12 -5.56 -18.33 13.40
C LEU D 12 -5.57 -16.80 13.57
N PHE D 13 -5.14 -16.30 14.73
CA PHE D 13 -5.06 -14.86 14.97
C PHE D 13 -3.59 -14.44 15.16
N GLY D 14 -2.69 -15.22 14.56
CA GLY D 14 -1.28 -14.96 14.73
C GLY D 14 -0.86 -13.57 14.29
N HIS D 15 -1.36 -13.13 13.15
CA HIS D 15 -0.98 -11.83 12.61
C HIS D 15 -1.42 -10.71 13.56
N ALA D 16 -2.57 -10.94 14.20
CA ALA D 16 -3.14 -9.97 15.13
C ALA D 16 -2.34 -9.99 16.42
N ALA D 17 -1.85 -11.18 16.76
CA ALA D 17 -0.98 -11.31 17.90
C ALA D 17 0.24 -10.42 17.64
N PHE D 18 0.80 -10.54 16.44
CA PHE D 18 1.94 -9.71 16.10
C PHE D 18 1.63 -8.22 16.22
N GLN D 19 0.47 -7.82 15.71
CA GLN D 19 0.13 -6.41 15.65
C GLN D 19 0.05 -5.76 17.02
N GLN D 20 -0.38 -6.53 18.02
CA GLN D 20 -0.43 -5.99 19.39
C GLN D 20 0.99 -5.69 19.87
N LEU D 21 1.91 -6.61 19.62
CA LEU D 21 3.30 -6.37 19.97
C LEU D 21 3.83 -5.14 19.20
N ASN D 22 3.51 -5.13 17.92
CA ASN D 22 3.85 -4.06 17.00
C ASN D 22 3.36 -2.70 17.51
N ALA D 23 2.09 -2.66 17.94
CA ALA D 23 1.47 -1.43 18.43
C ALA D 23 2.09 -0.93 19.74
N GLY D 24 2.35 -1.86 20.65
CA GLY D 24 2.93 -1.54 21.94
C GLY D 24 4.30 -0.89 21.77
N CYS D 25 5.08 -1.42 20.83
CA CYS D 25 6.39 -0.86 20.56
C CYS D 25 6.27 0.52 19.94
N GLN D 26 5.62 0.56 18.80
CA GLN D 26 5.54 1.78 18.00
C GLN D 26 4.91 2.98 18.71
N LEU D 27 3.88 2.73 19.53
CA LEU D 27 3.16 3.81 20.22
C LEU D 27 3.80 4.22 21.54
N GLY D 28 4.88 3.56 21.92
CA GLY D 28 5.62 3.90 23.11
C GLY D 28 5.05 3.35 24.40
N LEU D 29 4.23 2.31 24.32
CA LEU D 29 3.61 1.74 25.51
C LEU D 29 4.64 1.09 26.45
N PHE D 30 5.47 0.20 25.94
CA PHE D 30 6.40 -0.52 26.80
C PHE D 30 7.44 0.40 27.46
N GLU D 31 7.95 1.37 26.70
CA GLU D 31 8.85 2.38 27.26
C GLU D 31 8.14 3.24 28.30
N LEU D 32 6.90 3.58 28.03
CA LEU D 32 6.10 4.30 29.00
C LEU D 32 5.87 3.49 30.29
N LEU D 33 5.47 2.22 30.14
CA LEU D 33 5.22 1.41 31.31
C LEU D 33 6.50 1.15 32.12
N HIS D 34 7.65 1.02 31.43
CA HIS D 34 8.91 0.74 32.09
C HIS D 34 9.38 1.88 32.99
N GLU D 35 9.25 3.11 32.51
CA GLU D 35 9.72 4.24 33.25
C GLU D 35 8.70 4.75 34.27
N ARG D 36 7.42 4.49 34.04
CA ARG D 36 6.40 5.11 34.88
C ARG D 36 5.31 4.18 35.37
N GLY D 37 5.49 2.87 35.20
CA GLY D 37 4.47 1.97 35.70
C GLY D 37 4.48 1.93 37.21
N PRO D 38 3.36 1.52 37.84
CA PRO D 38 2.11 1.17 37.17
C PRO D 38 1.31 2.39 36.73
N LEU D 39 0.52 2.22 35.67
CA LEU D 39 -0.30 3.32 35.16
C LEU D 39 -1.72 2.84 34.92
N SER D 40 -2.68 3.70 35.17
CA SER D 40 -4.04 3.37 34.79
C SER D 40 -4.16 3.56 33.28
N ALA D 41 -5.15 2.90 32.69
CA ALA D 41 -5.47 2.99 31.28
C ALA D 41 -5.66 4.45 30.86
N GLU D 42 -6.24 5.23 31.78
CA GLU D 42 -6.59 6.60 31.46
C GLU D 42 -5.32 7.41 31.36
N GLU D 43 -4.33 7.03 32.17
CA GLU D 43 -3.00 7.63 32.14
C GLU D 43 -2.20 7.25 30.90
N VAL D 44 -2.32 6.00 30.50
CA VAL D 44 -1.70 5.54 29.26
C VAL D 44 -2.28 6.31 28.06
N ALA D 45 -3.59 6.50 28.03
CA ALA D 45 -4.19 7.19 26.89
C ALA D 45 -3.60 8.58 26.76
N ASP D 46 -3.51 9.30 27.88
CA ASP D 46 -2.98 10.65 27.86
C ASP D 46 -1.50 10.67 27.56
N ALA D 47 -0.73 9.74 28.11
CA ALA D 47 0.70 9.75 27.87
C ALA D 47 0.98 9.49 26.41
N LEU D 48 0.33 8.49 25.85
CA LEU D 48 0.60 8.06 24.50
C LEU D 48 -0.21 8.82 23.43
N ARG D 49 -1.01 9.81 23.86
CA ARG D 49 -1.94 10.56 23.00
C ARG D 49 -2.88 9.65 22.26
N LEU D 50 -3.48 8.71 22.97
CA LEU D 50 -4.40 7.80 22.34
C LEU D 50 -5.81 8.16 22.75
N PRO D 51 -6.79 7.93 21.86
CA PRO D 51 -8.14 7.99 22.40
C PRO D 51 -8.28 6.92 23.48
N ARG D 52 -9.07 7.18 24.52
CA ARG D 52 -9.27 6.21 25.59
C ARG D 52 -9.76 4.82 25.15
N ARG D 53 -10.62 4.76 24.13
CA ARG D 53 -11.04 3.46 23.61
C ARG D 53 -9.85 2.68 22.99
N SER D 54 -8.95 3.41 22.34
CA SER D 54 -7.75 2.83 21.74
C SER D 54 -6.79 2.28 22.81
N ALA D 55 -6.57 3.06 23.86
CA ALA D 55 -5.76 2.61 24.98
C ALA D 55 -6.37 1.35 25.57
N ASP D 56 -7.70 1.29 25.66
CA ASP D 56 -8.35 0.12 26.25
C ASP D 56 -8.09 -1.12 25.40
N ILE D 57 -8.19 -0.95 24.08
CA ILE D 57 -7.99 -2.06 23.13
C ILE D 57 -6.54 -2.55 23.11
N LEU D 58 -5.59 -1.63 23.07
CA LEU D 58 -4.18 -2.00 23.10
C LEU D 58 -3.85 -2.74 24.41
N LEU D 59 -4.26 -2.15 25.53
CA LEU D 59 -3.96 -2.71 26.84
C LEU D 59 -4.56 -4.10 27.01
N LEU D 60 -5.69 -4.35 26.36
CA LEU D 60 -6.28 -5.67 26.41
C LEU D 60 -5.41 -6.63 25.62
N GLY D 61 -4.94 -6.18 24.46
CA GLY D 61 -4.14 -7.03 23.61
C GLY D 61 -2.86 -7.46 24.30
N THR D 62 -2.14 -6.49 24.87
CA THR D 62 -0.83 -6.79 25.45
C THR D 62 -0.96 -7.60 26.72
N THR D 63 -2.00 -7.31 27.50
CA THR D 63 -2.25 -8.01 28.75
C THR D 63 -2.63 -9.48 28.45
N ALA D 64 -3.53 -9.70 27.51
CA ALA D 64 -3.92 -11.07 27.20
C ALA D 64 -2.72 -11.86 26.66
N LEU D 65 -1.76 -11.14 26.08
CA LEU D 65 -0.58 -11.78 25.51
C LEU D 65 0.52 -11.97 26.56
N GLY D 66 0.35 -11.39 27.73
CA GLY D 66 1.45 -11.43 28.68
C GLY D 66 2.51 -10.37 28.43
N LEU D 67 2.35 -9.53 27.39
CA LEU D 67 3.29 -8.43 27.15
C LEU D 67 3.17 -7.37 28.24
N SER D 68 1.98 -7.25 28.81
CA SER D 68 1.81 -6.43 29.99
C SER D 68 1.01 -7.24 30.99
N THR D 69 1.01 -6.77 32.24
CA THR D 69 0.25 -7.41 33.33
C THR D 69 -0.51 -6.31 34.04
N VAL D 70 -1.65 -6.64 34.63
CA VAL D 70 -2.41 -5.62 35.32
C VAL D 70 -2.84 -5.99 36.74
N THR D 71 -2.51 -5.12 37.70
CA THR D 71 -3.06 -5.22 39.05
C THR D 71 -3.59 -3.86 39.48
N ASP D 72 -4.62 -3.86 40.33
CA ASP D 72 -5.24 -2.64 40.88
C ASP D 72 -5.88 -1.88 39.68
N GLY D 73 -5.84 -2.51 38.52
CA GLY D 73 -6.20 -1.82 37.29
C GLY D 73 -5.09 -0.90 36.82
N GLY D 74 -3.89 -1.14 37.37
CA GLY D 74 -2.69 -0.43 36.96
C GLY D 74 -1.85 -1.36 36.10
N TYR D 75 -1.23 -0.82 35.06
CA TYR D 75 -0.52 -1.64 34.09
C TYR D 75 0.97 -1.48 34.21
N ARG D 76 1.68 -2.60 34.05
CA ARG D 76 3.15 -2.64 34.08
C ARG D 76 3.54 -3.53 32.92
N ASN D 77 4.82 -3.54 32.57
CA ASN D 77 5.29 -4.46 31.57
C ASN D 77 5.25 -5.90 32.07
N GLY D 78 4.86 -6.83 31.20
CA GLY D 78 4.86 -8.24 31.54
C GLY D 78 6.27 -8.79 31.50
N ALA D 79 6.46 -10.04 31.92
CA ALA D 79 7.81 -10.58 32.09
C ALA D 79 8.65 -10.62 30.82
N PRO D 80 8.07 -10.99 29.65
CA PRO D 80 8.92 -11.01 28.44
C PRO D 80 9.41 -9.64 28.00
N ILE D 81 8.58 -8.62 28.17
CA ILE D 81 8.98 -7.25 27.86
C ILE D 81 9.99 -6.74 28.91
N GLY D 82 9.70 -6.94 30.19
CA GLY D 82 10.58 -6.47 31.23
C GLY D 82 11.98 -7.07 31.10
N ALA D 83 12.03 -8.34 30.70
CA ALA D 83 13.28 -9.07 30.52
C ALA D 83 14.15 -8.44 29.45
N ALA D 84 13.51 -7.95 28.39
CA ALA D 84 14.26 -7.31 27.31
C ALA D 84 14.91 -6.03 27.84
N PHE D 85 14.16 -5.30 28.67
CA PHE D 85 14.71 -4.09 29.28
C PHE D 85 15.88 -4.45 30.21
N ARG D 86 15.70 -5.52 30.98
CA ARG D 86 16.66 -5.93 31.99
C ARG D 86 18.00 -6.27 31.36
N ASP D 87 17.96 -6.93 30.22
CA ASP D 87 19.18 -7.41 29.57
C ASP D 87 19.75 -6.40 28.57
N GLY D 88 19.22 -5.18 28.57
CA GLY D 88 19.66 -4.17 27.61
C GLY D 88 19.24 -4.45 26.18
N LEU D 89 18.17 -5.21 26.01
CA LEU D 89 17.79 -5.63 24.68
C LEU D 89 16.60 -4.87 24.14
N TRP D 90 16.17 -3.83 24.86
CA TRP D 90 14.98 -3.14 24.42
C TRP D 90 15.12 -2.46 23.04
N PRO D 91 16.18 -1.65 22.82
CA PRO D 91 16.27 -1.07 21.47
C PRO D 91 16.36 -2.17 20.42
N VAL D 92 16.96 -3.29 20.79
CA VAL D 92 17.05 -4.41 19.88
C VAL D 92 15.66 -4.98 19.53
N LEU D 93 14.83 -5.20 20.54
CA LEU D 93 13.47 -5.73 20.36
C LEU D 93 12.60 -4.77 19.54
N ARG D 94 12.69 -3.49 19.86
CA ARG D 94 11.99 -2.43 19.17
C ARG D 94 12.32 -2.44 17.69
N ASP D 95 13.62 -2.55 17.40
CA ASP D 95 14.09 -2.48 16.04
C ASP D 95 13.76 -3.72 15.21
N ILE D 96 13.76 -4.91 15.81
CA ILE D 96 13.38 -6.07 15.01
C ILE D 96 11.86 -6.08 14.80
N VAL D 97 11.10 -5.56 15.75
CA VAL D 97 9.68 -5.49 15.59
C VAL D 97 9.40 -4.54 14.43
N GLN D 98 10.17 -3.46 14.36
CA GLN D 98 10.03 -2.50 13.26
C GLN D 98 10.33 -3.11 11.89
N TYR D 99 11.33 -3.97 11.85
CA TYR D 99 11.66 -4.71 10.65
C TYR D 99 10.54 -5.63 10.21
N GLN D 100 9.99 -6.39 11.16
CA GLN D 100 8.86 -7.27 10.85
C GLN D 100 7.73 -6.48 10.21
N ASP D 101 7.43 -5.34 10.83
CA ASP D 101 6.35 -4.51 10.38
C ASP D 101 6.53 -3.92 8.97
N LYS D 102 7.69 -3.31 8.71
CA LYS D 102 7.94 -2.59 7.46
C LYS D 102 8.50 -3.48 6.36
N ILE D 103 9.11 -4.60 6.73
CA ILE D 103 9.78 -5.47 5.76
C ILE D 103 9.04 -6.79 5.55
N ALA D 104 8.65 -7.42 6.65
CA ALA D 104 8.24 -8.81 6.61
C ALA D 104 6.74 -8.97 6.42
N TYR D 105 5.96 -8.16 7.13
CA TYR D 105 4.55 -8.42 7.32
C TYR D 105 3.75 -8.52 6.01
N GLN D 106 3.86 -7.54 5.13
CA GLN D 106 3.05 -7.57 3.92
C GLN D 106 3.56 -8.59 2.91
N PRO D 107 4.88 -8.69 2.71
CA PRO D 107 5.31 -9.78 1.81
C PRO D 107 4.91 -11.19 2.31
N ALA D 108 4.68 -11.36 3.61
CA ALA D 108 4.28 -12.67 4.12
C ALA D 108 2.93 -13.10 3.46
N ALA D 109 2.11 -12.13 3.05
CA ALA D 109 0.91 -12.48 2.31
C ALA D 109 1.23 -13.20 0.97
N ASP D 110 2.46 -13.10 0.48
CA ASP D 110 2.77 -13.75 -0.80
C ASP D 110 3.31 -15.16 -0.60
N TYR D 111 3.21 -15.65 0.63
CA TYR D 111 3.77 -16.95 1.02
C TYR D 111 3.21 -18.08 0.18
N VAL D 112 1.89 -18.14 0.06
CA VAL D 112 1.24 -19.20 -0.70
C VAL D 112 1.71 -19.17 -2.16
N GLU D 113 1.69 -17.99 -2.77
CA GLU D 113 2.19 -17.88 -4.14
C GLU D 113 3.67 -18.31 -4.26
N SER D 114 4.50 -17.89 -3.30
CA SER D 114 5.92 -18.26 -3.30
C SER D 114 6.15 -19.78 -3.24
N LEU D 115 5.41 -20.47 -2.35
CA LEU D 115 5.51 -21.93 -2.24
C LEU D 115 5.14 -22.60 -3.55
N ARG D 116 4.06 -22.11 -4.15
CA ARG D 116 3.51 -22.71 -5.38
C ARG D 116 4.46 -22.61 -6.56
N THR D 117 5.15 -21.46 -6.68
CA THR D 117 5.96 -21.17 -7.87
C THR D 117 7.44 -21.33 -7.63
N GLY D 118 7.84 -21.46 -6.38
CA GLY D 118 9.26 -21.49 -6.07
C GLY D 118 9.94 -20.14 -6.27
N GLN D 119 9.15 -19.07 -6.32
CA GLN D 119 9.67 -17.71 -6.42
C GLN D 119 9.62 -16.97 -5.08
N ASN D 120 10.48 -15.98 -4.90
CA ASN D 120 10.31 -15.06 -3.78
C ASN D 120 9.32 -13.98 -4.19
N ALA D 121 8.05 -14.37 -4.24
CA ALA D 121 7.01 -13.53 -4.81
C ALA D 121 6.77 -12.24 -4.04
N GLY D 122 7.16 -12.24 -2.76
CA GLY D 122 6.97 -11.10 -1.88
C GLY D 122 7.80 -9.89 -2.25
N ILE D 123 8.81 -10.10 -3.08
CA ILE D 123 9.73 -9.04 -3.45
C ILE D 123 9.03 -7.95 -4.23
N ARG D 124 7.83 -8.27 -4.69
CA ARG D 124 7.04 -7.35 -5.49
C ARG D 124 6.64 -6.10 -4.72
N HIS D 125 6.66 -6.16 -3.39
CA HIS D 125 6.28 -5.00 -2.59
C HIS D 125 7.37 -3.91 -2.61
N PHE D 126 8.54 -4.25 -3.18
CA PHE D 126 9.64 -3.31 -3.26
C PHE D 126 9.95 -2.94 -4.70
N PRO D 127 9.99 -1.62 -5.00
CA PRO D 127 10.27 -1.09 -6.34
C PRO D 127 11.54 -1.67 -6.93
N GLY D 128 11.56 -1.94 -8.23
CA GLY D 128 12.72 -2.57 -8.82
C GLY D 128 12.38 -3.79 -9.63
N THR D 129 13.40 -4.38 -10.24
CA THR D 129 13.19 -5.52 -11.12
C THR D 129 14.24 -6.60 -10.88
N THR D 130 15.16 -6.36 -9.96
CA THR D 130 16.15 -7.39 -9.64
C THR D 130 15.52 -8.54 -8.83
N ARG D 131 16.21 -9.67 -8.83
CA ARG D 131 15.70 -10.93 -8.30
C ARG D 131 16.07 -11.14 -6.83
N ASP D 132 16.84 -10.21 -6.28
CA ASP D 132 17.20 -10.27 -4.89
C ASP D 132 16.72 -9.01 -4.21
N LEU D 133 16.39 -9.12 -2.93
CA LEU D 133 15.88 -7.98 -2.18
C LEU D 133 16.93 -6.85 -2.00
N TYR D 134 18.17 -7.25 -1.70
CA TYR D 134 19.19 -6.29 -1.28
C TYR D 134 19.45 -5.21 -2.31
N SER D 135 19.53 -5.60 -3.59
CA SER D 135 19.77 -4.61 -4.63
C SER D 135 18.53 -3.74 -4.96
N ARG D 136 17.40 -4.02 -4.32
CA ARG D 136 16.21 -3.18 -4.50
C ARG D 136 16.06 -2.11 -3.43
N LEU D 137 16.80 -2.26 -2.35
CA LEU D 137 16.61 -1.40 -1.19
C LEU D 137 16.85 0.09 -1.46
N ALA D 138 17.87 0.41 -2.26
CA ALA D 138 18.21 1.80 -2.59
C ALA D 138 17.07 2.58 -3.27
N ALA D 139 16.18 1.86 -3.94
CA ALA D 139 15.09 2.46 -4.72
C ALA D 139 14.13 3.30 -3.88
N VAL D 140 14.06 2.99 -2.59
CA VAL D 140 13.18 3.74 -1.69
C VAL D 140 14.09 4.53 -0.75
N PRO D 141 13.76 5.82 -0.53
CA PRO D 141 14.60 6.68 0.31
C PRO D 141 14.75 6.19 1.74
N GLY D 142 15.98 5.85 2.15
CA GLY D 142 16.25 5.47 3.52
C GLY D 142 15.91 4.03 3.83
N LEU D 143 15.45 3.32 2.80
CA LEU D 143 15.03 1.93 2.96
C LEU D 143 16.21 1.03 3.25
N GLU D 144 17.32 1.26 2.55
CA GLU D 144 18.50 0.45 2.78
C GLU D 144 18.98 0.52 4.22
N GLU D 145 19.04 1.70 4.78
CA GLU D 145 19.51 1.87 6.16
C GLU D 145 18.43 1.46 7.18
N LEU D 146 17.18 1.66 6.83
CA LEU D 146 16.13 1.18 7.69
C LEU D 146 16.25 -0.35 7.69
N PHE D 147 16.55 -0.92 6.53
CA PHE D 147 16.71 -2.37 6.44
C PHE D 147 17.84 -2.83 7.36
N TYR D 148 19.00 -2.20 7.23
CA TYR D 148 20.20 -2.60 7.98
C TYR D 148 20.09 -2.28 9.48
N ARG D 149 19.28 -1.29 9.84
CA ARG D 149 18.94 -1.09 11.25
C ARG D 149 18.35 -2.39 11.84
N GLY D 150 17.51 -3.06 11.05
CA GLY D 150 16.93 -4.33 11.41
C GLY D 150 17.93 -5.48 11.46
N HIS D 152 21.16 -5.33 11.79
CA HIS D 152 21.97 -4.98 12.95
C HIS D 152 21.32 -5.53 14.21
N ALA D 153 20.05 -5.20 14.38
CA ALA D 153 19.33 -5.56 15.58
C ALA D 153 19.22 -7.07 15.71
N TRP D 154 18.90 -7.75 14.61
CA TRP D 154 18.77 -9.21 14.65
C TRP D 154 20.08 -9.85 15.09
N SER D 155 21.19 -9.36 14.52
CA SER D 155 22.50 -9.93 14.80
C SER D 155 22.92 -9.65 16.24
N GLN D 156 22.56 -8.49 16.74
CA GLN D 156 22.83 -8.14 18.14
C GLN D 156 22.18 -9.16 19.07
N LEU D 157 21.04 -9.70 18.64
CA LEU D 157 20.30 -10.70 19.40
C LEU D 157 20.93 -12.09 19.34
N SER D 158 21.51 -12.44 18.21
CA SER D 158 21.95 -13.82 18.02
C SER D 158 23.47 -14.01 18.02
N ASN D 159 24.26 -12.95 17.91
CA ASN D 159 25.70 -13.15 17.81
C ASN D 159 26.49 -13.39 19.10
N PRO D 160 25.84 -13.39 20.28
CA PRO D 160 26.66 -13.91 21.39
C PRO D 160 27.21 -15.29 21.10
N VAL D 161 26.45 -16.16 20.46
CA VAL D 161 26.95 -17.49 20.12
C VAL D 161 28.15 -17.38 19.19
N LEU D 162 28.17 -16.38 18.31
CA LEU D 162 29.30 -16.22 17.38
C LEU D 162 30.53 -15.69 18.11
N LEU D 163 30.33 -14.70 18.97
CA LEU D 163 31.44 -14.09 19.67
C LEU D 163 32.16 -15.08 20.57
N ALA D 164 31.42 -16.03 21.13
CA ALA D 164 32.00 -16.98 22.06
C ALA D 164 32.60 -18.18 21.36
N GLN D 165 32.58 -18.16 20.03
CA GLN D 165 33.15 -19.25 19.24
C GLN D 165 34.67 -19.30 19.49
N PRO D 166 35.18 -20.49 19.87
CA PRO D 166 36.58 -20.67 20.28
C PRO D 166 37.58 -20.20 19.23
N ASP D 167 37.19 -20.34 17.96
CA ASP D 167 38.07 -20.11 16.82
C ASP D 167 38.66 -18.72 16.76
N PHE D 168 37.98 -17.77 17.39
CA PHE D 168 38.38 -16.38 17.31
C PHE D 168 39.52 -16.04 18.24
N THR D 169 39.92 -16.99 19.08
CA THR D 169 41.15 -16.83 19.86
C THR D 169 42.38 -17.28 19.08
N ARG D 170 42.17 -18.00 18.00
CA ARG D 170 43.25 -18.64 17.24
C ARG D 170 43.47 -18.11 15.80
N VAL D 171 42.64 -17.13 15.38
CA VAL D 171 42.78 -16.50 14.06
C VAL D 171 43.04 -15.02 14.25
N HIS D 172 43.52 -14.30 13.25
CA HIS D 172 43.83 -12.92 13.57
C HIS D 172 43.22 -12.14 12.41
N ARG D 173 42.85 -12.91 11.38
CA ARG D 173 42.34 -12.39 10.08
C ARG D 173 40.88 -12.75 9.68
N VAL D 174 39.88 -11.88 9.88
CA VAL D 174 38.51 -12.30 9.50
C VAL D 174 38.00 -11.59 8.25
N LEU D 175 37.50 -12.40 7.32
CA LEU D 175 36.81 -11.90 6.12
C LEU D 175 35.29 -12.07 6.26
N ASP D 176 34.57 -10.96 6.36
CA ASP D 176 33.13 -10.98 6.62
C ASP D 176 32.36 -11.02 5.29
N VAL D 177 32.10 -12.22 4.76
CA VAL D 177 31.53 -12.28 3.42
C VAL D 177 30.03 -11.96 3.42
N GLY D 178 29.66 -10.85 2.78
CA GLY D 178 28.31 -10.35 2.83
C GLY D 178 28.03 -9.83 4.24
N GLY D 179 29.00 -9.12 4.78
CA GLY D 179 28.97 -8.66 6.17
C GLY D 179 28.04 -7.52 6.50
N GLY D 180 27.35 -6.99 5.48
CA GLY D 180 26.34 -5.97 5.70
C GLY D 180 26.84 -4.68 6.31
N ASP D 181 26.22 -4.24 7.39
CA ASP D 181 26.61 -2.99 8.05
C ASP D 181 27.70 -3.23 9.06
N ALA D 182 28.30 -4.41 9.03
CA ALA D 182 29.44 -4.77 9.88
C ALA D 182 29.07 -4.93 11.36
N VAL D 183 27.79 -5.20 11.65
CA VAL D 183 27.32 -5.40 13.02
C VAL D 183 28.17 -6.47 13.72
N ASN D 184 28.44 -7.56 13.02
CA ASN D 184 29.17 -8.68 13.60
C ASN D 184 30.70 -8.48 13.58
N ALA D 185 31.20 -7.81 12.54
CA ALA D 185 32.61 -7.49 12.46
C ALA D 185 33.01 -6.64 13.65
N VAL D 186 32.20 -5.62 13.91
CA VAL D 186 32.45 -4.71 15.00
C VAL D 186 32.36 -5.45 16.34
N ALA D 187 31.40 -6.36 16.47
CA ALA D 187 31.24 -7.09 17.72
C ALA D 187 32.44 -8.01 17.98
N LEU D 188 32.95 -8.62 16.92
CA LEU D 188 34.10 -9.49 17.02
C LEU D 188 35.34 -8.70 17.43
N ALA D 189 35.50 -7.53 16.81
CA ALA D 189 36.64 -6.65 17.06
C ALA D 189 36.68 -6.17 18.51
N ARG D 190 35.53 -5.76 19.05
CA ARG D 190 35.45 -5.34 20.44
C ARG D 190 35.80 -6.52 21.34
N ALA D 191 35.22 -7.68 21.03
CA ALA D 191 35.37 -8.88 21.84
C ALA D 191 36.75 -9.50 21.72
N HIS D 192 37.40 -9.29 20.59
CA HIS D 192 38.73 -9.87 20.35
C HIS D 192 39.70 -8.82 19.85
N PRO D 193 40.41 -8.17 20.77
CA PRO D 193 41.36 -7.08 20.50
C PRO D 193 42.51 -7.48 19.56
N SER D 194 42.79 -8.77 19.40
CA SER D 194 43.78 -9.20 18.40
C SER D 194 43.26 -9.10 16.95
N LEU D 195 41.98 -9.35 16.76
CA LEU D 195 41.40 -9.57 15.44
C LEU D 195 41.27 -8.32 14.55
N ARG D 196 41.38 -8.54 13.26
CA ARG D 196 41.08 -7.51 12.27
C ARG D 196 40.12 -8.12 11.26
N VAL D 197 39.21 -7.29 10.76
CA VAL D 197 38.12 -7.81 9.93
C VAL D 197 37.94 -7.01 8.64
N THR D 198 37.79 -7.75 7.55
CA THR D 198 37.40 -7.18 6.27
C THR D 198 35.93 -7.45 5.99
N VAL D 199 35.14 -6.40 5.85
CA VAL D 199 33.70 -6.56 5.58
C VAL D 199 33.43 -6.42 4.09
N LEU D 200 33.01 -7.51 3.47
CA LEU D 200 32.72 -7.56 2.03
C LEU D 200 31.21 -7.52 1.77
N ASP D 201 30.76 -6.52 1.00
CA ASP D 201 29.35 -6.37 0.66
C ASP D 201 29.14 -5.34 -0.45
N ARG D 202 27.89 -5.17 -0.86
CA ARG D 202 27.54 -4.16 -1.85
C ARG D 202 27.87 -2.75 -1.30
N PRO D 203 28.18 -1.80 -2.20
CA PRO D 203 28.48 -0.42 -1.81
C PRO D 203 27.41 0.27 -0.97
N GLY D 204 26.15 -0.02 -1.26
CA GLY D 204 25.08 0.61 -0.52
C GLY D 204 25.18 0.17 0.93
N ALA D 205 25.48 -1.11 1.12
CA ALA D 205 25.64 -1.65 2.47
C ALA D 205 26.86 -1.07 3.18
N LEU D 206 27.99 -1.05 2.49
CA LEU D 206 29.28 -0.68 3.10
C LEU D 206 29.29 0.76 3.54
N GLU D 207 28.45 1.56 2.92
CA GLU D 207 28.27 2.92 3.36
C GLU D 207 27.60 2.94 4.74
N VAL D 208 26.71 1.97 4.98
CA VAL D 208 26.15 1.83 6.31
C VAL D 208 27.20 1.28 7.28
N ALA D 209 28.05 0.37 6.78
CA ALA D 209 29.10 -0.24 7.61
C ALA D 209 30.05 0.84 8.15
N ARG D 210 30.34 1.82 7.32
CA ARG D 210 31.23 2.92 7.67
C ARG D 210 30.75 3.60 8.94
N LYS D 211 29.43 3.85 9.01
CA LYS D 211 28.85 4.43 10.22
C LYS D 211 28.96 3.49 11.41
N THR D 212 28.77 2.21 11.20
CA THR D 212 28.90 1.26 12.30
C THR D 212 30.34 1.24 12.83
N ILE D 213 31.31 1.24 11.92
CA ILE D 213 32.72 1.26 12.28
C ILE D 213 33.12 2.59 12.94
N ALA D 214 32.69 3.70 12.36
CA ALA D 214 33.04 5.01 12.87
C ALA D 214 32.50 5.23 14.29
N GLU D 215 31.27 4.77 14.55
CA GLU D 215 30.66 4.97 15.87
C GLU D 215 31.15 3.92 16.85
N ALA D 216 31.90 2.95 16.33
CA ALA D 216 32.69 2.03 17.14
C ALA D 216 34.15 2.46 17.25
N GLY D 217 34.55 3.43 16.44
CA GLY D 217 35.93 3.88 16.38
C GLY D 217 36.90 2.76 16.05
N LEU D 218 36.53 1.89 15.12
CA LEU D 218 37.32 0.70 14.82
C LEU D 218 37.91 0.69 13.39
N GLU D 219 38.24 1.87 12.87
CA GLU D 219 38.78 2.00 11.51
C GLU D 219 40.09 1.27 11.23
N GLU D 220 40.92 1.08 12.25
CA GLU D 220 42.24 0.49 12.00
C GLU D 220 42.20 -1.02 12.05
N ARG D 221 41.13 -1.56 12.59
CA ARG D 221 40.99 -2.99 12.58
C ARG D 221 39.79 -3.56 11.85
N VAL D 222 38.84 -2.70 11.47
CA VAL D 222 37.71 -3.15 10.65
C VAL D 222 37.59 -2.25 9.44
N ARG D 223 37.74 -2.84 8.25
CA ARG D 223 37.64 -2.04 7.03
C ARG D 223 36.57 -2.60 6.05
N THR D 224 36.08 -1.76 5.15
CA THR D 224 35.02 -2.17 4.23
C THR D 224 35.59 -2.38 2.84
N HIS D 225 35.21 -3.45 2.16
CA HIS D 225 35.67 -3.62 0.78
C HIS D 225 34.60 -4.13 -0.20
N ALA D 226 34.28 -3.33 -1.21
CA ALA D 226 33.17 -3.64 -2.12
C ALA D 226 33.47 -4.77 -3.09
N ALA D 227 32.58 -5.76 -3.10
CA ALA D 227 32.69 -6.88 -4.01
C ALA D 227 31.37 -7.61 -4.15
N ASP D 228 31.25 -8.37 -5.24
CA ASP D 228 30.16 -9.32 -5.42
C ASP D 228 30.65 -10.68 -4.96
N ILE D 229 29.95 -11.27 -4.00
CA ILE D 229 30.42 -12.48 -3.33
C ILE D 229 30.50 -13.71 -4.24
N PHE D 230 29.82 -13.66 -5.36
CA PHE D 230 29.87 -14.76 -6.32
C PHE D 230 30.90 -14.55 -7.44
N THR D 231 30.91 -13.36 -8.03
CA THR D 231 31.69 -13.12 -9.23
C THR D 231 33.09 -12.52 -8.99
N ASP D 232 33.31 -11.89 -7.84
CA ASP D 232 34.60 -11.27 -7.59
C ASP D 232 35.48 -12.20 -6.75
N SER D 233 36.78 -11.93 -6.76
CA SER D 233 37.71 -12.68 -5.94
C SER D 233 37.67 -12.14 -4.51
N TYR D 234 37.90 -13.02 -3.55
CA TYR D 234 38.05 -12.60 -2.15
C TYR D 234 39.47 -12.12 -1.87
N PRO D 235 39.62 -11.03 -1.11
CA PRO D 235 40.99 -10.65 -0.70
C PRO D 235 41.72 -11.81 -0.04
N ALA D 236 42.94 -12.09 -0.47
CA ALA D 236 43.69 -13.24 0.07
C ALA D 236 44.35 -12.91 1.41
N GLY D 237 44.98 -13.92 2.00
CA GLY D 237 45.68 -13.72 3.26
C GLY D 237 44.81 -13.60 4.49
N HIS D 238 43.66 -14.27 4.49
CA HIS D 238 42.78 -14.35 5.66
C HIS D 238 42.78 -15.77 6.22
N ASP D 239 42.79 -15.85 7.55
CA ASP D 239 42.74 -17.08 8.33
C ASP D 239 41.33 -17.63 8.41
N CYS D 240 40.38 -16.69 8.49
CA CYS D 240 39.02 -16.98 8.85
C CYS D 240 38.05 -16.29 7.90
N VAL D 241 37.20 -17.12 7.31
CA VAL D 241 36.13 -16.64 6.45
C VAL D 241 34.81 -16.87 7.17
N LEU D 242 34.11 -15.78 7.43
CA LEU D 242 32.85 -15.83 8.17
C LEU D 242 31.66 -15.60 7.23
N PHE D 243 30.72 -16.54 7.26
CA PHE D 243 29.45 -16.39 6.54
C PHE D 243 28.36 -16.17 7.57
N ALA D 244 27.96 -14.92 7.79
CA ALA D 244 26.95 -14.62 8.81
C ALA D 244 25.59 -14.23 8.22
N HIS D 245 24.57 -15.05 8.50
CA HIS D 245 23.22 -14.81 8.01
C HIS D 245 23.30 -14.66 6.50
N GLN D 246 24.05 -15.57 5.90
CA GLN D 246 24.43 -15.44 4.52
C GLN D 246 23.98 -16.62 3.72
N LEU D 247 24.34 -17.82 4.17
CA LEU D 247 24.05 -19.03 3.40
C LEU D 247 22.57 -19.40 3.41
N VAL D 248 21.80 -18.84 4.34
CA VAL D 248 20.36 -19.09 4.34
C VAL D 248 19.71 -18.51 3.09
N ILE D 249 20.38 -17.54 2.46
CA ILE D 249 19.89 -16.88 1.24
C ILE D 249 19.91 -17.73 -0.04
N TRP D 250 20.89 -18.62 -0.16
CA TRP D 250 21.19 -19.25 -1.44
C TRP D 250 20.83 -20.72 -1.51
N SER D 251 20.82 -21.26 -2.73
CA SER D 251 20.54 -22.68 -2.90
C SER D 251 21.69 -23.50 -2.31
N PRO D 252 21.48 -24.82 -2.13
CA PRO D 252 22.59 -25.64 -1.63
C PRO D 252 23.76 -25.60 -2.62
N GLU D 253 23.42 -25.53 -3.90
CA GLU D 253 24.38 -25.51 -4.99
C GLU D 253 25.19 -24.23 -5.05
N GLN D 254 24.54 -23.10 -4.76
CA GLN D 254 25.21 -21.80 -4.70
C GLN D 254 26.09 -21.71 -3.46
N ASN D 255 25.64 -22.34 -2.38
CA ASN D 255 26.39 -22.32 -1.13
C ASN D 255 27.71 -23.04 -1.30
N LEU D 256 27.68 -24.13 -2.05
CA LEU D 256 28.87 -24.88 -2.32
C LEU D 256 29.90 -23.97 -3.01
N THR D 257 29.42 -23.20 -3.99
CA THR D 257 30.23 -22.24 -4.71
C THR D 257 30.85 -21.20 -3.76
N LEU D 258 30.03 -20.65 -2.87
CA LEU D 258 30.55 -19.69 -1.89
C LEU D 258 31.58 -20.35 -0.97
N LEU D 259 31.35 -21.61 -0.61
CA LEU D 259 32.26 -22.35 0.25
C LEU D 259 33.58 -22.73 -0.43
N ARG D 260 33.52 -23.11 -1.71
CA ARG D 260 34.76 -23.42 -2.42
C ARG D 260 35.62 -22.18 -2.58
N LYS D 261 34.99 -21.03 -2.82
CA LYS D 261 35.71 -19.77 -2.87
C LYS D 261 36.32 -19.43 -1.52
N ALA D 262 35.65 -19.83 -0.45
CA ALA D 262 36.19 -19.65 0.88
C ALA D 262 37.45 -20.47 1.06
N TYR D 263 37.43 -21.67 0.51
CA TYR D 263 38.57 -22.57 0.62
C TYR D 263 39.80 -21.99 -0.07
N ASP D 264 39.63 -21.49 -1.31
CA ASP D 264 40.75 -20.98 -2.10
C ASP D 264 41.33 -19.69 -1.49
N ALA D 265 40.50 -18.94 -0.79
CA ALA D 265 40.93 -17.61 -0.34
C ALA D 265 41.55 -17.69 1.05
N VAL D 266 41.16 -18.72 1.80
CA VAL D 266 41.62 -18.82 3.18
C VAL D 266 43.01 -19.47 3.20
N GLU D 267 43.88 -19.00 4.08
CA GLU D 267 45.19 -19.64 4.25
C GLU D 267 45.02 -21.05 4.84
N PRO D 268 45.81 -22.02 4.36
CA PRO D 268 45.78 -23.36 4.94
C PRO D 268 45.96 -23.32 6.45
N GLY D 269 45.24 -24.18 7.17
CA GLY D 269 45.17 -24.09 8.61
C GLY D 269 44.11 -23.08 9.05
N GLY D 270 43.50 -22.42 8.08
CA GLY D 270 42.47 -21.43 8.37
C GLY D 270 41.15 -22.03 8.78
N ARG D 271 40.22 -21.16 9.19
CA ARG D 271 38.89 -21.59 9.63
C ARG D 271 37.76 -20.99 8.78
N VAL D 272 36.69 -21.75 8.60
CA VAL D 272 35.48 -21.24 7.96
C VAL D 272 34.31 -21.32 8.95
N LEU D 273 33.60 -20.21 9.08
CA LEU D 273 32.50 -20.16 10.03
C LEU D 273 31.20 -19.80 9.34
N VAL D 274 30.24 -20.71 9.47
CA VAL D 274 28.89 -20.47 9.00
C VAL D 274 27.98 -20.18 10.17
N PHE D 275 27.52 -18.94 10.24
CA PHE D 275 26.73 -18.47 11.37
C PHE D 275 25.31 -17.96 10.98
N ASN D 276 24.30 -18.73 11.37
CA ASN D 276 22.91 -18.32 11.17
C ASN D 276 21.99 -19.23 11.99
N ALA D 277 20.68 -19.07 11.79
CA ALA D 277 19.71 -20.00 12.37
C ALA D 277 19.78 -21.33 11.64
N PHE D 278 19.45 -22.41 12.34
CA PHE D 278 19.52 -23.74 11.73
C PHE D 278 18.22 -24.49 11.99
N THR D 279 17.82 -25.30 11.02
CA THR D 279 16.72 -26.22 11.21
C THR D 279 17.30 -27.50 11.87
N ASP D 280 16.65 -28.01 12.91
CA ASP D 280 17.00 -29.32 13.48
C ASP D 280 16.96 -30.40 12.39
N ASP D 281 17.91 -31.33 12.43
CA ASP D 281 18.07 -32.33 11.37
C ASP D 281 16.84 -33.23 11.27
N ASP D 282 16.07 -33.33 12.35
CA ASP D 282 14.86 -34.17 12.28
C ASP D 282 13.66 -33.43 11.67
N ARG D 283 13.87 -32.19 11.24
CA ARG D 283 12.85 -31.43 10.51
C ARG D 283 11.60 -31.12 11.32
N THR D 284 11.76 -30.94 12.62
CA THR D 284 10.65 -30.68 13.51
C THR D 284 10.68 -29.28 14.14
N GLY D 285 11.76 -28.54 13.95
CA GLY D 285 11.86 -27.23 14.57
C GLY D 285 13.25 -26.64 14.44
N PRO D 286 13.58 -25.63 15.27
CA PRO D 286 12.75 -24.99 16.28
C PRO D 286 11.64 -24.16 15.66
N LEU D 287 10.68 -23.74 16.48
CA LEU D 287 9.57 -22.94 15.99
C LEU D 287 10.10 -21.70 15.25
N TYR D 288 11.12 -21.07 15.84
CA TYR D 288 11.75 -19.87 15.29
C TYR D 288 12.16 -20.09 13.84
N ALA D 289 12.87 -21.17 13.57
CA ALA D 289 13.32 -21.42 12.21
C ALA D 289 12.14 -21.67 11.28
N ALA D 290 11.20 -22.48 11.75
CA ALA D 290 10.04 -22.87 10.97
C ALA D 290 9.22 -21.63 10.58
N LEU D 291 9.19 -20.63 11.46
CA LEU D 291 8.41 -19.42 11.19
C LEU D 291 9.19 -18.42 10.37
N ASP D 292 10.46 -18.22 10.76
CA ASP D 292 11.35 -17.29 10.11
C ASP D 292 11.52 -17.61 8.63
N ASN D 293 11.26 -18.87 8.28
CA ASN D 293 11.26 -19.27 6.89
C ASN D 293 10.22 -18.56 6.02
N VAL D 294 9.13 -18.04 6.59
CA VAL D 294 8.15 -17.33 5.76
C VAL D 294 8.81 -16.10 5.12
N TYR D 295 9.65 -15.41 5.89
CA TYR D 295 10.44 -14.33 5.35
C TYR D 295 11.39 -14.81 4.25
N PHE D 296 12.10 -15.89 4.51
CA PHE D 296 13.08 -16.35 3.55
C PHE D 296 12.41 -16.86 2.27
N THR D 297 11.21 -17.41 2.40
CA THR D 297 10.49 -17.93 1.24
C THR D 297 9.94 -16.79 0.42
N THR D 298 9.58 -15.68 1.06
CA THR D 298 8.88 -14.66 0.33
C THR D 298 9.77 -13.53 -0.25
N LEU D 299 10.91 -13.24 0.38
CA LEU D 299 11.57 -11.98 0.07
C LEU D 299 13.00 -12.01 -0.55
N PRO D 300 14.01 -12.59 0.14
CA PRO D 300 15.40 -12.34 -0.27
C PRO D 300 15.77 -12.79 -1.67
N PHE D 301 15.50 -14.05 -1.99
CA PHE D 301 15.96 -14.65 -3.23
C PHE D 301 15.12 -15.92 -3.45
N ARG D 302 15.12 -16.48 -4.66
CA ARG D 302 14.23 -17.60 -5.00
C ARG D 302 14.41 -18.89 -4.21
N HIS D 303 15.59 -19.08 -3.62
CA HIS D 303 15.93 -20.33 -2.92
C HIS D 303 16.12 -20.20 -1.42
N SER D 304 16.01 -18.98 -0.89
CA SER D 304 16.33 -18.76 0.51
C SER D 304 15.53 -19.70 1.43
N THR D 305 16.22 -20.30 2.39
CA THR D 305 15.58 -21.10 3.44
C THR D 305 16.60 -21.38 4.52
N ILE D 306 16.13 -21.59 5.73
CA ILE D 306 17.01 -21.95 6.83
C ILE D 306 17.37 -23.43 6.72
N HIS D 307 18.65 -23.71 6.47
CA HIS D 307 19.06 -25.10 6.24
C HIS D 307 19.34 -25.87 7.52
N ARG D 308 19.36 -27.19 7.40
CA ARG D 308 19.69 -28.07 8.53
C ARG D 308 21.20 -28.10 8.78
N TRP D 309 21.56 -28.29 10.05
CA TRP D 309 22.98 -28.42 10.43
C TRP D 309 23.72 -29.40 9.54
N ALA D 310 23.14 -30.60 9.41
CA ALA D 310 23.78 -31.69 8.68
C ALA D 310 24.03 -31.34 7.22
N ASP D 311 23.12 -30.58 6.61
CA ASP D 311 23.25 -30.20 5.20
C ASP D 311 24.39 -29.22 5.03
N CYS D 312 24.45 -28.26 5.95
CA CYS D 312 25.51 -27.29 5.96
C CYS D 312 26.85 -27.97 6.21
N GLU D 313 26.89 -28.87 7.19
CA GLU D 313 28.10 -29.60 7.51
C GLU D 313 28.55 -30.37 6.27
N SER D 314 27.57 -30.92 5.56
CA SER D 314 27.84 -31.68 4.36
C SER D 314 28.57 -30.87 3.29
N TRP D 315 28.14 -29.62 3.11
CA TRP D 315 28.69 -28.75 2.08
C TRP D 315 30.15 -28.39 2.39
N LEU D 316 30.43 -28.16 3.66
CA LEU D 316 31.77 -27.82 4.13
C LEU D 316 32.73 -28.94 3.80
N ARG D 317 32.35 -30.18 4.07
CA ARG D 317 33.22 -31.30 3.76
C ARG D 317 33.43 -31.44 2.26
N GLU D 318 32.42 -31.11 1.48
CA GLU D 318 32.55 -31.35 0.06
C GLU D 318 33.16 -30.13 -0.65
N ALA D 319 33.30 -29.03 0.08
CA ALA D 319 34.08 -27.90 -0.40
C ALA D 319 35.55 -28.25 -0.16
N GLY D 320 35.79 -29.30 0.61
CA GLY D 320 37.15 -29.73 0.83
C GLY D 320 37.63 -29.39 2.22
N PHE D 321 36.75 -28.86 3.05
CA PHE D 321 37.11 -28.62 4.44
C PHE D 321 37.04 -29.93 5.21
N THR D 322 37.80 -29.95 6.31
CA THR D 322 37.91 -31.09 7.22
C THR D 322 37.62 -30.43 8.54
N ASP D 323 37.45 -31.20 9.62
CA ASP D 323 37.19 -30.60 10.94
C ASP D 323 35.73 -30.10 11.02
N VAL D 324 34.85 -30.67 10.22
CA VAL D 324 33.52 -30.09 10.16
C VAL D 324 32.64 -30.48 11.36
N GLY D 325 32.04 -29.49 12.02
CA GLY D 325 31.17 -29.73 13.18
C GLY D 325 30.33 -28.52 13.57
N ARG D 326 29.56 -28.64 14.66
CA ARG D 326 28.60 -27.60 15.02
C ARG D 326 28.69 -27.13 16.47
N THR D 327 28.12 -25.95 16.74
CA THR D 327 27.98 -25.38 18.08
C THR D 327 26.52 -25.05 18.44
N ALA D 328 26.00 -25.71 19.46
CA ALA D 328 24.60 -25.56 19.88
C ALA D 328 24.24 -24.18 20.44
N PRO D 329 22.95 -23.79 20.29
CA PRO D 329 22.36 -22.50 20.67
C PRO D 329 22.61 -22.10 22.13
N PRO D 330 22.73 -20.79 22.43
CA PRO D 330 23.00 -20.44 23.81
C PRO D 330 21.78 -20.76 24.70
N GLY D 331 20.60 -20.26 24.33
CA GLY D 331 19.40 -20.63 25.04
C GLY D 331 18.20 -20.72 24.13
N TRP D 332 17.53 -19.58 23.95
CA TRP D 332 16.22 -19.53 23.28
C TRP D 332 16.15 -19.50 21.74
N THR D 333 17.27 -19.30 21.08
CA THR D 333 17.27 -19.11 19.62
C THR D 333 17.84 -20.34 18.91
N PRO D 334 17.57 -20.48 17.58
CA PRO D 334 18.08 -21.62 16.81
C PRO D 334 19.46 -21.33 16.21
N HIS D 335 20.14 -20.34 16.78
CA HIS D 335 21.41 -19.87 16.26
C HIS D 335 22.60 -20.69 16.74
N GLY D 336 23.48 -20.98 15.79
CA GLY D 336 24.65 -21.78 16.04
C GLY D 336 25.73 -21.50 15.01
N VAL D 337 26.81 -22.28 15.07
CA VAL D 337 27.88 -22.17 14.09
C VAL D 337 28.23 -23.53 13.56
N VAL D 338 28.40 -23.63 12.25
CA VAL D 338 29.03 -24.81 11.68
C VAL D 338 30.41 -24.38 11.20
N SER D 339 31.45 -25.14 11.59
CA SER D 339 32.82 -24.73 11.27
C SER D 339 33.67 -25.85 10.72
N GLY D 340 34.68 -25.47 9.95
CA GLY D 340 35.62 -26.41 9.37
C GLY D 340 37.01 -25.81 9.18
N SER D 341 37.98 -26.67 8.90
CA SER D 341 39.37 -26.23 8.67
C SER D 341 39.89 -26.53 7.27
N ARG D 342 40.77 -25.64 6.81
CA ARG D 342 41.57 -25.93 5.64
C ARG D 342 42.88 -26.57 6.10
N PRO D 343 43.23 -27.73 5.53
CA PRO D 343 44.45 -28.45 5.90
C PRO D 343 45.73 -27.68 5.51
N ARG D 344 46.83 -27.86 6.24
CA ARG D 344 48.09 -27.20 5.88
C ARG D 344 48.96 -28.17 5.07
#